data_2KGY
#
_entry.id   2KGY
#
_entity_poly.entity_id   1
_entity_poly.type   'polypeptide(L)'
_entity_poly.pdbx_seq_one_letter_code
;MKYYHHHHHHDYDIPTTENLYFQGAMAFDGEDEVTGPDADRARAAAVQAVPGGTAGEVETETGEGAAAYGVLVTRPDGTR
VEVHLDRDFRVLDTEPADGDGG
;
_entity_poly.pdbx_strand_id   A
#
# COMPACT_ATOMS: atom_id res chain seq x y z
N ASP A 11 -7.97 -0.84 -2.20
CA ASP A 11 -9.30 -0.68 -2.75
C ASP A 11 -9.35 -1.07 -4.23
N TYR A 12 -8.24 -0.80 -4.93
CA TYR A 12 -8.15 -1.13 -6.34
C TYR A 12 -8.15 -2.63 -6.57
N ASP A 13 -7.41 -3.34 -5.72
CA ASP A 13 -7.32 -4.80 -5.82
C ASP A 13 -8.68 -5.44 -5.61
N ILE A 14 -8.68 -6.73 -5.30
CA ILE A 14 -9.92 -7.47 -5.07
C ILE A 14 -10.37 -7.35 -3.63
N PRO A 15 -11.64 -6.98 -3.43
CA PRO A 15 -12.24 -6.83 -2.10
C PRO A 15 -12.41 -8.16 -1.38
N THR A 16 -12.00 -9.24 -2.04
CA THR A 16 -12.11 -10.57 -1.47
C THR A 16 -10.74 -11.13 -1.10
N THR A 17 -9.79 -10.24 -0.85
CA THR A 17 -8.44 -10.64 -0.50
C THR A 17 -8.36 -11.05 0.97
N GLU A 18 -7.14 -11.20 1.48
CA GLU A 18 -6.93 -11.58 2.87
C GLU A 18 -7.23 -10.42 3.81
N ASN A 19 -6.18 -9.75 4.26
CA ASN A 19 -6.32 -8.62 5.16
C ASN A 19 -6.24 -7.30 4.41
N LEU A 20 -6.21 -7.38 3.08
CA LEU A 20 -6.13 -6.20 2.24
C LEU A 20 -7.43 -5.39 2.31
N TYR A 21 -8.47 -6.00 2.86
CA TYR A 21 -9.76 -5.34 2.98
C TYR A 21 -9.90 -4.68 4.35
N PHE A 22 -8.85 -4.79 5.16
CA PHE A 22 -8.87 -4.20 6.50
C PHE A 22 -8.14 -2.85 6.51
N GLN A 23 -7.03 -2.79 5.78
CA GLN A 23 -6.24 -1.56 5.69
C GLN A 23 -7.01 -0.47 4.96
N GLY A 24 -7.64 -0.84 3.85
CA GLY A 24 -8.40 0.11 3.07
C GLY A 24 -9.25 1.03 3.93
N ALA A 25 -9.70 0.50 5.07
CA ALA A 25 -10.53 1.27 5.99
C ALA A 25 -9.87 2.60 6.35
N MET A 26 -8.66 2.54 6.87
CA MET A 26 -7.93 3.74 7.24
C MET A 26 -7.44 4.50 6.01
N ALA A 27 -7.67 3.90 4.84
CA ALA A 27 -7.27 4.53 3.58
C ALA A 27 -8.18 5.69 3.22
N PHE A 28 -9.42 5.65 3.74
CA PHE A 28 -10.39 6.70 3.47
C PHE A 28 -9.93 8.04 4.03
N ASP A 29 -8.86 8.00 4.82
CA ASP A 29 -8.31 9.20 5.43
C ASP A 29 -7.59 10.05 4.39
N GLY A 30 -6.36 9.64 4.05
CA GLY A 30 -5.59 10.38 3.07
C GLY A 30 -4.83 9.47 2.14
N GLU A 31 -5.14 8.18 2.18
CA GLU A 31 -4.48 7.20 1.33
C GLU A 31 -4.70 7.52 -0.14
N ASP A 32 -3.71 8.15 -0.77
CA ASP A 32 -3.80 8.51 -2.17
C ASP A 32 -3.24 7.40 -3.06
N GLU A 33 -2.96 7.73 -4.32
CA GLU A 33 -2.43 6.76 -5.27
C GLU A 33 -0.94 6.96 -5.46
N VAL A 34 -0.16 5.92 -5.21
CA VAL A 34 1.29 5.98 -5.36
C VAL A 34 1.71 5.71 -6.80
N THR A 35 2.71 4.85 -6.97
CA THR A 35 3.19 4.51 -8.30
C THR A 35 3.42 3.01 -8.43
N GLY A 36 4.29 2.47 -7.57
CA GLY A 36 4.58 1.05 -7.61
C GLY A 36 5.64 0.65 -6.60
N PRO A 37 6.88 1.10 -6.85
CA PRO A 37 8.01 0.79 -5.96
C PRO A 37 7.92 1.51 -4.63
N ASP A 38 8.80 1.15 -3.71
CA ASP A 38 8.81 1.76 -2.38
C ASP A 38 9.32 3.19 -2.44
N ALA A 39 10.10 3.49 -3.47
CA ALA A 39 10.65 4.83 -3.64
C ALA A 39 9.55 5.88 -3.65
N ASP A 40 8.47 5.57 -4.35
CA ASP A 40 7.33 6.50 -4.44
C ASP A 40 6.46 6.40 -3.20
N ARG A 41 6.23 5.17 -2.73
CA ARG A 41 5.41 4.95 -1.54
C ARG A 41 6.01 5.63 -0.32
N ALA A 42 7.34 5.61 -0.23
CA ALA A 42 8.04 6.23 0.88
C ALA A 42 7.89 7.75 0.86
N ARG A 43 7.84 8.31 -0.35
CA ARG A 43 7.70 9.75 -0.52
C ARG A 43 6.26 10.18 -0.31
N ALA A 44 5.32 9.38 -0.82
CA ALA A 44 3.90 9.69 -0.68
C ALA A 44 3.38 9.29 0.69
N ALA A 45 3.48 8.00 1.01
CA ALA A 45 3.02 7.50 2.30
C ALA A 45 3.62 8.28 3.45
N ALA A 46 4.76 8.91 3.19
CA ALA A 46 5.45 9.71 4.20
C ALA A 46 4.55 10.80 4.75
N VAL A 47 4.39 11.88 3.98
CA VAL A 47 3.54 13.00 4.39
C VAL A 47 2.32 13.11 3.49
N GLN A 48 2.36 12.43 2.36
CA GLN A 48 1.25 12.46 1.41
C GLN A 48 0.09 11.61 1.91
N ALA A 49 0.40 10.53 2.61
CA ALA A 49 -0.62 9.63 3.13
C ALA A 49 -0.75 9.78 4.65
N VAL A 50 0.10 10.62 5.23
CA VAL A 50 0.08 10.85 6.67
C VAL A 50 -0.75 12.06 7.02
N PRO A 51 -1.24 12.77 6.00
CA PRO A 51 -2.07 13.97 6.18
C PRO A 51 -3.44 13.64 6.73
N GLY A 52 -3.93 12.43 6.45
CA GLY A 52 -5.24 12.02 6.93
C GLY A 52 -5.20 11.58 8.39
N GLY A 53 -4.33 10.62 8.69
CA GLY A 53 -4.22 10.13 10.05
C GLY A 53 -2.96 9.32 10.27
N THR A 54 -2.52 8.61 9.23
CA THR A 54 -1.32 7.79 9.32
C THR A 54 -0.55 7.79 8.00
N ALA A 55 0.76 7.65 8.09
CA ALA A 55 1.61 7.63 6.90
C ALA A 55 1.43 6.33 6.12
N GLY A 56 0.32 6.22 5.40
CA GLY A 56 0.05 5.02 4.62
C GLY A 56 -0.76 5.31 3.37
N GLU A 57 -0.11 5.21 2.21
CA GLU A 57 -0.79 5.46 0.94
C GLU A 57 -1.12 4.16 0.23
N VAL A 58 -1.52 4.26 -1.03
CA VAL A 58 -1.86 3.09 -1.82
C VAL A 58 -1.21 3.14 -3.20
N GLU A 59 -0.35 2.15 -3.48
CA GLU A 59 0.35 2.10 -4.76
C GLU A 59 -0.38 1.15 -5.72
N THR A 60 -0.13 1.34 -7.01
CA THR A 60 -0.76 0.51 -8.04
C THR A 60 0.25 0.12 -9.12
N GLU A 61 0.60 -1.17 -9.15
CA GLU A 61 1.54 -1.68 -10.13
C GLU A 61 0.94 -2.83 -10.93
N THR A 62 1.59 -3.19 -12.03
CA THR A 62 1.12 -4.27 -12.88
C THR A 62 2.17 -5.38 -13.00
N GLY A 63 1.81 -6.57 -12.54
CA GLY A 63 2.73 -7.69 -12.60
C GLY A 63 2.28 -8.76 -13.58
N GLU A 64 2.53 -10.02 -13.23
CA GLU A 64 2.15 -11.14 -14.09
C GLU A 64 0.72 -11.58 -13.79
N GLY A 65 0.19 -11.13 -12.67
CA GLY A 65 -1.17 -11.48 -12.29
C GLY A 65 -2.21 -10.54 -12.87
N ALA A 66 -2.98 -9.90 -11.99
CA ALA A 66 -4.01 -8.96 -12.43
C ALA A 66 -3.78 -7.58 -11.82
N ALA A 67 -4.11 -7.44 -10.54
CA ALA A 67 -3.94 -6.16 -9.85
C ALA A 67 -2.71 -6.19 -8.95
N ALA A 68 -1.56 -5.86 -9.53
CA ALA A 68 -0.31 -5.85 -8.78
C ALA A 68 -0.13 -4.53 -8.04
N TYR A 69 -1.04 -4.26 -7.10
CA TYR A 69 -0.99 -3.03 -6.32
C TYR A 69 -0.59 -3.33 -4.87
N GLY A 70 -0.40 -2.26 -4.10
CA GLY A 70 -0.01 -2.42 -2.71
C GLY A 70 -0.44 -1.25 -1.85
N VAL A 71 -0.56 -1.49 -0.54
CA VAL A 71 -0.96 -0.43 0.39
C VAL A 71 -0.05 -0.40 1.61
N LEU A 72 0.68 0.70 1.75
CA LEU A 72 1.61 0.86 2.88
C LEU A 72 1.06 1.88 3.88
N VAL A 73 1.16 1.53 5.16
CA VAL A 73 0.69 2.42 6.23
C VAL A 73 1.47 2.21 7.51
N THR A 74 2.05 3.29 8.03
CA THR A 74 2.83 3.22 9.25
C THR A 74 3.13 4.61 9.80
N ARG A 75 4.40 4.86 10.12
CA ARG A 75 4.82 6.15 10.64
C ARG A 75 5.52 6.97 9.56
N PRO A 76 5.22 8.28 9.54
CA PRO A 76 5.82 9.20 8.56
C PRO A 76 7.30 9.44 8.82
N ASP A 77 7.90 8.57 9.61
CA ASP A 77 9.32 8.68 9.94
C ASP A 77 10.17 7.83 9.00
N GLY A 78 9.56 7.37 7.91
CA GLY A 78 10.27 6.54 6.96
C GLY A 78 9.81 5.09 6.99
N THR A 79 9.05 4.74 8.02
CA THR A 79 8.54 3.38 8.16
C THR A 79 7.14 3.24 7.59
N ARG A 80 6.94 2.22 6.76
CA ARG A 80 5.63 1.99 6.15
C ARG A 80 5.34 0.49 6.06
N VAL A 81 4.06 0.15 5.94
CA VAL A 81 3.65 -1.24 5.84
C VAL A 81 2.97 -1.52 4.51
N GLU A 82 3.76 -1.72 3.47
CA GLU A 82 3.23 -1.99 2.14
C GLU A 82 2.72 -3.42 2.05
N VAL A 83 1.44 -3.56 1.71
CA VAL A 83 0.83 -4.88 1.58
C VAL A 83 0.65 -5.26 0.12
N HIS A 84 0.91 -6.54 -0.19
CA HIS A 84 0.78 -7.04 -1.55
C HIS A 84 -0.65 -7.48 -1.83
N LEU A 85 -1.30 -6.83 -2.79
CA LEU A 85 -2.66 -7.16 -3.16
C LEU A 85 -2.79 -7.40 -4.66
N ASP A 86 -2.93 -8.65 -5.05
CA ASP A 86 -3.06 -9.01 -6.46
C ASP A 86 -4.10 -10.11 -6.65
N ARG A 87 -5.00 -9.91 -7.61
CA ARG A 87 -6.04 -10.88 -7.89
C ARG A 87 -5.44 -12.22 -8.32
N ASP A 88 -4.12 -12.31 -8.27
CA ASP A 88 -3.41 -13.52 -8.65
C ASP A 88 -3.72 -14.66 -7.68
N PHE A 89 -4.48 -14.35 -6.64
CA PHE A 89 -4.84 -15.34 -5.63
C PHE A 89 -3.62 -15.78 -4.84
N ARG A 90 -2.52 -15.04 -4.99
CA ARG A 90 -1.28 -15.35 -4.28
C ARG A 90 -0.64 -14.07 -3.73
N VAL A 91 -1.30 -12.94 -3.94
CA VAL A 91 -0.79 -11.67 -3.48
C VAL A 91 -1.72 -11.05 -2.44
N LEU A 92 -1.75 -11.64 -1.25
CA LEU A 92 -2.60 -11.15 -0.17
C LEU A 92 -1.79 -10.97 1.11
N ASP A 93 -0.47 -11.02 0.98
CA ASP A 93 0.41 -10.84 2.13
C ASP A 93 0.83 -9.39 2.29
N THR A 94 1.65 -9.12 3.29
CA THR A 94 2.12 -7.77 3.55
C THR A 94 3.65 -7.70 3.58
N GLU A 95 4.19 -6.49 3.54
CA GLU A 95 5.64 -6.31 3.55
C GLU A 95 6.01 -5.03 4.31
N PRO A 96 6.84 -5.17 5.34
CA PRO A 96 7.30 -4.05 6.16
C PRO A 96 8.24 -3.12 5.40
N ALA A 97 7.68 -2.04 4.85
CA ALA A 97 8.48 -1.07 4.10
C ALA A 97 9.49 -0.39 5.00
N ASP A 98 10.77 -0.67 4.77
CA ASP A 98 11.85 -0.09 5.55
C ASP A 98 12.31 1.23 4.94
N GLY A 99 11.54 1.73 3.98
CA GLY A 99 11.88 2.98 3.32
C GLY A 99 12.92 2.79 2.23
N ASP A 100 13.66 1.69 2.30
CA ASP A 100 14.69 1.41 1.30
C ASP A 100 14.16 0.43 0.25
N GLY A 101 13.36 -0.54 0.68
CA GLY A 101 12.81 -1.51 -0.23
C GLY A 101 13.79 -2.63 -0.55
N GLY A 102 14.72 -2.87 0.36
CA GLY A 102 15.69 -3.93 0.16
C GLY A 102 16.49 -3.74 -1.11
N ASP A 11 -8.28 -3.19 -2.18
CA ASP A 11 -9.52 -3.92 -2.42
C ASP A 11 -9.76 -4.12 -3.91
N TYR A 12 -8.91 -3.49 -4.73
CA TYR A 12 -9.04 -3.59 -6.18
C TYR A 12 -8.81 -5.03 -6.64
N ASP A 13 -7.93 -5.75 -5.94
CA ASP A 13 -7.62 -7.12 -6.28
C ASP A 13 -8.84 -8.02 -6.08
N ILE A 14 -8.67 -9.04 -5.25
CA ILE A 14 -9.76 -9.98 -4.97
C ILE A 14 -10.76 -9.38 -3.99
N PRO A 15 -12.04 -9.41 -4.37
CA PRO A 15 -13.13 -8.86 -3.55
C PRO A 15 -13.38 -9.71 -2.30
N THR A 16 -12.42 -10.57 -1.97
CA THR A 16 -12.54 -11.44 -0.81
C THR A 16 -11.17 -11.77 -0.23
N THR A 17 -10.27 -10.80 -0.24
CA THR A 17 -8.93 -10.98 0.29
C THR A 17 -8.94 -11.08 1.80
N GLU A 18 -7.78 -10.88 2.42
CA GLU A 18 -7.65 -10.95 3.87
C GLU A 18 -8.04 -9.62 4.51
N ASN A 19 -7.05 -8.94 5.08
CA ASN A 19 -7.28 -7.65 5.72
C ASN A 19 -7.20 -6.50 4.71
N LEU A 20 -7.14 -6.87 3.44
CA LEU A 20 -7.06 -5.87 2.37
C LEU A 20 -8.35 -5.06 2.29
N TYR A 21 -9.38 -5.52 2.97
CA TYR A 21 -10.67 -4.84 2.98
C TYR A 21 -10.55 -3.45 3.60
N PHE A 22 -9.42 -3.20 4.25
CA PHE A 22 -9.19 -1.92 4.90
C PHE A 22 -8.02 -1.18 4.24
N GLN A 23 -8.10 -1.03 2.92
CA GLN A 23 -7.06 -0.35 2.16
C GLN A 23 -6.86 1.08 2.67
N GLY A 24 -5.98 1.23 3.66
CA GLY A 24 -5.72 2.54 4.22
C GLY A 24 -6.98 3.35 4.44
N ALA A 25 -8.05 2.67 4.86
CA ALA A 25 -9.32 3.34 5.10
C ALA A 25 -9.19 4.43 6.16
N MET A 26 -8.22 4.26 7.05
CA MET A 26 -7.98 5.23 8.12
C MET A 26 -7.52 6.56 7.54
N ALA A 27 -7.21 6.58 6.25
CA ALA A 27 -6.76 7.79 5.58
C ALA A 27 -7.73 8.19 4.47
N PHE A 28 -8.96 8.49 4.84
CA PHE A 28 -9.98 8.90 3.89
C PHE A 28 -9.56 10.16 3.13
N ASP A 29 -8.43 10.73 3.55
CA ASP A 29 -7.91 11.93 2.91
C ASP A 29 -6.47 11.74 2.48
N GLY A 30 -5.70 10.98 3.27
CA GLY A 30 -4.31 10.73 2.95
C GLY A 30 -4.15 9.59 1.96
N GLU A 31 -5.16 8.75 1.86
CA GLU A 31 -5.12 7.60 0.94
C GLU A 31 -5.01 8.07 -0.50
N ASP A 32 -3.77 8.16 -1.00
CA ASP A 32 -3.53 8.59 -2.37
C ASP A 32 -2.99 7.44 -3.21
N GLU A 33 -2.74 7.72 -4.49
CA GLU A 33 -2.23 6.71 -5.40
C GLU A 33 -0.71 6.78 -5.50
N VAL A 34 -0.03 5.73 -5.06
CA VAL A 34 1.42 5.67 -5.10
C VAL A 34 1.93 5.43 -6.52
N THR A 35 2.90 4.54 -6.65
CA THR A 35 3.47 4.21 -7.95
C THR A 35 3.75 2.71 -8.06
N GLY A 36 4.60 2.20 -7.19
CA GLY A 36 4.93 0.79 -7.22
C GLY A 36 6.00 0.42 -6.20
N PRO A 37 7.19 1.03 -6.34
CA PRO A 37 8.32 0.78 -5.44
C PRO A 37 8.08 1.36 -4.04
N ASP A 38 8.89 0.92 -3.09
CA ASP A 38 8.77 1.39 -1.72
C ASP A 38 9.26 2.83 -1.59
N ALA A 39 10.13 3.24 -2.50
CA ALA A 39 10.67 4.60 -2.49
C ALA A 39 9.55 5.63 -2.61
N ASP A 40 8.52 5.30 -3.40
CA ASP A 40 7.39 6.20 -3.59
C ASP A 40 6.38 6.05 -2.46
N ARG A 41 6.21 4.82 -1.99
CA ARG A 41 5.27 4.53 -0.91
C ARG A 41 5.77 5.11 0.41
N ALA A 42 7.05 4.91 0.69
CA ALA A 42 7.66 5.41 1.91
C ALA A 42 7.74 6.94 1.91
N ARG A 43 7.97 7.51 0.73
CA ARG A 43 8.08 8.96 0.59
C ARG A 43 6.70 9.59 0.55
N ALA A 44 5.77 8.97 -0.17
CA ALA A 44 4.41 9.47 -0.31
C ALA A 44 3.61 9.21 0.98
N ALA A 45 3.44 7.95 1.32
CA ALA A 45 2.69 7.57 2.51
C ALA A 45 3.25 8.27 3.75
N ALA A 46 4.49 8.74 3.65
CA ALA A 46 5.14 9.43 4.75
C ALA A 46 4.36 10.68 5.15
N VAL A 47 4.35 11.68 4.27
CA VAL A 47 3.64 12.93 4.53
C VAL A 47 2.43 13.07 3.61
N GLN A 48 2.34 12.20 2.62
CA GLN A 48 1.23 12.23 1.68
C GLN A 48 0.01 11.49 2.23
N ALA A 49 0.27 10.37 2.91
CA ALA A 49 -0.80 9.58 3.51
C ALA A 49 -0.92 9.83 5.00
N VAL A 50 0.02 10.60 5.53
CA VAL A 50 0.02 10.92 6.96
C VAL A 50 -0.95 12.06 7.27
N PRO A 51 -1.22 12.90 6.26
CA PRO A 51 -2.13 14.04 6.39
C PRO A 51 -3.58 13.61 6.56
N GLY A 52 -3.82 12.31 6.40
CA GLY A 52 -5.17 11.79 6.54
C GLY A 52 -5.43 11.18 7.90
N GLY A 53 -4.36 10.80 8.58
CA GLY A 53 -4.49 10.20 9.90
C GLY A 53 -3.29 9.35 10.28
N THR A 54 -2.69 8.71 9.27
CA THR A 54 -1.53 7.85 9.50
C THR A 54 -0.68 7.73 8.24
N ALA A 55 0.57 7.30 8.41
CA ALA A 55 1.48 7.14 7.29
C ALA A 55 1.16 5.87 6.50
N GLY A 56 0.03 5.89 5.80
CA GLY A 56 -0.37 4.73 5.02
C GLY A 56 -1.07 5.13 3.74
N GLU A 57 -0.36 5.04 2.62
CA GLU A 57 -0.92 5.39 1.32
C GLU A 57 -1.40 4.15 0.58
N VAL A 58 -1.78 4.32 -0.68
CA VAL A 58 -2.25 3.21 -1.49
C VAL A 58 -1.59 3.22 -2.87
N GLU A 59 -0.90 2.13 -3.20
CA GLU A 59 -0.22 2.01 -4.47
C GLU A 59 -1.09 1.26 -5.49
N THR A 60 -0.92 1.60 -6.77
CA THR A 60 -1.69 0.96 -7.82
C THR A 60 -0.79 0.60 -9.00
N GLU A 61 -0.64 -0.70 -9.24
CA GLU A 61 0.19 -1.19 -10.34
C GLU A 61 -0.46 -2.38 -11.04
N THR A 62 -0.02 -2.65 -12.25
CA THR A 62 -0.57 -3.76 -13.04
C THR A 62 0.53 -4.74 -13.46
N GLY A 63 0.41 -5.98 -13.02
CA GLY A 63 1.41 -6.99 -13.37
C GLY A 63 0.98 -7.84 -14.54
N GLU A 64 1.59 -9.02 -14.67
CA GLU A 64 1.26 -9.93 -15.75
C GLU A 64 0.03 -10.77 -15.42
N GLY A 65 -0.24 -10.92 -14.13
CA GLY A 65 -1.39 -11.69 -13.69
C GLY A 65 -2.69 -10.92 -13.81
N ALA A 66 -3.30 -10.60 -12.66
CA ALA A 66 -4.54 -9.86 -12.65
C ALA A 66 -4.36 -8.48 -12.01
N ALA A 67 -4.12 -8.47 -10.71
CA ALA A 67 -3.92 -7.22 -9.98
C ALA A 67 -2.48 -7.08 -9.52
N ALA A 68 -2.06 -5.84 -9.28
CA ALA A 68 -0.70 -5.55 -8.85
C ALA A 68 -0.63 -4.24 -8.07
N TYR A 69 -1.34 -4.18 -6.95
CA TYR A 69 -1.36 -2.98 -6.13
C TYR A 69 -0.70 -3.24 -4.78
N GLY A 70 -0.55 -2.18 -3.99
CA GLY A 70 0.07 -2.31 -2.68
C GLY A 70 -0.27 -1.15 -1.76
N VAL A 71 -0.95 -1.46 -0.66
CA VAL A 71 -1.33 -0.43 0.30
C VAL A 71 -0.51 -0.55 1.59
N LEU A 72 0.18 0.53 1.93
CA LEU A 72 1.00 0.55 3.13
C LEU A 72 0.42 1.51 4.18
N VAL A 73 0.55 1.13 5.45
CA VAL A 73 0.03 1.95 6.54
C VAL A 73 0.89 1.80 7.79
N THR A 74 1.51 2.90 8.20
CA THR A 74 2.37 2.89 9.39
C THR A 74 2.84 4.30 9.74
N ARG A 75 4.12 4.43 10.05
CA ARG A 75 4.69 5.72 10.40
C ARG A 75 5.58 6.25 9.28
N PRO A 76 5.65 7.58 9.16
CA PRO A 76 6.46 8.24 8.12
C PRO A 76 7.95 8.10 8.39
N ASP A 77 8.31 7.32 9.41
CA ASP A 77 9.70 7.09 9.76
C ASP A 77 10.32 6.04 8.86
N GLY A 78 9.80 5.91 7.65
CA GLY A 78 10.31 4.93 6.71
C GLY A 78 9.86 3.52 7.03
N THR A 79 9.26 3.36 8.21
CA THR A 79 8.77 2.04 8.63
C THR A 79 7.28 1.91 8.39
N ARG A 80 6.92 1.20 7.33
CA ARG A 80 5.52 0.99 6.98
C ARG A 80 5.30 -0.43 6.47
N VAL A 81 4.03 -0.85 6.46
CA VAL A 81 3.68 -2.19 6.00
C VAL A 81 2.86 -2.13 4.71
N GLU A 82 3.53 -2.35 3.58
CA GLU A 82 2.86 -2.32 2.29
C GLU A 82 2.31 -3.70 1.92
N VAL A 83 0.99 -3.78 1.78
CA VAL A 83 0.34 -5.03 1.42
C VAL A 83 0.04 -5.10 -0.06
N HIS A 84 0.74 -5.99 -0.76
CA HIS A 84 0.54 -6.16 -2.20
C HIS A 84 -0.71 -6.98 -2.49
N LEU A 85 -1.62 -6.40 -3.27
CA LEU A 85 -2.87 -7.08 -3.61
C LEU A 85 -2.84 -7.54 -5.07
N ASP A 86 -2.49 -8.80 -5.28
CA ASP A 86 -2.43 -9.37 -6.63
C ASP A 86 -3.18 -10.69 -6.70
N ARG A 87 -4.21 -10.73 -7.54
CA ARG A 87 -5.02 -11.94 -7.70
C ARG A 87 -4.19 -13.07 -8.31
N ASP A 88 -2.97 -12.74 -8.72
CA ASP A 88 -2.08 -13.73 -9.31
C ASP A 88 -1.34 -14.53 -8.24
N PHE A 89 -1.99 -14.70 -7.10
CA PHE A 89 -1.40 -15.45 -5.99
C PHE A 89 -0.78 -14.49 -4.96
N ARG A 90 -0.36 -13.32 -5.44
CA ARG A 90 0.24 -12.32 -4.56
C ARG A 90 -0.81 -11.36 -4.02
N VAL A 91 -1.98 -11.90 -3.71
CA VAL A 91 -3.08 -11.08 -3.18
C VAL A 91 -2.69 -10.42 -1.87
N LEU A 92 -1.98 -11.16 -1.02
CA LEU A 92 -1.55 -10.65 0.27
C LEU A 92 -0.03 -10.60 0.36
N ASP A 93 0.62 -10.39 -0.79
CA ASP A 93 2.07 -10.31 -0.85
C ASP A 93 2.57 -9.01 -0.24
N THR A 94 2.44 -8.88 1.07
CA THR A 94 2.88 -7.68 1.76
C THR A 94 4.38 -7.68 1.98
N GLU A 95 4.94 -6.50 2.24
CA GLU A 95 6.37 -6.37 2.46
C GLU A 95 6.67 -5.29 3.50
N PRO A 96 7.46 -5.64 4.51
CA PRO A 96 7.84 -4.72 5.59
C PRO A 96 8.79 -3.63 5.10
N ALA A 97 8.21 -2.48 4.76
CA ALA A 97 9.01 -1.35 4.28
C ALA A 97 9.93 -0.83 5.38
N ASP A 98 11.23 -1.04 5.21
CA ASP A 98 12.21 -0.58 6.18
C ASP A 98 12.98 0.63 5.66
N GLY A 99 12.41 1.30 4.66
CA GLY A 99 13.05 2.46 4.09
C GLY A 99 14.04 2.11 2.99
N ASP A 100 14.48 0.85 2.98
CA ASP A 100 15.43 0.38 1.98
C ASP A 100 14.71 -0.27 0.80
N GLY A 101 13.73 -1.11 1.12
CA GLY A 101 12.98 -1.78 0.07
C GLY A 101 13.69 -3.01 -0.46
N GLY A 102 14.58 -3.57 0.37
CA GLY A 102 15.32 -4.75 -0.04
C GLY A 102 16.76 -4.44 -0.42
N ASP A 11 -7.86 0.31 -4.63
CA ASP A 11 -6.75 -0.06 -3.74
C ASP A 11 -6.69 -1.57 -3.56
N TYR A 12 -7.69 -2.26 -4.07
CA TYR A 12 -7.76 -3.71 -3.95
C TYR A 12 -7.62 -4.38 -5.32
N ASP A 13 -7.67 -5.71 -5.33
CA ASP A 13 -7.55 -6.47 -6.57
C ASP A 13 -8.81 -7.27 -6.84
N ILE A 14 -9.30 -7.96 -5.82
CA ILE A 14 -10.51 -8.76 -5.94
C ILE A 14 -11.47 -8.52 -4.78
N PRO A 15 -12.72 -8.97 -4.94
CA PRO A 15 -13.75 -8.81 -3.90
C PRO A 15 -13.48 -9.69 -2.68
N THR A 16 -12.43 -10.49 -2.76
CA THR A 16 -12.07 -11.38 -1.65
C THR A 16 -10.59 -11.22 -1.28
N THR A 17 -10.27 -10.13 -0.61
CA THR A 17 -8.90 -9.86 -0.21
C THR A 17 -8.65 -10.29 1.23
N GLU A 18 -7.55 -9.84 1.81
CA GLU A 18 -7.21 -10.18 3.18
C GLU A 18 -6.85 -8.93 3.98
N ASN A 19 -5.56 -8.60 4.02
CA ASN A 19 -5.09 -7.43 4.75
C ASN A 19 -5.48 -6.15 4.03
N LEU A 20 -6.29 -6.29 2.98
CA LEU A 20 -6.73 -5.14 2.20
C LEU A 20 -7.97 -4.50 2.84
N TYR A 21 -8.84 -5.33 3.38
CA TYR A 21 -10.06 -4.85 4.02
C TYR A 21 -9.79 -4.42 5.45
N PHE A 22 -8.52 -4.47 5.85
CA PHE A 22 -8.13 -4.09 7.20
C PHE A 22 -7.54 -2.69 7.21
N GLN A 23 -6.55 -2.45 6.35
CA GLN A 23 -5.90 -1.15 6.27
C GLN A 23 -6.76 -0.16 5.49
N GLY A 24 -7.51 -0.67 4.52
CA GLY A 24 -8.36 0.17 3.72
C GLY A 24 -9.11 1.20 4.55
N ALA A 25 -9.61 0.79 5.71
CA ALA A 25 -10.34 1.68 6.59
C ALA A 25 -9.53 2.94 6.88
N MET A 26 -8.35 2.77 7.48
CA MET A 26 -7.49 3.90 7.81
C MET A 26 -6.91 4.53 6.55
N ALA A 27 -7.14 3.87 5.41
CA ALA A 27 -6.64 4.37 4.13
C ALA A 27 -7.65 5.30 3.47
N PHE A 28 -8.93 5.04 3.69
CA PHE A 28 -9.99 5.84 3.13
C PHE A 28 -10.13 7.16 3.88
N ASP A 29 -9.01 7.82 4.13
CA ASP A 29 -9.00 9.09 4.83
C ASP A 29 -8.12 10.11 4.12
N GLY A 30 -6.81 9.95 4.23
CA GLY A 30 -5.88 10.86 3.59
C GLY A 30 -4.84 10.14 2.76
N GLU A 31 -5.10 8.87 2.46
CA GLU A 31 -4.16 8.07 1.67
C GLU A 31 -3.84 8.75 0.35
N ASP A 32 -2.83 8.25 -0.34
CA ASP A 32 -2.41 8.81 -1.62
C ASP A 32 -2.27 7.71 -2.68
N GLU A 33 -1.62 8.05 -3.78
CA GLU A 33 -1.41 7.09 -4.87
C GLU A 33 0.05 7.06 -5.29
N VAL A 34 0.67 5.88 -5.17
CA VAL A 34 2.07 5.71 -5.53
C VAL A 34 2.25 5.73 -7.05
N THR A 35 3.48 5.94 -7.49
CA THR A 35 3.79 5.97 -8.91
C THR A 35 4.20 4.60 -9.42
N GLY A 36 5.12 3.95 -8.71
CA GLY A 36 5.57 2.63 -9.11
C GLY A 36 6.57 2.04 -8.14
N PRO A 37 7.74 2.69 -8.02
CA PRO A 37 8.81 2.23 -7.11
C PRO A 37 8.44 2.43 -5.65
N ASP A 38 8.97 1.57 -4.79
CA ASP A 38 8.70 1.65 -3.35
C ASP A 38 9.13 3.00 -2.80
N ALA A 39 10.17 3.58 -3.39
CA ALA A 39 10.69 4.87 -2.96
C ALA A 39 9.59 5.94 -2.98
N ASP A 40 8.63 5.76 -3.87
CA ASP A 40 7.52 6.70 -3.99
C ASP A 40 6.48 6.47 -2.90
N ARG A 41 6.37 5.22 -2.46
CA ARG A 41 5.41 4.86 -1.41
C ARG A 41 5.82 5.47 -0.07
N ALA A 42 7.11 5.39 0.24
CA ALA A 42 7.62 5.94 1.49
C ALA A 42 7.68 7.46 1.44
N ARG A 43 7.94 8.00 0.25
CA ARG A 43 8.02 9.44 0.07
C ARG A 43 6.64 10.08 0.04
N ALA A 44 5.71 9.41 -0.65
CA ALA A 44 4.34 9.91 -0.76
C ALA A 44 3.55 9.62 0.51
N ALA A 45 3.38 8.34 0.82
CA ALA A 45 2.65 7.92 2.01
C ALA A 45 3.16 8.65 3.25
N ALA A 46 4.40 9.14 3.17
CA ALA A 46 5.01 9.84 4.29
C ALA A 46 4.12 10.98 4.77
N VAL A 47 3.96 12.00 3.92
CA VAL A 47 3.13 13.15 4.25
C VAL A 47 1.87 13.19 3.41
N GLN A 48 1.88 12.44 2.30
CA GLN A 48 0.74 12.38 1.40
C GLN A 48 -0.35 11.46 1.95
N ALA A 49 0.06 10.46 2.72
CA ALA A 49 -0.87 9.51 3.30
C ALA A 49 -0.98 9.71 4.82
N VAL A 50 -0.09 10.52 5.37
CA VAL A 50 -0.09 10.80 6.80
C VAL A 50 -0.85 12.08 7.11
N PRO A 51 -1.39 12.73 6.07
CA PRO A 51 -2.15 13.97 6.21
C PRO A 51 -3.50 13.75 6.88
N GLY A 52 -4.03 12.55 6.73
CA GLY A 52 -5.32 12.22 7.34
C GLY A 52 -5.18 11.75 8.77
N GLY A 53 -4.32 10.77 8.99
CA GLY A 53 -4.12 10.24 10.33
C GLY A 53 -2.88 9.38 10.43
N THR A 54 -2.59 8.64 9.37
CA THR A 54 -1.43 7.76 9.34
C THR A 54 -0.78 7.74 7.96
N ALA A 55 0.54 7.59 7.94
CA ALA A 55 1.28 7.55 6.69
C ALA A 55 1.06 6.22 5.96
N GLY A 56 -0.05 6.12 5.24
CA GLY A 56 -0.36 4.91 4.51
C GLY A 56 -1.09 5.19 3.21
N GLU A 57 -0.34 5.21 2.11
CA GLU A 57 -0.93 5.47 0.81
C GLU A 57 -1.14 4.16 0.04
N VAL A 58 -1.66 4.27 -1.18
CA VAL A 58 -1.92 3.10 -2.01
C VAL A 58 -1.05 3.11 -3.26
N GLU A 59 -0.53 1.94 -3.62
CA GLU A 59 0.32 1.81 -4.80
C GLU A 59 -0.42 1.12 -5.94
N THR A 60 0.02 1.37 -7.16
CA THR A 60 -0.60 0.77 -8.34
C THR A 60 0.44 0.12 -9.24
N GLU A 61 0.43 -1.21 -9.30
CA GLU A 61 1.37 -1.94 -10.12
C GLU A 61 0.66 -3.08 -10.88
N THR A 62 1.30 -3.56 -11.94
CA THR A 62 0.74 -4.63 -12.75
C THR A 62 1.78 -5.72 -13.01
N GLY A 63 1.80 -6.74 -12.17
CA GLY A 63 2.75 -7.82 -12.33
C GLY A 63 2.30 -8.84 -13.35
N GLU A 64 2.51 -10.12 -13.06
CA GLU A 64 2.12 -11.19 -13.97
C GLU A 64 0.69 -11.62 -13.71
N GLY A 65 0.05 -10.99 -12.73
CA GLY A 65 -1.32 -11.32 -12.39
C GLY A 65 -2.32 -10.34 -12.98
N ALA A 66 -3.13 -9.74 -12.11
CA ALA A 66 -4.13 -8.77 -12.55
C ALA A 66 -3.94 -7.43 -11.85
N ALA A 67 -4.45 -7.32 -10.64
CA ALA A 67 -4.33 -6.08 -9.88
C ALA A 67 -3.23 -6.18 -8.83
N ALA A 68 -2.02 -5.80 -9.23
CA ALA A 68 -0.87 -5.85 -8.33
C ALA A 68 -0.60 -4.49 -7.70
N TYR A 69 -1.37 -4.16 -6.67
CA TYR A 69 -1.23 -2.89 -5.98
C TYR A 69 -0.59 -3.08 -4.61
N GLY A 70 -0.09 -1.99 -4.04
CA GLY A 70 0.56 -2.05 -2.74
C GLY A 70 0.16 -0.90 -1.84
N VAL A 71 -0.67 -1.19 -0.84
CA VAL A 71 -1.12 -0.16 0.10
C VAL A 71 -0.39 -0.27 1.43
N LEU A 72 0.46 0.73 1.71
CA LEU A 72 1.23 0.75 2.94
C LEU A 72 0.63 1.74 3.93
N VAL A 73 0.78 1.45 5.22
CA VAL A 73 0.26 2.31 6.27
C VAL A 73 1.11 2.22 7.54
N THR A 74 1.76 3.33 7.90
CA THR A 74 2.60 3.37 9.08
C THR A 74 3.09 4.79 9.35
N ARG A 75 4.37 4.91 9.69
CA ARG A 75 4.96 6.21 9.99
C ARG A 75 5.83 6.68 8.82
N PRO A 76 5.84 8.00 8.60
CA PRO A 76 6.64 8.61 7.53
C PRO A 76 8.14 8.54 7.78
N ASP A 77 8.51 7.81 8.84
CA ASP A 77 9.92 7.66 9.20
C ASP A 77 10.57 6.55 8.38
N GLY A 78 10.02 6.30 7.20
CA GLY A 78 10.57 5.26 6.33
C GLY A 78 10.05 3.88 6.70
N THR A 79 9.43 3.77 7.86
CA THR A 79 8.89 2.49 8.33
C THR A 79 7.41 2.38 8.01
N ARG A 80 7.07 1.61 6.97
CA ARG A 80 5.69 1.42 6.57
C ARG A 80 5.42 -0.03 6.19
N VAL A 81 4.15 -0.41 6.17
CA VAL A 81 3.76 -1.76 5.83
C VAL A 81 2.90 -1.79 4.57
N GLU A 82 3.54 -2.08 3.43
CA GLU A 82 2.83 -2.14 2.16
C GLU A 82 2.14 -3.49 1.98
N VAL A 83 0.84 -3.44 1.69
CA VAL A 83 0.06 -4.66 1.50
C VAL A 83 0.03 -5.06 0.03
N HIS A 84 0.59 -6.24 -0.26
CA HIS A 84 0.64 -6.75 -1.62
C HIS A 84 -0.67 -7.47 -1.98
N LEU A 85 -1.37 -6.94 -2.97
CA LEU A 85 -2.63 -7.53 -3.41
C LEU A 85 -2.59 -7.87 -4.90
N ASP A 86 -2.83 -9.14 -5.21
CA ASP A 86 -2.82 -9.58 -6.60
C ASP A 86 -4.05 -10.44 -6.90
N ARG A 87 -4.86 -9.99 -7.84
CA ARG A 87 -6.07 -10.70 -8.23
C ARG A 87 -5.73 -12.02 -8.93
N ASP A 88 -4.43 -12.28 -9.07
CA ASP A 88 -3.97 -13.50 -9.72
C ASP A 88 -4.34 -14.74 -8.90
N PHE A 89 -4.75 -14.51 -7.66
CA PHE A 89 -5.13 -15.60 -6.77
C PHE A 89 -5.62 -15.06 -5.42
N ARG A 90 -4.70 -14.93 -4.48
CA ARG A 90 -5.04 -14.43 -3.15
C ARG A 90 -3.85 -13.70 -2.52
N VAL A 91 -3.04 -13.08 -3.37
CA VAL A 91 -1.86 -12.35 -2.90
C VAL A 91 -2.26 -11.06 -2.19
N LEU A 92 -2.65 -11.18 -0.93
CA LEU A 92 -3.05 -10.03 -0.13
C LEU A 92 -2.16 -9.86 1.09
N ASP A 93 -0.98 -10.48 1.05
CA ASP A 93 -0.04 -10.40 2.15
C ASP A 93 0.80 -9.12 2.06
N THR A 94 1.00 -8.47 3.20
CA THR A 94 1.78 -7.24 3.24
C THR A 94 3.25 -7.52 3.53
N GLU A 95 4.10 -6.52 3.31
CA GLU A 95 5.53 -6.68 3.54
C GLU A 95 6.10 -5.42 4.20
N PRO A 96 7.31 -5.55 4.78
CA PRO A 96 7.99 -4.44 5.45
C PRO A 96 8.48 -3.39 4.46
N ALA A 97 7.65 -2.37 4.23
CA ALA A 97 8.01 -1.30 3.30
C ALA A 97 9.01 -0.34 3.93
N ASP A 98 10.24 -0.35 3.42
CA ASP A 98 11.29 0.52 3.94
C ASP A 98 11.84 1.41 2.84
N GLY A 99 11.60 2.72 2.96
CA GLY A 99 12.08 3.65 1.96
C GLY A 99 13.54 3.42 1.60
N ASP A 100 14.27 2.77 2.49
CA ASP A 100 15.68 2.48 2.27
C ASP A 100 15.87 1.10 1.64
N GLY A 101 14.90 0.21 1.86
CA GLY A 101 14.96 -1.12 1.32
C GLY A 101 15.43 -2.14 2.34
N GLY A 102 15.81 -1.67 3.51
CA GLY A 102 16.28 -2.56 4.56
C GLY A 102 17.77 -2.42 4.83
N ASP A 11 -8.07 -3.42 -2.26
CA ASP A 11 -9.26 -4.25 -2.39
C ASP A 11 -9.66 -4.40 -3.85
N TYR A 12 -8.99 -3.66 -4.73
CA TYR A 12 -9.28 -3.72 -6.16
C TYR A 12 -8.90 -5.08 -6.74
N ASP A 13 -8.08 -5.81 -6.01
CA ASP A 13 -7.64 -7.13 -6.45
C ASP A 13 -8.83 -8.06 -6.65
N ILE A 14 -9.09 -8.92 -5.67
CA ILE A 14 -10.21 -9.85 -5.75
C ILE A 14 -11.27 -9.54 -4.70
N PRO A 15 -12.47 -10.11 -4.89
CA PRO A 15 -13.59 -9.90 -3.97
C PRO A 15 -13.36 -10.58 -2.62
N THR A 16 -12.24 -11.29 -2.50
CA THR A 16 -11.91 -11.99 -1.27
C THR A 16 -10.41 -11.97 -1.01
N THR A 17 -9.90 -10.80 -0.62
CA THR A 17 -8.48 -10.64 -0.34
C THR A 17 -8.11 -11.28 0.99
N GLU A 18 -6.89 -11.00 1.46
CA GLU A 18 -6.42 -11.55 2.73
C GLU A 18 -6.15 -10.43 3.73
N ASN A 19 -4.88 -10.04 3.83
CA ASN A 19 -4.49 -8.98 4.76
C ASN A 19 -4.85 -7.61 4.21
N LEU A 20 -5.56 -7.59 3.08
CA LEU A 20 -5.98 -6.35 2.46
C LEU A 20 -7.22 -5.78 3.14
N TYR A 21 -7.72 -6.50 4.14
CA TYR A 21 -8.89 -6.07 4.89
C TYR A 21 -8.65 -4.72 5.56
N PHE A 22 -7.38 -4.32 5.62
CA PHE A 22 -7.01 -3.06 6.24
C PHE A 22 -6.55 -2.05 5.19
N GLN A 23 -7.34 -1.89 4.14
CA GLN A 23 -7.02 -0.97 3.06
C GLN A 23 -7.00 0.47 3.56
N GLY A 24 -5.89 0.87 4.16
CA GLY A 24 -5.77 2.22 4.68
C GLY A 24 -7.07 2.73 5.27
N ALA A 25 -7.73 1.89 6.05
CA ALA A 25 -9.00 2.26 6.68
C ALA A 25 -8.81 3.43 7.63
N MET A 26 -7.66 3.48 8.29
CA MET A 26 -7.36 4.56 9.23
C MET A 26 -7.15 5.88 8.49
N ALA A 27 -6.93 5.80 7.18
CA ALA A 27 -6.72 6.98 6.37
C ALA A 27 -7.81 7.12 5.30
N PHE A 28 -9.07 7.12 5.75
CA PHE A 28 -10.20 7.24 4.83
C PHE A 28 -10.33 8.66 4.32
N ASP A 29 -9.21 9.21 3.84
CA ASP A 29 -9.20 10.58 3.31
C ASP A 29 -7.78 11.00 2.95
N GLY A 30 -6.81 10.48 3.69
CA GLY A 30 -5.42 10.82 3.43
C GLY A 30 -4.70 9.75 2.62
N GLU A 31 -5.41 8.66 2.33
CA GLU A 31 -4.83 7.56 1.57
C GLU A 31 -4.75 7.90 0.09
N ASP A 32 -3.66 8.58 -0.30
CA ASP A 32 -3.47 8.97 -1.69
C ASP A 32 -2.96 7.79 -2.52
N GLU A 33 -2.49 8.08 -3.73
CA GLU A 33 -1.96 7.05 -4.62
C GLU A 33 -0.45 7.06 -4.62
N VAL A 34 0.14 5.98 -5.16
CA VAL A 34 1.59 5.87 -5.22
C VAL A 34 2.07 5.66 -6.65
N THR A 35 3.04 4.78 -6.84
CA THR A 35 3.58 4.50 -8.16
C THR A 35 3.82 3.00 -8.35
N GLY A 36 4.81 2.48 -7.64
CA GLY A 36 5.12 1.06 -7.74
C GLY A 36 6.21 0.63 -6.78
N PRO A 37 7.40 1.24 -6.91
CA PRO A 37 8.54 0.93 -6.04
C PRO A 37 8.34 1.42 -4.61
N ASP A 38 9.15 0.91 -3.69
CA ASP A 38 9.06 1.29 -2.29
C ASP A 38 9.58 2.71 -2.08
N ALA A 39 10.46 3.15 -2.97
CA ALA A 39 11.04 4.49 -2.88
C ALA A 39 9.96 5.55 -2.93
N ASP A 40 8.94 5.33 -3.76
CA ASP A 40 7.84 6.27 -3.91
C ASP A 40 6.83 6.09 -2.78
N ARG A 41 6.65 4.85 -2.35
CA ARG A 41 5.70 4.54 -1.28
C ARG A 41 6.24 5.00 0.06
N ALA A 42 7.50 4.72 0.33
CA ALA A 42 8.14 5.11 1.58
C ALA A 42 8.21 6.62 1.71
N ARG A 43 8.39 7.30 0.57
CA ARG A 43 8.48 8.75 0.56
C ARG A 43 7.10 9.38 0.56
N ALA A 44 6.20 8.83 -0.25
CA ALA A 44 4.84 9.35 -0.35
C ALA A 44 4.01 8.95 0.88
N ALA A 45 3.87 7.65 1.09
CA ALA A 45 3.11 7.14 2.23
C ALA A 45 3.58 7.77 3.54
N ALA A 46 4.82 8.26 3.53
CA ALA A 46 5.38 8.90 4.71
C ALA A 46 4.56 10.10 5.15
N VAL A 47 4.69 11.20 4.42
CA VAL A 47 3.95 12.41 4.73
C VAL A 47 2.85 12.66 3.71
N GLN A 48 2.99 12.07 2.53
CA GLN A 48 2.01 12.23 1.47
C GLN A 48 0.71 11.50 1.81
N ALA A 49 0.84 10.40 2.56
CA ALA A 49 -0.33 9.62 2.96
C ALA A 49 -0.62 9.80 4.45
N VAL A 50 0.19 10.61 5.12
CA VAL A 50 0.02 10.87 6.54
C VAL A 50 -0.69 12.21 6.77
N PRO A 51 -1.08 12.88 5.68
CA PRO A 51 -1.76 14.16 5.73
C PRO A 51 -3.18 14.05 6.28
N GLY A 52 -3.78 12.87 6.10
CA GLY A 52 -5.14 12.65 6.58
C GLY A 52 -5.17 12.27 8.05
N GLY A 53 -4.35 11.30 8.42
CA GLY A 53 -4.30 10.85 9.81
C GLY A 53 -3.19 9.85 10.06
N THR A 54 -2.88 9.04 9.05
CA THR A 54 -1.83 8.04 9.17
C THR A 54 -1.04 7.92 7.87
N ALA A 55 0.23 7.56 8.00
CA ALA A 55 1.10 7.41 6.84
C ALA A 55 0.79 6.12 6.09
N GLY A 56 -0.27 6.15 5.28
CA GLY A 56 -0.66 4.98 4.52
C GLY A 56 -1.24 5.34 3.16
N GLU A 57 -0.42 5.21 2.12
CA GLU A 57 -0.85 5.51 0.77
C GLU A 57 -1.34 4.26 0.04
N VAL A 58 -1.63 4.40 -1.24
CA VAL A 58 -2.09 3.29 -2.05
C VAL A 58 -1.38 3.24 -3.40
N GLU A 59 -0.63 2.17 -3.64
CA GLU A 59 0.10 2.01 -4.89
C GLU A 59 -0.71 1.18 -5.88
N THR A 60 -0.49 1.44 -7.17
CA THR A 60 -1.19 0.72 -8.22
C THR A 60 -0.25 0.33 -9.35
N GLU A 61 0.06 -0.96 -9.43
CA GLU A 61 0.97 -1.46 -10.47
C GLU A 61 0.35 -2.66 -11.19
N THR A 62 0.96 -3.04 -12.31
CA THR A 62 0.47 -4.16 -13.10
C THR A 62 1.55 -5.23 -13.25
N GLY A 63 1.25 -6.44 -12.78
CA GLY A 63 2.19 -7.53 -12.88
C GLY A 63 1.90 -8.46 -14.04
N GLU A 64 2.56 -9.61 -14.07
CA GLU A 64 2.37 -10.57 -15.14
C GLU A 64 0.92 -11.04 -15.20
N GLY A 65 0.22 -10.92 -14.07
CA GLY A 65 -1.16 -11.34 -14.01
C GLY A 65 -2.12 -10.22 -14.40
N ALA A 66 -2.98 -9.83 -13.47
CA ALA A 66 -3.95 -8.76 -13.73
C ALA A 66 -3.77 -7.62 -12.74
N ALA A 67 -4.13 -7.85 -11.48
CA ALA A 67 -4.01 -6.84 -10.44
C ALA A 67 -2.65 -6.91 -9.77
N ALA A 68 -2.04 -5.74 -9.57
CA ALA A 68 -0.72 -5.67 -8.93
C ALA A 68 -0.55 -4.35 -8.19
N TYR A 69 -1.38 -4.11 -7.19
CA TYR A 69 -1.32 -2.89 -6.41
C TYR A 69 -0.87 -3.17 -4.99
N GLY A 70 -0.43 -2.13 -4.29
CA GLY A 70 0.03 -2.28 -2.93
C GLY A 70 -0.31 -1.09 -2.06
N VAL A 71 -1.09 -1.31 -1.01
CA VAL A 71 -1.50 -0.25 -0.10
C VAL A 71 -0.70 -0.31 1.20
N LEU A 72 0.02 0.76 1.48
CA LEU A 72 0.84 0.83 2.70
C LEU A 72 0.16 1.73 3.74
N VAL A 73 0.28 1.33 5.01
CA VAL A 73 -0.31 2.10 6.10
C VAL A 73 0.48 1.92 7.39
N THR A 74 1.06 3.02 7.89
CA THR A 74 1.84 2.98 9.11
C THR A 74 2.16 4.39 9.60
N ARG A 75 3.40 4.60 10.04
CA ARG A 75 3.83 5.90 10.54
C ARG A 75 4.58 6.67 9.46
N PRO A 76 4.48 8.01 9.51
CA PRO A 76 5.15 8.89 8.55
C PRO A 76 6.67 8.89 8.72
N ASP A 77 7.17 8.02 9.60
CA ASP A 77 8.59 7.93 9.85
C ASP A 77 9.27 7.08 8.78
N GLY A 78 8.71 7.10 7.58
CA GLY A 78 9.28 6.34 6.47
C GLY A 78 9.00 4.86 6.61
N THR A 79 8.48 4.44 7.75
CA THR A 79 8.16 3.04 8.00
C THR A 79 6.69 2.76 7.76
N ARG A 80 6.39 2.04 6.69
CA ARG A 80 5.01 1.70 6.35
C ARG A 80 4.90 0.25 5.90
N VAL A 81 3.68 -0.29 5.95
CA VAL A 81 3.44 -1.67 5.53
C VAL A 81 2.63 -1.72 4.24
N GLU A 82 3.31 -1.98 3.13
CA GLU A 82 2.66 -2.05 1.83
C GLU A 82 2.05 -3.43 1.61
N VAL A 83 0.74 -3.47 1.36
CA VAL A 83 0.04 -4.73 1.13
C VAL A 83 -0.09 -5.02 -0.36
N HIS A 84 0.65 -6.02 -0.83
CA HIS A 84 0.61 -6.40 -2.23
C HIS A 84 -0.61 -7.25 -2.54
N LEU A 85 -1.44 -6.78 -3.46
CA LEU A 85 -2.67 -7.50 -3.83
C LEU A 85 -2.64 -7.84 -5.32
N ASP A 86 -2.65 -9.14 -5.62
CA ASP A 86 -2.63 -9.60 -7.00
C ASP A 86 -3.77 -10.60 -7.25
N ARG A 87 -4.72 -10.21 -8.09
CA ARG A 87 -5.85 -11.06 -8.41
C ARG A 87 -5.41 -12.27 -9.23
N ASP A 88 -4.11 -12.37 -9.48
CA ASP A 88 -3.56 -13.47 -10.24
C ASP A 88 -3.63 -14.77 -9.46
N PHE A 89 -3.92 -14.66 -8.16
CA PHE A 89 -4.02 -15.83 -7.30
C PHE A 89 -4.54 -15.44 -5.92
N ARG A 90 -3.61 -15.19 -4.99
CA ARG A 90 -3.97 -14.81 -3.64
C ARG A 90 -2.90 -13.92 -3.02
N VAL A 91 -2.23 -13.14 -3.86
CA VAL A 91 -1.18 -12.24 -3.40
C VAL A 91 -1.76 -10.99 -2.76
N LEU A 92 -2.24 -11.13 -1.52
CA LEU A 92 -2.83 -10.01 -0.80
C LEU A 92 -2.07 -9.73 0.49
N ASP A 93 -0.84 -10.24 0.57
CA ASP A 93 0.00 -10.05 1.75
C ASP A 93 0.67 -8.68 1.72
N THR A 94 1.25 -8.28 2.84
CA THR A 94 1.92 -7.00 2.95
C THR A 94 3.39 -7.17 3.34
N GLU A 95 4.16 -6.10 3.24
CA GLU A 95 5.57 -6.13 3.59
C GLU A 95 6.01 -4.83 4.26
N PRO A 96 6.32 -4.90 5.56
CA PRO A 96 6.75 -3.74 6.34
C PRO A 96 8.14 -3.26 5.94
N ALA A 97 8.19 -2.17 5.19
CA ALA A 97 9.46 -1.60 4.75
C ALA A 97 9.67 -0.22 5.33
N ASP A 98 10.79 0.41 4.97
CA ASP A 98 11.12 1.74 5.46
C ASP A 98 11.39 2.69 4.31
N GLY A 99 12.15 3.75 4.58
CA GLY A 99 12.48 4.73 3.56
C GLY A 99 13.34 4.14 2.46
N ASP A 100 13.91 2.98 2.72
CA ASP A 100 14.77 2.31 1.74
C ASP A 100 13.96 1.37 0.86
N GLY A 101 13.20 0.48 1.50
CA GLY A 101 12.39 -0.47 0.76
C GLY A 101 12.92 -1.88 0.82
N GLY A 102 13.60 -2.20 1.93
CA GLY A 102 14.16 -3.52 2.10
C GLY A 102 13.72 -4.17 3.39
N ASP A 11 -7.05 -4.13 -2.14
CA ASP A 11 -8.46 -4.42 -1.94
C ASP A 11 -9.21 -4.42 -3.27
N TYR A 12 -8.53 -3.98 -4.33
CA TYR A 12 -9.13 -3.94 -5.65
C TYR A 12 -9.41 -5.35 -6.18
N ASP A 13 -8.39 -6.20 -6.15
CA ASP A 13 -8.53 -7.57 -6.62
C ASP A 13 -9.62 -8.30 -5.84
N ILE A 14 -9.22 -9.07 -4.83
CA ILE A 14 -10.16 -9.81 -4.01
C ILE A 14 -10.42 -9.11 -2.68
N PRO A 15 -11.59 -8.48 -2.56
CA PRO A 15 -11.99 -7.77 -1.34
C PRO A 15 -12.26 -8.70 -0.18
N THR A 16 -11.70 -9.91 -0.25
CA THR A 16 -11.88 -10.91 0.80
C THR A 16 -10.54 -11.38 1.34
N THR A 17 -9.48 -10.61 1.07
CA THR A 17 -8.14 -10.97 1.53
C THR A 17 -7.98 -10.66 3.01
N GLU A 18 -6.72 -10.56 3.45
CA GLU A 18 -6.43 -10.28 4.85
C GLU A 18 -7.01 -8.92 5.26
N ASN A 19 -6.12 -7.95 5.48
CA ASN A 19 -6.55 -6.62 5.88
C ASN A 19 -6.62 -5.67 4.67
N LEU A 20 -6.53 -6.26 3.47
CA LEU A 20 -6.59 -5.48 2.25
C LEU A 20 -7.93 -4.76 2.12
N TYR A 21 -8.98 -5.41 2.60
CA TYR A 21 -10.33 -4.83 2.54
C TYR A 21 -10.59 -3.93 3.74
N PHE A 22 -9.54 -3.69 4.53
CA PHE A 22 -9.66 -2.85 5.72
C PHE A 22 -8.95 -1.52 5.52
N GLN A 23 -7.82 -1.55 4.82
CA GLN A 23 -7.05 -0.36 4.54
C GLN A 23 -7.79 0.58 3.61
N GLY A 24 -8.36 0.02 2.55
CA GLY A 24 -9.10 0.81 1.58
C GLY A 24 -10.02 1.81 2.25
N ALA A 25 -10.52 1.46 3.43
CA ALA A 25 -11.42 2.34 4.17
C ALA A 25 -10.78 3.70 4.42
N MET A 26 -9.80 3.73 5.33
CA MET A 26 -9.11 4.97 5.65
C MET A 26 -8.35 5.51 4.44
N ALA A 27 -8.38 4.76 3.36
CA ALA A 27 -7.70 5.15 2.13
C ALA A 27 -8.31 6.42 1.54
N PHE A 28 -9.59 6.64 1.83
CA PHE A 28 -10.30 7.81 1.33
C PHE A 28 -10.02 9.02 2.22
N ASP A 29 -9.10 8.87 3.16
CA ASP A 29 -8.75 9.95 4.07
C ASP A 29 -7.62 10.81 3.49
N GLY A 30 -6.40 10.30 3.58
CA GLY A 30 -5.26 11.04 3.06
C GLY A 30 -4.31 10.15 2.28
N GLU A 31 -4.59 8.85 2.26
CA GLU A 31 -3.76 7.90 1.54
C GLU A 31 -3.75 8.21 0.04
N ASP A 32 -2.64 8.76 -0.43
CA ASP A 32 -2.50 9.11 -1.84
C ASP A 32 -2.24 7.86 -2.69
N GLU A 33 -1.71 8.06 -3.89
CA GLU A 33 -1.42 6.95 -4.79
C GLU A 33 0.07 6.89 -5.11
N VAL A 34 0.70 5.80 -4.71
CA VAL A 34 2.13 5.61 -4.94
C VAL A 34 2.41 5.32 -6.42
N THR A 35 3.68 5.32 -6.78
CA THR A 35 4.08 5.06 -8.16
C THR A 35 4.35 3.57 -8.38
N GLY A 36 5.01 2.94 -7.42
CA GLY A 36 5.32 1.53 -7.53
C GLY A 36 6.38 1.08 -6.53
N PRO A 37 7.59 1.65 -6.66
CA PRO A 37 8.71 1.32 -5.78
C PRO A 37 8.51 1.86 -4.37
N ASP A 38 9.17 1.23 -3.40
CA ASP A 38 9.07 1.64 -2.01
C ASP A 38 9.55 3.08 -1.83
N ALA A 39 10.45 3.51 -2.71
CA ALA A 39 10.99 4.86 -2.64
C ALA A 39 9.87 5.90 -2.69
N ASP A 40 8.84 5.61 -3.49
CA ASP A 40 7.71 6.53 -3.62
C ASP A 40 6.70 6.30 -2.50
N ARG A 41 6.58 5.05 -2.07
CA ARG A 41 5.64 4.70 -1.01
C ARG A 41 6.10 5.26 0.33
N ALA A 42 7.39 5.14 0.62
CA ALA A 42 7.95 5.64 1.86
C ALA A 42 8.00 7.17 1.87
N ARG A 43 8.25 7.75 0.70
CA ARG A 43 8.31 9.20 0.58
C ARG A 43 6.92 9.81 0.52
N ALA A 44 6.02 9.16 -0.22
CA ALA A 44 4.66 9.63 -0.35
C ALA A 44 3.83 9.31 0.88
N ALA A 45 3.70 8.02 1.17
CA ALA A 45 2.93 7.57 2.34
C ALA A 45 3.42 8.25 3.60
N ALA A 46 4.65 8.75 3.57
CA ALA A 46 5.24 9.43 4.72
C ALA A 46 4.34 10.58 5.20
N VAL A 47 4.29 11.65 4.41
CA VAL A 47 3.47 12.80 4.74
C VAL A 47 2.31 12.96 3.78
N GLN A 48 2.37 12.22 2.67
CA GLN A 48 1.31 12.27 1.67
C GLN A 48 0.12 11.41 2.08
N ALA A 49 0.40 10.30 2.76
CA ALA A 49 -0.65 9.39 3.22
C ALA A 49 -0.85 9.50 4.73
N VAL A 50 0.01 10.28 5.38
CA VAL A 50 -0.07 10.46 6.82
C VAL A 50 -0.87 11.71 7.18
N PRO A 51 -1.26 12.47 6.14
CA PRO A 51 -2.04 13.70 6.31
C PRO A 51 -3.47 13.42 6.76
N GLY A 52 -3.98 12.23 6.43
CA GLY A 52 -5.33 11.86 6.80
C GLY A 52 -5.40 11.33 8.23
N GLY A 53 -4.65 10.28 8.51
CA GLY A 53 -4.64 9.70 9.83
C GLY A 53 -3.39 8.89 10.11
N THR A 54 -2.87 8.23 9.08
CA THR A 54 -1.67 7.41 9.21
C THR A 54 -0.87 7.40 7.92
N ALA A 55 0.44 7.22 8.06
CA ALA A 55 1.32 7.18 6.90
C ALA A 55 1.15 5.89 6.11
N GLY A 56 0.10 5.83 5.30
CA GLY A 56 -0.17 4.65 4.50
C GLY A 56 -0.76 4.98 3.15
N GLU A 57 0.06 4.92 2.11
CA GLU A 57 -0.38 5.22 0.76
C GLU A 57 -0.76 3.95 0.02
N VAL A 58 -1.14 4.09 -1.25
CA VAL A 58 -1.52 2.96 -2.07
C VAL A 58 -0.82 2.98 -3.42
N GLU A 59 0.01 1.97 -3.67
CA GLU A 59 0.74 1.88 -4.93
C GLU A 59 0.00 1.00 -5.93
N THR A 60 -0.16 1.51 -7.14
CA THR A 60 -0.86 0.77 -8.19
C THR A 60 0.14 0.14 -9.16
N GLU A 61 0.10 -1.18 -9.24
CA GLU A 61 1.00 -1.92 -10.13
C GLU A 61 0.25 -3.00 -10.89
N THR A 62 -0.06 -2.73 -12.15
CA THR A 62 -0.79 -3.67 -13.00
C THR A 62 0.18 -4.53 -13.81
N GLY A 63 0.03 -5.84 -13.72
CA GLY A 63 0.89 -6.75 -14.45
C GLY A 63 0.14 -7.54 -15.50
N GLU A 64 0.67 -8.71 -15.85
CA GLU A 64 0.04 -9.57 -16.86
C GLU A 64 -0.98 -10.49 -16.20
N GLY A 65 -1.11 -10.39 -14.88
CA GLY A 65 -2.06 -11.23 -14.16
C GLY A 65 -3.30 -10.48 -13.75
N ALA A 66 -3.32 -10.02 -12.49
CA ALA A 66 -4.46 -9.28 -11.97
C ALA A 66 -4.08 -7.84 -11.67
N ALA A 67 -4.54 -7.34 -10.52
CA ALA A 67 -4.24 -5.97 -10.11
C ALA A 67 -3.33 -5.95 -8.88
N ALA A 68 -2.03 -5.86 -9.12
CA ALA A 68 -1.05 -5.82 -8.03
C ALA A 68 -0.97 -4.44 -7.42
N TYR A 69 -1.71 -4.23 -6.33
CA TYR A 69 -1.71 -2.93 -5.65
C TYR A 69 -1.17 -3.07 -4.23
N GLY A 70 -0.04 -2.41 -3.98
CA GLY A 70 0.57 -2.47 -2.66
C GLY A 70 0.24 -1.26 -1.82
N VAL A 71 -0.58 -1.45 -0.79
CA VAL A 71 -0.98 -0.37 0.09
C VAL A 71 -0.24 -0.45 1.43
N LEU A 72 0.67 0.50 1.65
CA LEU A 72 1.45 0.53 2.89
C LEU A 72 0.85 1.52 3.88
N VAL A 73 0.88 1.17 5.15
CA VAL A 73 0.34 2.02 6.20
C VAL A 73 1.08 1.81 7.51
N THR A 74 1.67 2.89 8.03
CA THR A 74 2.42 2.82 9.29
C THR A 74 2.82 4.22 9.75
N ARG A 75 4.09 4.38 10.10
CA ARG A 75 4.59 5.66 10.58
C ARG A 75 5.47 6.33 9.52
N PRO A 76 5.41 7.66 9.45
CA PRO A 76 6.19 8.45 8.49
C PRO A 76 7.69 8.43 8.80
N ASP A 77 8.09 7.51 9.68
CA ASP A 77 9.49 7.38 10.06
C ASP A 77 10.21 6.40 9.14
N GLY A 78 9.70 6.25 7.92
CA GLY A 78 10.31 5.34 6.97
C GLY A 78 9.88 3.91 7.19
N THR A 79 9.25 3.64 8.33
CA THR A 79 8.79 2.30 8.65
C THR A 79 7.31 2.12 8.31
N ARG A 80 7.04 1.40 7.23
CA ARG A 80 5.68 1.16 6.81
C ARG A 80 5.50 -0.27 6.31
N VAL A 81 4.25 -0.72 6.24
CA VAL A 81 3.95 -2.08 5.79
C VAL A 81 3.17 -2.06 4.48
N GLU A 82 3.86 -2.29 3.38
CA GLU A 82 3.24 -2.30 2.06
C GLU A 82 2.62 -3.67 1.76
N VAL A 83 1.30 -3.70 1.62
CA VAL A 83 0.60 -4.95 1.33
C VAL A 83 0.20 -5.02 -0.14
N HIS A 84 0.91 -5.85 -0.90
CA HIS A 84 0.64 -6.02 -2.32
C HIS A 84 -0.48 -7.03 -2.53
N LEU A 85 -1.52 -6.61 -3.25
CA LEU A 85 -2.66 -7.48 -3.53
C LEU A 85 -2.72 -7.83 -5.00
N ASP A 86 -2.47 -9.10 -5.32
CA ASP A 86 -2.50 -9.57 -6.70
C ASP A 86 -3.43 -10.77 -6.84
N ARG A 87 -4.51 -10.60 -7.60
CA ARG A 87 -5.48 -11.67 -7.82
C ARG A 87 -4.91 -12.73 -8.75
N ASP A 88 -3.68 -12.52 -9.21
CA ASP A 88 -3.02 -13.46 -10.11
C ASP A 88 -2.59 -14.71 -9.36
N PHE A 89 -2.48 -14.60 -8.04
CA PHE A 89 -2.07 -15.73 -7.20
C PHE A 89 -1.80 -15.28 -5.78
N ARG A 90 -1.25 -14.07 -5.64
CA ARG A 90 -0.93 -13.52 -4.32
C ARG A 90 -1.72 -12.24 -4.07
N VAL A 91 -3.03 -12.38 -3.91
CA VAL A 91 -3.89 -11.23 -3.65
C VAL A 91 -3.52 -10.54 -2.36
N LEU A 92 -2.71 -11.20 -1.55
CA LEU A 92 -2.27 -10.65 -0.27
C LEU A 92 -0.74 -10.64 -0.17
N ASP A 93 -0.09 -10.46 -1.32
CA ASP A 93 1.36 -10.43 -1.36
C ASP A 93 1.90 -9.21 -0.61
N THR A 94 1.99 -9.32 0.71
CA THR A 94 2.48 -8.23 1.53
C THR A 94 4.00 -8.18 1.53
N GLU A 95 4.55 -6.99 1.75
CA GLU A 95 6.00 -6.81 1.76
C GLU A 95 6.40 -5.70 2.74
N PRO A 96 7.36 -6.01 3.61
CA PRO A 96 7.86 -5.04 4.61
C PRO A 96 8.66 -3.91 3.98
N ALA A 97 8.25 -2.68 4.26
CA ALA A 97 8.92 -1.50 3.73
C ALA A 97 9.57 -0.68 4.83
N ASP A 98 10.89 -0.71 4.90
CA ASP A 98 11.63 0.03 5.91
C ASP A 98 12.27 1.29 5.31
N GLY A 99 11.73 1.73 4.18
CA GLY A 99 12.26 2.91 3.52
C GLY A 99 13.40 2.60 2.58
N ASP A 100 14.01 1.43 2.77
CA ASP A 100 15.13 1.01 1.93
C ASP A 100 14.65 0.13 0.78
N GLY A 101 13.74 -0.80 1.09
CA GLY A 101 13.22 -1.68 0.07
C GLY A 101 14.16 -2.82 -0.26
N GLY A 102 14.98 -3.21 0.72
CA GLY A 102 15.92 -4.29 0.52
C GLY A 102 16.98 -3.94 -0.50
N ASP A 11 -7.96 -1.08 -2.05
CA ASP A 11 -9.32 -1.13 -2.56
C ASP A 11 -9.33 -1.62 -4.02
N TYR A 12 -8.22 -1.40 -4.72
CA TYR A 12 -8.11 -1.80 -6.12
C TYR A 12 -8.10 -3.32 -6.24
N ASP A 13 -7.78 -3.99 -5.13
CA ASP A 13 -7.74 -5.45 -5.12
C ASP A 13 -9.11 -6.04 -5.45
N ILE A 14 -9.29 -7.31 -5.11
CA ILE A 14 -10.56 -8.00 -5.36
C ILE A 14 -11.21 -8.43 -4.06
N PRO A 15 -12.54 -8.63 -4.10
CA PRO A 15 -13.32 -9.05 -2.94
C PRO A 15 -13.02 -10.50 -2.53
N THR A 16 -11.74 -10.84 -2.51
CA THR A 16 -11.33 -12.20 -2.14
C THR A 16 -9.95 -12.20 -1.50
N THR A 17 -9.51 -11.02 -1.05
CA THR A 17 -8.21 -10.88 -0.41
C THR A 17 -8.22 -11.45 1.00
N GLU A 18 -7.17 -11.15 1.76
CA GLU A 18 -7.06 -11.63 3.13
C GLU A 18 -7.07 -10.47 4.12
N ASN A 19 -5.88 -10.03 4.52
CA ASN A 19 -5.76 -8.92 5.47
C ASN A 19 -5.70 -7.59 4.73
N LEU A 20 -5.94 -7.62 3.43
CA LEU A 20 -5.92 -6.42 2.60
C LEU A 20 -7.16 -5.57 2.84
N TYR A 21 -8.14 -6.15 3.53
CA TYR A 21 -9.39 -5.45 3.83
C TYR A 21 -9.20 -4.43 4.95
N PHE A 22 -8.18 -4.65 5.77
CA PHE A 22 -7.88 -3.76 6.88
C PHE A 22 -7.25 -2.46 6.38
N GLN A 23 -6.45 -2.57 5.33
CA GLN A 23 -5.79 -1.41 4.75
C GLN A 23 -6.80 -0.44 4.15
N GLY A 24 -7.70 -0.99 3.32
CA GLY A 24 -8.71 -0.16 2.68
C GLY A 24 -9.35 0.82 3.64
N ALA A 25 -9.42 0.44 4.92
CA ALA A 25 -10.02 1.29 5.94
C ALA A 25 -9.40 2.68 5.92
N MET A 26 -8.10 2.75 6.19
CA MET A 26 -7.38 4.01 6.20
C MET A 26 -7.32 4.62 4.81
N ALA A 27 -7.64 3.81 3.80
CA ALA A 27 -7.60 4.26 2.42
C ALA A 27 -8.69 5.31 2.16
N PHE A 28 -9.72 5.31 3.01
CA PHE A 28 -10.81 6.26 2.87
C PHE A 28 -10.49 7.57 3.57
N ASP A 29 -9.23 7.72 3.98
CA ASP A 29 -8.79 8.93 4.67
C ASP A 29 -8.18 9.91 3.68
N GLY A 30 -6.95 9.64 3.25
CA GLY A 30 -6.28 10.51 2.32
C GLY A 30 -5.16 9.81 1.57
N GLU A 31 -5.14 8.49 1.64
CA GLU A 31 -4.11 7.69 0.98
C GLU A 31 -4.15 7.94 -0.54
N ASP A 32 -3.18 8.71 -1.02
CA ASP A 32 -3.10 9.01 -2.45
C ASP A 32 -2.67 7.78 -3.24
N GLU A 33 -2.26 8.00 -4.49
CA GLU A 33 -1.83 6.91 -5.36
C GLU A 33 -0.31 6.87 -5.47
N VAL A 34 0.28 5.75 -5.09
CA VAL A 34 1.73 5.58 -5.15
C VAL A 34 2.18 5.19 -6.56
N THR A 35 3.49 5.06 -6.74
CA THR A 35 4.05 4.68 -8.03
C THR A 35 4.27 3.17 -8.13
N GLY A 36 5.08 2.64 -7.23
CA GLY A 36 5.37 1.22 -7.23
C GLY A 36 6.42 0.84 -6.21
N PRO A 37 7.65 1.33 -6.41
CA PRO A 37 8.78 1.04 -5.51
C PRO A 37 8.62 1.72 -4.15
N ASP A 38 9.41 1.28 -3.17
CA ASP A 38 9.36 1.84 -1.84
C ASP A 38 9.92 3.26 -1.82
N ALA A 39 10.82 3.55 -2.77
CA ALA A 39 11.43 4.86 -2.87
C ALA A 39 10.38 5.96 -2.97
N ASP A 40 9.39 5.74 -3.84
CA ASP A 40 8.32 6.71 -4.03
C ASP A 40 7.27 6.60 -2.93
N ARG A 41 6.94 5.37 -2.57
CA ARG A 41 5.95 5.11 -1.51
C ARG A 41 6.39 5.74 -0.19
N ALA A 42 7.69 5.68 0.08
CA ALA A 42 8.24 6.23 1.31
C ALA A 42 8.04 7.74 1.37
N ARG A 43 8.08 8.39 0.21
CA ARG A 43 7.90 9.83 0.12
C ARG A 43 6.42 10.20 0.22
N ALA A 44 5.58 9.41 -0.43
CA ALA A 44 4.14 9.65 -0.41
C ALA A 44 3.52 9.19 0.89
N ALA A 45 3.66 7.90 1.19
CA ALA A 45 3.11 7.33 2.42
C ALA A 45 3.60 8.10 3.64
N ALA A 46 4.71 8.81 3.49
CA ALA A 46 5.28 9.58 4.58
C ALA A 46 4.32 10.66 5.06
N VAL A 47 4.29 11.78 4.33
CA VAL A 47 3.41 12.89 4.68
C VAL A 47 2.27 13.02 3.68
N GLN A 48 2.47 12.44 2.49
CA GLN A 48 1.45 12.50 1.45
C GLN A 48 0.24 11.66 1.82
N ALA A 49 0.48 10.56 2.53
CA ALA A 49 -0.60 9.68 2.96
C ALA A 49 -0.88 9.82 4.45
N VAL A 50 -0.16 10.74 5.10
CA VAL A 50 -0.33 10.97 6.52
C VAL A 50 -1.32 12.09 6.78
N PRO A 51 -1.75 12.76 5.69
CA PRO A 51 -2.71 13.87 5.77
C PRO A 51 -4.11 13.40 6.16
N GLY A 52 -4.41 12.14 5.84
CA GLY A 52 -5.71 11.58 6.17
C GLY A 52 -5.83 11.16 7.62
N GLY A 53 -4.98 10.21 8.02
CA GLY A 53 -5.01 9.74 9.39
C GLY A 53 -3.69 9.13 9.82
N THR A 54 -3.01 8.48 8.88
CA THR A 54 -1.73 7.84 9.16
C THR A 54 -0.82 7.87 7.94
N ALA A 55 0.48 7.72 8.17
CA ALA A 55 1.46 7.73 7.09
C ALA A 55 1.36 6.45 6.26
N GLY A 56 0.29 6.32 5.49
CA GLY A 56 0.10 5.15 4.66
C GLY A 56 -0.68 5.46 3.39
N GLU A 57 -0.01 5.35 2.25
CA GLU A 57 -0.65 5.62 0.96
C GLU A 57 -1.08 4.33 0.29
N VAL A 58 -1.48 4.42 -0.97
CA VAL A 58 -1.91 3.26 -1.73
C VAL A 58 -1.28 3.24 -3.12
N GLU A 59 -0.53 2.17 -3.40
CA GLU A 59 0.13 2.03 -4.69
C GLU A 59 -0.78 1.30 -5.69
N THR A 60 -0.49 1.50 -6.98
CA THR A 60 -1.27 0.87 -8.04
C THR A 60 -0.37 0.34 -9.14
N GLU A 61 -0.31 -0.98 -9.26
CA GLU A 61 0.52 -1.62 -10.29
C GLU A 61 -0.20 -2.81 -10.90
N THR A 62 0.36 -3.33 -11.99
CA THR A 62 -0.24 -4.48 -12.67
C THR A 62 0.70 -5.68 -12.65
N GLY A 63 0.12 -6.87 -12.65
CA GLY A 63 0.92 -8.09 -12.62
C GLY A 63 0.52 -9.07 -13.71
N GLU A 64 0.78 -10.35 -13.47
CA GLU A 64 0.44 -11.39 -14.43
C GLU A 64 -1.05 -11.74 -14.36
N GLY A 65 -1.66 -11.46 -13.21
CA GLY A 65 -3.08 -11.74 -13.04
C GLY A 65 -3.94 -10.53 -13.31
N ALA A 66 -4.61 -10.04 -12.27
CA ALA A 66 -5.47 -8.87 -12.40
C ALA A 66 -4.93 -7.69 -11.61
N ALA A 67 -5.12 -7.71 -10.30
CA ALA A 67 -4.64 -6.64 -9.43
C ALA A 67 -3.21 -6.90 -8.98
N ALA A 68 -2.40 -5.84 -8.94
CA ALA A 68 -1.01 -5.96 -8.52
C ALA A 68 -0.49 -4.63 -7.97
N TYR A 69 -0.94 -4.27 -6.78
CA TYR A 69 -0.52 -3.02 -6.14
C TYR A 69 -0.11 -3.26 -4.70
N GLY A 70 0.14 -2.18 -3.97
CA GLY A 70 0.55 -2.29 -2.57
C GLY A 70 0.18 -1.06 -1.78
N VAL A 71 -0.48 -1.27 -0.64
CA VAL A 71 -0.89 -0.17 0.23
C VAL A 71 -0.03 -0.12 1.49
N LEU A 72 0.66 1.00 1.69
CA LEU A 72 1.51 1.17 2.86
C LEU A 72 0.78 1.97 3.94
N VAL A 73 0.96 1.54 5.19
CA VAL A 73 0.33 2.22 6.32
C VAL A 73 1.21 2.14 7.56
N THR A 74 1.74 3.29 7.98
CA THR A 74 2.60 3.36 9.15
C THR A 74 2.83 4.80 9.59
N ARG A 75 4.06 5.12 9.95
CA ARG A 75 4.42 6.46 10.38
C ARG A 75 5.25 7.18 9.32
N PRO A 76 5.18 8.51 9.33
CA PRO A 76 5.92 9.35 8.38
C PRO A 76 7.43 9.33 8.63
N ASP A 77 7.84 8.55 9.62
CA ASP A 77 9.25 8.44 9.97
C ASP A 77 9.94 7.38 9.12
N GLY A 78 9.68 7.41 7.81
CA GLY A 78 10.29 6.45 6.91
C GLY A 78 9.71 5.06 7.08
N THR A 79 8.86 4.89 8.08
CA THR A 79 8.25 3.60 8.36
C THR A 79 6.91 3.46 7.64
N ARG A 80 6.78 2.41 6.84
CA ARG A 80 5.55 2.17 6.09
C ARG A 80 5.30 0.67 5.94
N VAL A 81 4.03 0.29 5.99
CA VAL A 81 3.65 -1.11 5.86
C VAL A 81 2.92 -1.36 4.54
N GLU A 82 3.68 -1.57 3.48
CA GLU A 82 3.11 -1.83 2.17
C GLU A 82 2.61 -3.26 2.05
N VAL A 83 1.30 -3.41 1.84
CA VAL A 83 0.69 -4.73 1.71
C VAL A 83 0.57 -5.14 0.26
N HIS A 84 0.92 -6.40 -0.03
CA HIS A 84 0.85 -6.92 -1.40
C HIS A 84 -0.54 -7.48 -1.69
N LEU A 85 -1.24 -6.88 -2.65
CA LEU A 85 -2.57 -7.32 -3.02
C LEU A 85 -2.64 -7.64 -4.51
N ASP A 86 -2.81 -8.92 -4.83
CA ASP A 86 -2.90 -9.35 -6.22
C ASP A 86 -3.97 -10.41 -6.40
N ARG A 87 -4.96 -10.12 -7.25
CA ARG A 87 -6.06 -11.05 -7.50
C ARG A 87 -5.52 -12.41 -7.96
N ASP A 88 -4.21 -12.53 -8.01
CA ASP A 88 -3.57 -13.77 -8.42
C ASP A 88 -3.85 -14.90 -7.43
N PHE A 89 -4.49 -14.53 -6.31
CA PHE A 89 -4.82 -15.50 -5.27
C PHE A 89 -3.55 -15.98 -4.54
N ARG A 90 -2.49 -15.20 -4.66
CA ARG A 90 -1.22 -15.53 -4.03
C ARG A 90 -0.54 -14.29 -3.48
N VAL A 91 -1.18 -13.13 -3.67
CA VAL A 91 -0.63 -11.87 -3.19
C VAL A 91 -1.58 -11.18 -2.22
N LEU A 92 -1.72 -11.77 -1.04
CA LEU A 92 -2.60 -11.21 -0.01
C LEU A 92 -1.84 -10.96 1.29
N ASP A 93 -0.52 -10.99 1.20
CA ASP A 93 0.33 -10.76 2.37
C ASP A 93 0.75 -9.29 2.46
N THR A 94 1.64 -9.00 3.40
CA THR A 94 2.13 -7.64 3.59
C THR A 94 3.62 -7.54 3.30
N GLU A 95 4.14 -6.31 3.33
CA GLU A 95 5.56 -6.09 3.08
C GLU A 95 6.11 -5.01 4.00
N PRO A 96 7.11 -5.38 4.82
CA PRO A 96 7.74 -4.46 5.77
C PRO A 96 8.59 -3.41 5.08
N ALA A 97 8.18 -2.15 5.21
CA ALA A 97 8.90 -1.04 4.60
C ALA A 97 9.46 -0.10 5.65
N ASP A 98 10.79 -0.05 5.77
CA ASP A 98 11.44 0.81 6.73
C ASP A 98 12.52 1.65 6.06
N GLY A 99 12.14 2.41 5.05
CA GLY A 99 13.08 3.26 4.34
C GLY A 99 13.98 2.46 3.41
N ASP A 100 14.04 1.16 3.63
CA ASP A 100 14.87 0.28 2.79
C ASP A 100 14.04 -0.37 1.69
N GLY A 101 13.04 -1.14 2.10
CA GLY A 101 12.19 -1.81 1.13
C GLY A 101 12.79 -3.11 0.63
N GLY A 102 13.76 -3.64 1.36
CA GLY A 102 14.41 -4.87 0.97
C GLY A 102 14.06 -6.02 1.88
N ASP A 11 -8.29 -1.87 -2.19
CA ASP A 11 -9.65 -2.32 -2.39
C ASP A 11 -9.91 -2.67 -3.84
N TYR A 12 -8.95 -2.33 -4.70
CA TYR A 12 -9.07 -2.61 -6.13
C TYR A 12 -9.06 -4.11 -6.40
N ASP A 13 -8.16 -4.81 -5.72
CA ASP A 13 -8.04 -6.25 -5.88
C ASP A 13 -9.30 -6.96 -5.38
N ILE A 14 -9.11 -8.14 -4.78
CA ILE A 14 -10.23 -8.91 -4.26
C ILE A 14 -10.76 -8.31 -2.96
N PRO A 15 -11.99 -7.81 -3.01
CA PRO A 15 -12.65 -7.21 -1.85
C PRO A 15 -13.00 -8.23 -0.77
N THR A 16 -12.38 -9.40 -0.86
CA THR A 16 -12.62 -10.47 0.10
C THR A 16 -11.32 -11.11 0.56
N THR A 17 -10.22 -10.36 0.43
CA THR A 17 -8.90 -10.85 0.83
C THR A 17 -8.75 -10.86 2.35
N GLU A 18 -7.54 -10.59 2.81
CA GLU A 18 -7.26 -10.57 4.25
C GLU A 18 -7.59 -9.20 4.83
N ASN A 19 -6.56 -8.41 5.11
CA ASN A 19 -6.75 -7.08 5.68
C ASN A 19 -6.65 -6.01 4.60
N LEU A 20 -6.55 -6.44 3.35
CA LEU A 20 -6.45 -5.52 2.22
C LEU A 20 -7.73 -4.71 2.07
N TYR A 21 -8.86 -5.34 2.37
CA TYR A 21 -10.16 -4.67 2.27
C TYR A 21 -10.45 -3.84 3.52
N PHE A 22 -9.48 -3.81 4.44
CA PHE A 22 -9.63 -3.06 5.68
C PHE A 22 -8.81 -1.78 5.64
N GLN A 23 -7.63 -1.85 5.02
CA GLN A 23 -6.76 -0.69 4.91
C GLN A 23 -7.38 0.39 4.03
N GLY A 24 -7.86 -0.01 2.86
CA GLY A 24 -8.46 0.94 1.95
C GLY A 24 -9.40 1.90 2.66
N ALA A 25 -10.05 1.43 3.71
CA ALA A 25 -10.98 2.26 4.47
C ALA A 25 -10.29 3.53 4.96
N MET A 26 -9.20 3.36 5.70
CA MET A 26 -8.45 4.50 6.23
C MET A 26 -7.73 5.25 5.12
N ALA A 27 -7.76 4.68 3.91
CA ALA A 27 -7.11 5.30 2.77
C ALA A 27 -7.98 6.41 2.18
N PHE A 28 -9.27 6.40 2.53
CA PHE A 28 -10.20 7.41 2.05
C PHE A 28 -10.10 8.69 2.87
N ASP A 29 -9.09 8.75 3.73
CA ASP A 29 -8.89 9.92 4.59
C ASP A 29 -7.93 10.91 3.94
N GLY A 30 -6.63 10.62 4.03
CA GLY A 30 -5.63 11.49 3.45
C GLY A 30 -4.59 10.72 2.65
N GLU A 31 -4.83 9.43 2.46
CA GLU A 31 -3.91 8.59 1.70
C GLU A 31 -3.78 9.08 0.26
N ASP A 32 -2.63 8.81 -0.34
CA ASP A 32 -2.37 9.22 -1.72
C ASP A 32 -2.18 8.01 -2.63
N GLU A 33 -1.65 8.23 -3.82
CA GLU A 33 -1.42 7.16 -4.77
C GLU A 33 0.07 6.97 -5.02
N VAL A 34 0.58 5.80 -4.66
CA VAL A 34 2.00 5.48 -4.84
C VAL A 34 2.31 5.20 -6.30
N THR A 35 3.60 5.16 -6.62
CA THR A 35 4.04 4.89 -7.99
C THR A 35 4.34 3.41 -8.19
N GLY A 36 5.03 2.82 -7.23
CA GLY A 36 5.38 1.41 -7.33
C GLY A 36 6.46 1.01 -6.34
N PRO A 37 7.64 1.61 -6.48
CA PRO A 37 8.79 1.32 -5.61
C PRO A 37 8.57 1.85 -4.19
N ASP A 38 9.32 1.29 -3.24
CA ASP A 38 9.23 1.71 -1.85
C ASP A 38 9.66 3.15 -1.67
N ALA A 39 10.55 3.61 -2.56
CA ALA A 39 11.05 4.98 -2.50
C ALA A 39 9.91 5.99 -2.61
N ASP A 40 8.91 5.65 -3.41
CA ASP A 40 7.76 6.53 -3.58
C ASP A 40 6.72 6.30 -2.50
N ARG A 41 6.55 5.04 -2.10
CA ARG A 41 5.60 4.68 -1.07
C ARG A 41 6.04 5.19 0.30
N ALA A 42 7.33 4.98 0.61
CA ALA A 42 7.89 5.41 1.88
C ALA A 42 7.97 6.93 1.95
N ARG A 43 8.26 7.56 0.82
CA ARG A 43 8.37 9.01 0.76
C ARG A 43 6.99 9.66 0.69
N ALA A 44 6.10 9.06 -0.11
CA ALA A 44 4.75 9.57 -0.27
C ALA A 44 3.90 9.27 0.96
N ALA A 45 3.71 7.99 1.23
CA ALA A 45 2.91 7.57 2.38
C ALA A 45 3.42 8.21 3.67
N ALA A 46 4.66 8.68 3.64
CA ALA A 46 5.27 9.32 4.80
C ALA A 46 4.41 10.48 5.29
N VAL A 47 4.33 11.53 4.49
CA VAL A 47 3.54 12.72 4.84
C VAL A 47 2.34 12.86 3.92
N GLN A 48 2.39 12.20 2.77
CA GLN A 48 1.31 12.26 1.80
C GLN A 48 0.14 11.37 2.23
N ALA A 49 0.45 10.30 2.95
CA ALA A 49 -0.57 9.38 3.44
C ALA A 49 -0.76 9.50 4.93
N VAL A 50 0.10 10.28 5.58
CA VAL A 50 0.02 10.49 7.03
C VAL A 50 -0.73 11.77 7.36
N PRO A 51 -1.17 12.49 6.32
CA PRO A 51 -1.90 13.74 6.47
C PRO A 51 -3.31 13.52 7.04
N GLY A 52 -3.88 12.36 6.75
CA GLY A 52 -5.21 12.06 7.25
C GLY A 52 -5.19 11.57 8.68
N GLY A 53 -4.37 10.56 8.97
CA GLY A 53 -4.29 10.02 10.30
C GLY A 53 -3.09 9.12 10.49
N THR A 54 -2.73 8.39 9.44
CA THR A 54 -1.59 7.48 9.49
C THR A 54 -0.85 7.44 8.16
N ALA A 55 0.45 7.21 8.22
CA ALA A 55 1.28 7.14 7.02
C ALA A 55 1.01 5.86 6.24
N GLY A 56 -0.05 5.87 5.45
CA GLY A 56 -0.40 4.70 4.66
C GLY A 56 -0.97 5.06 3.30
N GLU A 57 -0.12 5.01 2.28
CA GLU A 57 -0.54 5.34 0.92
C GLU A 57 -1.04 4.10 0.19
N VAL A 58 -1.45 4.28 -1.06
CA VAL A 58 -1.94 3.17 -1.88
C VAL A 58 -1.28 3.15 -3.25
N GLU A 59 -0.63 2.03 -3.56
CA GLU A 59 0.06 1.89 -4.84
C GLU A 59 -0.85 1.23 -5.88
N THR A 60 -0.61 1.52 -7.14
CA THR A 60 -1.41 0.95 -8.22
C THR A 60 -0.51 0.40 -9.34
N GLU A 61 -0.52 -0.93 -9.50
CA GLU A 61 0.29 -1.57 -10.52
C GLU A 61 -0.47 -2.73 -11.16
N THR A 62 -0.01 -3.16 -12.33
CA THR A 62 -0.64 -4.26 -13.05
C THR A 62 0.33 -5.41 -13.27
N GLY A 63 -0.01 -6.58 -12.74
CA GLY A 63 0.84 -7.75 -12.87
C GLY A 63 0.39 -8.65 -14.01
N GLU A 64 0.98 -9.84 -14.07
CA GLU A 64 0.64 -10.80 -15.13
C GLU A 64 -0.68 -11.49 -14.83
N GLY A 65 -1.06 -11.50 -13.56
CA GLY A 65 -2.31 -12.14 -13.17
C GLY A 65 -3.50 -11.24 -13.38
N ALA A 66 -4.09 -10.75 -12.29
CA ALA A 66 -5.25 -9.88 -12.37
C ALA A 66 -4.91 -8.47 -11.90
N ALA A 67 -4.76 -8.30 -10.59
CA ALA A 67 -4.43 -7.01 -10.01
C ALA A 67 -3.02 -7.00 -9.44
N ALA A 68 -2.47 -5.81 -9.23
CA ALA A 68 -1.13 -5.67 -8.68
C ALA A 68 -0.95 -4.31 -8.00
N TYR A 69 -1.58 -4.15 -6.85
CA TYR A 69 -1.49 -2.90 -6.11
C TYR A 69 -0.69 -3.08 -4.83
N GLY A 70 -0.25 -1.97 -4.24
CA GLY A 70 0.53 -2.03 -3.01
C GLY A 70 0.14 -0.94 -2.03
N VAL A 71 -0.67 -1.30 -1.03
CA VAL A 71 -1.11 -0.34 -0.03
C VAL A 71 -0.32 -0.50 1.27
N LEU A 72 0.38 0.56 1.66
CA LEU A 72 1.17 0.54 2.88
C LEU A 72 0.59 1.48 3.93
N VAL A 73 0.70 1.10 5.19
CA VAL A 73 0.19 1.91 6.29
C VAL A 73 1.00 1.70 7.55
N THR A 74 1.55 2.79 8.09
CA THR A 74 2.35 2.73 9.30
C THR A 74 2.69 4.13 9.81
N ARG A 75 3.95 4.31 10.20
CA ARG A 75 4.40 5.61 10.70
C ARG A 75 5.06 6.43 9.60
N PRO A 76 4.88 7.75 9.66
CA PRO A 76 5.44 8.68 8.68
C PRO A 76 6.96 8.78 8.77
N ASP A 77 7.56 7.88 9.55
CA ASP A 77 9.01 7.87 9.73
C ASP A 77 9.67 7.00 8.67
N GLY A 78 9.02 6.87 7.53
CA GLY A 78 9.56 6.07 6.45
C GLY A 78 9.39 4.58 6.69
N THR A 79 8.98 4.22 7.90
CA THR A 79 8.78 2.82 8.25
C THR A 79 7.32 2.41 8.12
N ARG A 80 7.00 1.71 7.04
CA ARG A 80 5.63 1.26 6.79
C ARG A 80 5.62 -0.13 6.18
N VAL A 81 4.42 -0.70 6.05
CA VAL A 81 4.28 -2.03 5.47
C VAL A 81 3.39 -2.00 4.24
N GLU A 82 3.99 -2.28 3.08
CA GLU A 82 3.25 -2.28 1.82
C GLU A 82 2.64 -3.65 1.55
N VAL A 83 1.33 -3.68 1.39
CA VAL A 83 0.61 -4.93 1.12
C VAL A 83 0.28 -5.06 -0.37
N HIS A 84 0.84 -6.08 -1.00
CA HIS A 84 0.60 -6.32 -2.42
C HIS A 84 -0.72 -7.06 -2.63
N LEU A 85 -1.66 -6.41 -3.30
CA LEU A 85 -2.96 -7.01 -3.57
C LEU A 85 -3.06 -7.47 -5.02
N ASP A 86 -2.83 -8.75 -5.24
CA ASP A 86 -2.91 -9.33 -6.59
C ASP A 86 -3.68 -10.63 -6.59
N ARG A 87 -4.78 -10.67 -7.33
CA ARG A 87 -5.60 -11.87 -7.41
C ARG A 87 -4.85 -13.02 -8.08
N ASP A 88 -3.55 -12.82 -8.27
CA ASP A 88 -2.71 -13.84 -8.89
C ASP A 88 -2.33 -14.93 -7.88
N PHE A 89 -3.11 -15.04 -6.82
CA PHE A 89 -2.87 -16.03 -5.79
C PHE A 89 -1.98 -15.46 -4.68
N ARG A 90 -1.29 -14.37 -4.99
CA ARG A 90 -0.41 -13.73 -4.03
C ARG A 90 -0.90 -12.33 -3.69
N VAL A 91 -2.22 -12.17 -3.59
CA VAL A 91 -2.81 -10.88 -3.26
C VAL A 91 -2.42 -10.42 -1.86
N LEU A 92 -1.74 -11.29 -1.14
CA LEU A 92 -1.30 -10.98 0.22
C LEU A 92 0.22 -10.90 0.29
N ASP A 93 0.84 -10.53 -0.82
CA ASP A 93 2.30 -10.40 -0.88
C ASP A 93 2.76 -9.09 -0.29
N THR A 94 2.73 -9.00 1.04
CA THR A 94 3.14 -7.80 1.75
C THR A 94 4.65 -7.78 1.98
N GLU A 95 5.22 -6.58 2.05
CA GLU A 95 6.65 -6.44 2.27
C GLU A 95 6.94 -5.18 3.08
N PRO A 96 7.39 -5.36 4.33
CA PRO A 96 7.71 -4.25 5.23
C PRO A 96 8.98 -3.51 4.79
N ALA A 97 8.83 -2.22 4.52
CA ALA A 97 9.95 -1.39 4.11
C ALA A 97 10.24 -0.28 5.12
N ASP A 98 11.39 0.36 4.97
CA ASP A 98 11.78 1.44 5.87
C ASP A 98 12.13 2.70 5.09
N GLY A 99 11.88 2.67 3.79
CA GLY A 99 12.18 3.82 2.95
C GLY A 99 13.61 3.82 2.46
N ASP A 100 14.46 3.06 3.12
CA ASP A 100 15.87 2.97 2.75
C ASP A 100 16.12 1.77 1.84
N GLY A 101 15.17 0.84 1.82
CA GLY A 101 15.30 -0.34 0.99
C GLY A 101 14.99 -0.07 -0.47
N GLY A 102 14.19 0.98 -0.72
CA GLY A 102 13.83 1.33 -2.08
C GLY A 102 14.96 1.99 -2.83
N ASP A 11 -7.90 -0.80 -2.53
CA ASP A 11 -9.27 -0.64 -3.00
C ASP A 11 -9.40 -1.13 -4.45
N TYR A 12 -8.34 -0.96 -5.22
CA TYR A 12 -8.34 -1.38 -6.62
C TYR A 12 -8.40 -2.90 -6.73
N ASP A 13 -7.60 -3.58 -5.91
CA ASP A 13 -7.55 -5.03 -5.91
C ASP A 13 -8.92 -5.62 -5.57
N ILE A 14 -8.94 -6.93 -5.29
CA ILE A 14 -10.18 -7.60 -4.94
C ILE A 14 -10.60 -7.29 -3.50
N PRO A 15 -11.82 -6.73 -3.35
CA PRO A 15 -12.36 -6.38 -2.04
C PRO A 15 -12.70 -7.60 -1.20
N THR A 16 -12.30 -8.78 -1.67
CA THR A 16 -12.56 -10.02 -0.97
C THR A 16 -11.28 -10.80 -0.73
N THR A 17 -10.20 -10.08 -0.44
CA THR A 17 -8.90 -10.71 -0.19
C THR A 17 -8.72 -10.98 1.30
N GLU A 18 -7.48 -11.29 1.68
CA GLU A 18 -7.16 -11.57 3.08
C GLU A 18 -7.38 -10.35 3.95
N ASN A 19 -6.29 -9.69 4.33
CA ASN A 19 -6.36 -8.49 5.16
C ASN A 19 -6.29 -7.23 4.31
N LEU A 20 -6.33 -7.40 3.00
CA LEU A 20 -6.27 -6.27 2.07
C LEU A 20 -7.48 -5.37 2.24
N TYR A 21 -8.50 -5.86 2.93
CA TYR A 21 -9.71 -5.10 3.17
C TYR A 21 -9.65 -4.38 4.50
N PHE A 22 -8.50 -4.45 5.16
CA PHE A 22 -8.31 -3.81 6.45
C PHE A 22 -7.38 -2.60 6.32
N GLN A 23 -6.30 -2.77 5.58
CA GLN A 23 -5.33 -1.71 5.38
C GLN A 23 -5.96 -0.53 4.61
N GLY A 24 -6.55 -0.83 3.47
CA GLY A 24 -7.19 0.20 2.66
C GLY A 24 -8.03 1.14 3.50
N ALA A 25 -8.97 0.58 4.26
CA ALA A 25 -9.85 1.38 5.11
C ALA A 25 -9.23 1.59 6.48
N MET A 26 -7.97 2.00 6.51
CA MET A 26 -7.28 2.25 7.77
C MET A 26 -7.89 3.42 8.52
N ALA A 27 -8.24 4.48 7.78
CA ALA A 27 -8.84 5.67 8.36
C ALA A 27 -10.20 5.96 7.74
N PHE A 28 -10.20 6.80 6.71
CA PHE A 28 -11.44 7.16 6.02
C PHE A 28 -11.20 7.35 4.53
N ASP A 29 -10.02 7.88 4.19
CA ASP A 29 -9.67 8.11 2.80
C ASP A 29 -8.35 8.86 2.69
N GLY A 30 -7.47 8.65 3.67
CA GLY A 30 -6.19 9.32 3.67
C GLY A 30 -5.16 8.61 2.80
N GLU A 31 -5.61 7.60 2.07
CA GLU A 31 -4.72 6.83 1.20
C GLU A 31 -4.35 7.65 -0.04
N ASP A 32 -3.28 7.22 -0.72
CA ASP A 32 -2.82 7.91 -1.92
C ASP A 32 -2.57 6.91 -3.04
N GLU A 33 -1.88 7.36 -4.09
CA GLU A 33 -1.56 6.51 -5.23
C GLU A 33 -0.07 6.59 -5.57
N VAL A 34 0.61 5.45 -5.48
CA VAL A 34 2.03 5.39 -5.79
C VAL A 34 2.28 5.54 -7.28
N THR A 35 3.48 5.99 -7.63
CA THR A 35 3.85 6.19 -9.03
C THR A 35 4.84 5.13 -9.49
N GLY A 36 5.55 4.53 -8.53
CA GLY A 36 6.52 3.51 -8.87
C GLY A 36 6.74 2.53 -7.73
N PRO A 37 8.01 2.14 -7.51
CA PRO A 37 8.37 1.19 -6.45
C PRO A 37 8.22 1.80 -5.06
N ASP A 38 8.85 1.17 -4.07
CA ASP A 38 8.78 1.65 -2.70
C ASP A 38 9.29 3.09 -2.59
N ALA A 39 10.19 3.45 -3.51
CA ALA A 39 10.75 4.79 -3.51
C ALA A 39 9.65 5.86 -3.58
N ASP A 40 8.62 5.58 -4.37
CA ASP A 40 7.51 6.51 -4.52
C ASP A 40 6.51 6.36 -3.37
N ARG A 41 6.31 5.12 -2.93
CA ARG A 41 5.38 4.84 -1.85
C ARG A 41 5.90 5.39 -0.53
N ALA A 42 7.22 5.28 -0.33
CA ALA A 42 7.86 5.75 0.89
C ALA A 42 7.70 7.27 1.03
N ARG A 43 7.70 7.96 -0.11
CA ARG A 43 7.57 9.41 -0.13
C ARG A 43 6.12 9.83 0.11
N ALA A 44 5.20 9.10 -0.52
CA ALA A 44 3.78 9.39 -0.38
C ALA A 44 3.23 8.88 0.95
N ALA A 45 3.38 7.58 1.19
CA ALA A 45 2.92 6.97 2.43
C ALA A 45 3.45 7.71 3.64
N ALA A 46 4.50 8.50 3.44
CA ALA A 46 5.11 9.26 4.52
C ALA A 46 4.14 10.30 5.08
N VAL A 47 3.99 11.41 4.37
CA VAL A 47 3.08 12.47 4.78
C VAL A 47 1.90 12.59 3.83
N GLN A 48 2.05 12.06 2.63
CA GLN A 48 0.99 12.12 1.63
C GLN A 48 -0.14 11.17 1.99
N ALA A 49 0.19 10.12 2.75
CA ALA A 49 -0.80 9.14 3.16
C ALA A 49 -1.09 9.25 4.66
N VAL A 50 -0.34 10.11 5.33
CA VAL A 50 -0.51 10.31 6.76
C VAL A 50 -1.40 11.51 7.06
N PRO A 51 -1.87 12.17 5.98
CA PRO A 51 -2.73 13.35 6.09
C PRO A 51 -4.12 13.00 6.61
N GLY A 52 -4.55 11.77 6.39
CA GLY A 52 -5.85 11.33 6.83
C GLY A 52 -5.84 10.86 8.28
N GLY A 53 -4.96 9.91 8.58
CA GLY A 53 -4.86 9.38 9.93
C GLY A 53 -3.63 8.55 10.14
N THR A 54 -3.18 7.87 9.09
CA THR A 54 -2.00 7.01 9.16
C THR A 54 -1.15 7.14 7.90
N ALA A 55 0.16 7.03 8.07
CA ALA A 55 1.08 7.13 6.94
C ALA A 55 1.06 5.86 6.10
N GLY A 56 -0.01 5.70 5.32
CA GLY A 56 -0.14 4.53 4.47
C GLY A 56 -0.99 4.78 3.25
N GLU A 57 -0.36 4.82 2.08
CA GLU A 57 -1.08 5.06 0.84
C GLU A 57 -1.30 3.75 0.08
N VAL A 58 -1.59 3.87 -1.22
CA VAL A 58 -1.83 2.69 -2.05
C VAL A 58 -0.97 2.73 -3.31
N GLU A 59 -0.49 1.57 -3.73
CA GLU A 59 0.35 1.47 -4.92
C GLU A 59 -0.41 0.79 -6.06
N THR A 60 -0.02 1.11 -7.29
CA THR A 60 -0.67 0.55 -8.46
C THR A 60 0.37 0.04 -9.47
N GLU A 61 0.52 -1.27 -9.55
CA GLU A 61 1.49 -1.88 -10.46
C GLU A 61 0.87 -3.09 -11.17
N THR A 62 1.53 -3.55 -12.23
CA THR A 62 1.05 -4.69 -12.99
C THR A 62 2.12 -5.78 -13.08
N GLY A 63 1.84 -6.93 -12.48
CA GLY A 63 2.79 -8.03 -12.50
C GLY A 63 2.33 -9.17 -13.38
N GLU A 64 2.75 -10.39 -13.05
CA GLU A 64 2.38 -11.57 -13.82
C GLU A 64 0.97 -12.02 -13.49
N GLY A 65 0.50 -11.64 -12.30
CA GLY A 65 -0.84 -12.01 -11.88
C GLY A 65 -1.91 -11.15 -12.52
N ALA A 66 -2.69 -10.47 -11.70
CA ALA A 66 -3.76 -9.61 -12.20
C ALA A 66 -3.57 -8.17 -11.71
N ALA A 67 -3.92 -7.93 -10.45
CA ALA A 67 -3.80 -6.61 -9.86
C ALA A 67 -2.57 -6.52 -8.95
N ALA A 68 -1.45 -6.09 -9.52
CA ALA A 68 -0.22 -5.96 -8.76
C ALA A 68 -0.15 -4.62 -8.03
N TYR A 69 -0.94 -4.50 -6.97
CA TYR A 69 -0.98 -3.27 -6.19
C TYR A 69 -0.28 -3.46 -4.85
N GLY A 70 0.01 -2.35 -4.17
CA GLY A 70 0.67 -2.41 -2.88
C GLY A 70 0.23 -1.30 -1.95
N VAL A 71 -0.48 -1.66 -0.89
CA VAL A 71 -0.96 -0.69 0.09
C VAL A 71 -0.10 -0.71 1.34
N LEU A 72 0.55 0.41 1.62
CA LEU A 72 1.40 0.53 2.80
C LEU A 72 0.72 1.35 3.89
N VAL A 73 0.97 0.98 5.14
CA VAL A 73 0.38 1.68 6.28
C VAL A 73 1.28 1.60 7.50
N THR A 74 1.74 2.76 7.98
CA THR A 74 2.60 2.81 9.15
C THR A 74 2.71 4.23 9.69
N ARG A 75 3.92 4.65 10.04
CA ARG A 75 4.16 5.98 10.57
C ARG A 75 4.76 6.89 9.50
N PRO A 76 4.45 8.20 9.59
CA PRO A 76 4.96 9.19 8.65
C PRO A 76 6.45 9.43 8.79
N ASP A 77 7.10 8.63 9.63
CA ASP A 77 8.53 8.75 9.86
C ASP A 77 9.32 7.95 8.82
N GLY A 78 8.80 7.92 7.60
CA GLY A 78 9.46 7.18 6.53
C GLY A 78 9.18 5.69 6.59
N THR A 79 8.53 5.25 7.67
CA THR A 79 8.21 3.85 7.85
C THR A 79 6.82 3.54 7.31
N ARG A 80 6.74 2.55 6.42
CA ARG A 80 5.46 2.16 5.83
C ARG A 80 5.41 0.65 5.60
N VAL A 81 4.24 0.07 5.79
CA VAL A 81 4.06 -1.37 5.59
C VAL A 81 3.32 -1.66 4.28
N GLU A 82 4.09 -1.80 3.20
CA GLU A 82 3.51 -2.09 1.89
C GLU A 82 2.97 -3.51 1.83
N VAL A 83 1.69 -3.65 1.53
CA VAL A 83 1.06 -4.96 1.44
C VAL A 83 0.88 -5.38 -0.02
N HIS A 84 1.13 -6.66 -0.28
CA HIS A 84 1.00 -7.20 -1.64
C HIS A 84 -0.41 -7.71 -1.89
N LEU A 85 -1.11 -7.07 -2.81
CA LEU A 85 -2.48 -7.44 -3.15
C LEU A 85 -2.62 -7.71 -4.65
N ASP A 86 -2.72 -8.98 -5.01
CA ASP A 86 -2.85 -9.37 -6.41
C ASP A 86 -3.93 -10.43 -6.58
N ARG A 87 -4.86 -10.20 -7.50
CA ARG A 87 -5.94 -11.14 -7.75
C ARG A 87 -5.40 -12.50 -8.15
N ASP A 88 -4.07 -12.65 -8.07
CA ASP A 88 -3.43 -13.91 -8.42
C ASP A 88 -3.85 -15.02 -7.47
N PHE A 89 -4.60 -14.67 -6.44
CA PHE A 89 -5.07 -15.64 -5.46
C PHE A 89 -3.91 -16.13 -4.58
N ARG A 90 -2.78 -15.43 -4.66
CA ARG A 90 -1.61 -15.78 -3.88
C ARG A 90 -0.90 -14.55 -3.36
N VAL A 91 -1.48 -13.38 -3.63
CA VAL A 91 -0.90 -12.11 -3.19
C VAL A 91 -1.86 -11.37 -2.27
N LEU A 92 -1.88 -11.75 -1.00
CA LEU A 92 -2.74 -11.12 -0.01
C LEU A 92 -2.00 -10.87 1.29
N ASP A 93 -0.69 -11.04 1.25
CA ASP A 93 0.15 -10.83 2.43
C ASP A 93 0.70 -9.41 2.46
N THR A 94 1.26 -9.02 3.60
CA THR A 94 1.81 -7.68 3.76
C THR A 94 3.33 -7.72 3.81
N GLU A 95 3.97 -6.55 3.68
CA GLU A 95 5.41 -6.47 3.71
C GLU A 95 5.87 -5.18 4.39
N PRO A 96 6.63 -5.32 5.48
CA PRO A 96 7.14 -4.18 6.25
C PRO A 96 8.20 -3.41 5.49
N ALA A 97 7.92 -2.12 5.24
CA ALA A 97 8.86 -1.27 4.51
C ALA A 97 9.35 -0.13 5.40
N ASP A 98 10.44 0.50 4.99
CA ASP A 98 11.01 1.62 5.75
C ASP A 98 11.17 2.84 4.87
N GLY A 99 12.33 3.50 4.98
CA GLY A 99 12.59 4.68 4.17
C GLY A 99 13.49 4.40 3.00
N ASP A 100 14.15 3.25 3.02
CA ASP A 100 15.06 2.86 1.95
C ASP A 100 14.33 2.05 0.89
N GLY A 101 13.58 1.05 1.33
CA GLY A 101 12.83 0.21 0.40
C GLY A 101 13.51 -1.13 0.16
N GLY A 102 14.35 -1.55 1.11
CA GLY A 102 15.04 -2.81 0.97
C GLY A 102 16.25 -2.91 1.87
N ASP A 11 -8.12 -1.28 -2.68
CA ASP A 11 -9.45 -1.18 -3.28
C ASP A 11 -9.41 -1.53 -4.75
N TYR A 12 -8.31 -1.18 -5.41
CA TYR A 12 -8.15 -1.46 -6.84
C TYR A 12 -8.03 -2.97 -7.09
N ASP A 13 -7.63 -3.70 -6.05
CA ASP A 13 -7.48 -5.15 -6.16
C ASP A 13 -8.82 -5.81 -6.46
N ILE A 14 -8.93 -7.10 -6.14
CA ILE A 14 -10.15 -7.85 -6.37
C ILE A 14 -11.21 -7.51 -5.33
N PRO A 15 -12.47 -7.82 -5.65
CA PRO A 15 -13.60 -7.57 -4.75
C PRO A 15 -13.59 -8.48 -3.53
N THR A 16 -12.62 -9.40 -3.50
CA THR A 16 -12.50 -10.34 -2.38
C THR A 16 -11.04 -10.71 -2.13
N THR A 17 -10.33 -9.82 -1.45
CA THR A 17 -8.92 -10.06 -1.14
C THR A 17 -8.75 -10.58 0.27
N GLU A 18 -7.52 -10.57 0.76
CA GLU A 18 -7.20 -11.05 2.10
C GLU A 18 -7.55 -9.98 3.15
N ASN A 19 -6.51 -9.29 3.61
CA ASN A 19 -6.69 -8.24 4.62
C ASN A 19 -6.69 -6.86 3.97
N LEU A 20 -6.74 -6.84 2.64
CA LEU A 20 -6.74 -5.58 1.90
C LEU A 20 -8.00 -4.77 2.21
N TYR A 21 -9.04 -5.45 2.68
CA TYR A 21 -10.29 -4.79 3.01
C TYR A 21 -10.25 -4.18 4.40
N PHE A 22 -9.06 -4.21 5.02
CA PHE A 22 -8.88 -3.67 6.36
C PHE A 22 -8.06 -2.38 6.30
N GLN A 23 -7.01 -2.38 5.49
CA GLN A 23 -6.15 -1.22 5.36
C GLN A 23 -6.90 -0.05 4.73
N GLY A 24 -7.61 -0.34 3.63
CA GLY A 24 -8.37 0.69 2.95
C GLY A 24 -9.12 1.60 3.90
N ALA A 25 -9.51 1.04 5.05
CA ALA A 25 -10.24 1.81 6.05
C ALA A 25 -9.53 3.12 6.37
N MET A 26 -8.29 3.03 6.83
CA MET A 26 -7.51 4.20 7.17
C MET A 26 -7.10 4.97 5.91
N ALA A 27 -7.33 4.35 4.76
CA ALA A 27 -6.99 4.98 3.48
C ALA A 27 -8.07 5.95 3.05
N PHE A 28 -9.25 5.83 3.63
CA PHE A 28 -10.37 6.70 3.30
C PHE A 28 -10.24 8.05 4.00
N ASP A 29 -9.11 8.24 4.68
CA ASP A 29 -8.86 9.49 5.40
C ASP A 29 -8.52 10.62 4.42
N GLY A 30 -7.26 10.68 4.00
CA GLY A 30 -6.84 11.71 3.07
C GLY A 30 -5.58 11.34 2.33
N GLU A 31 -5.19 10.07 2.41
CA GLU A 31 -3.98 9.58 1.75
C GLU A 31 -4.15 9.64 0.23
N ASP A 32 -3.05 9.44 -0.49
CA ASP A 32 -3.07 9.47 -1.94
C ASP A 32 -2.78 8.09 -2.51
N GLU A 33 -2.16 8.06 -3.69
CA GLU A 33 -1.84 6.79 -4.34
C GLU A 33 -0.33 6.66 -4.54
N VAL A 34 0.10 5.46 -4.93
CA VAL A 34 1.52 5.20 -5.16
C VAL A 34 1.79 4.82 -6.61
N THR A 35 3.06 4.77 -6.98
CA THR A 35 3.45 4.42 -8.33
C THR A 35 3.67 2.91 -8.47
N GLY A 36 4.30 2.31 -7.47
CA GLY A 36 4.56 0.89 -7.51
C GLY A 36 5.64 0.47 -6.53
N PRO A 37 6.85 0.99 -6.73
CA PRO A 37 8.00 0.68 -5.87
C PRO A 37 7.87 1.29 -4.49
N ASP A 38 8.56 0.70 -3.51
CA ASP A 38 8.52 1.19 -2.14
C ASP A 38 9.07 2.61 -2.05
N ALA A 39 9.95 2.97 -2.98
CA ALA A 39 10.55 4.29 -3.01
C ALA A 39 9.47 5.37 -3.12
N ASP A 40 8.41 5.07 -3.87
CA ASP A 40 7.32 6.02 -4.06
C ASP A 40 6.34 5.94 -2.89
N ARG A 41 6.13 4.74 -2.37
CA ARG A 41 5.21 4.53 -1.26
C ARG A 41 5.77 5.12 0.02
N ALA A 42 7.06 4.90 0.26
CA ALA A 42 7.72 5.40 1.46
C ALA A 42 7.88 6.92 1.39
N ARG A 43 8.11 7.43 0.19
CA ARG A 43 8.28 8.86 -0.02
C ARG A 43 6.93 9.58 -0.04
N ALA A 44 5.95 8.97 -0.70
CA ALA A 44 4.62 9.55 -0.80
C ALA A 44 3.84 9.35 0.49
N ALA A 45 3.61 8.10 0.86
CA ALA A 45 2.87 7.78 2.08
C ALA A 45 3.48 8.48 3.28
N ALA A 46 4.75 8.86 3.16
CA ALA A 46 5.46 9.54 4.24
C ALA A 46 4.68 10.78 4.70
N VAL A 47 4.64 11.79 3.84
CA VAL A 47 3.94 13.03 4.15
C VAL A 47 2.70 13.20 3.27
N GLN A 48 2.60 12.37 2.25
CA GLN A 48 1.47 12.42 1.32
C GLN A 48 0.27 11.67 1.88
N ALA A 49 0.54 10.57 2.60
CA ALA A 49 -0.51 9.76 3.19
C ALA A 49 -0.58 9.97 4.70
N VAL A 50 0.36 10.73 5.23
CA VAL A 50 0.41 11.01 6.67
C VAL A 50 -0.33 12.30 7.00
N PRO A 51 -0.70 13.06 5.95
CA PRO A 51 -1.41 14.32 6.10
C PRO A 51 -2.83 14.13 6.60
N GLY A 52 -3.38 12.94 6.38
CA GLY A 52 -4.74 12.65 6.81
C GLY A 52 -4.81 12.21 8.26
N GLY A 53 -4.03 11.18 8.59
CA GLY A 53 -4.02 10.66 9.95
C GLY A 53 -2.80 9.81 10.24
N THR A 54 -2.36 9.05 9.24
CA THR A 54 -1.21 8.18 9.39
C THR A 54 -0.44 8.05 8.08
N ALA A 55 0.85 7.78 8.18
CA ALA A 55 1.70 7.63 7.00
C ALA A 55 1.40 6.32 6.27
N GLY A 56 0.28 6.28 5.56
CA GLY A 56 -0.09 5.08 4.84
C GLY A 56 -0.85 5.40 3.56
N GLU A 57 -0.16 5.26 2.42
CA GLU A 57 -0.77 5.52 1.13
C GLU A 57 -1.25 4.24 0.47
N VAL A 58 -1.64 4.34 -0.79
CA VAL A 58 -2.12 3.17 -1.54
C VAL A 58 -1.40 3.04 -2.88
N GLU A 59 -1.06 1.81 -3.24
CA GLU A 59 -0.37 1.54 -4.50
C GLU A 59 -1.31 0.91 -5.51
N THR A 60 -1.36 1.50 -6.71
CA THR A 60 -2.23 1.00 -7.77
C THR A 60 -1.41 0.56 -8.98
N GLU A 61 -1.10 -0.73 -9.05
CA GLU A 61 -0.33 -1.28 -10.16
C GLU A 61 -0.92 -2.60 -10.63
N THR A 62 -0.44 -3.07 -11.78
CA THR A 62 -0.92 -4.33 -12.36
C THR A 62 0.02 -5.49 -12.01
N GLY A 63 1.25 -5.15 -11.65
CA GLY A 63 2.22 -6.17 -11.30
C GLY A 63 2.32 -7.25 -12.35
N GLU A 64 2.83 -8.42 -11.95
CA GLU A 64 2.98 -9.54 -12.86
C GLU A 64 1.70 -10.38 -12.91
N GLY A 65 0.94 -10.33 -11.82
CA GLY A 65 -0.30 -11.09 -11.75
C GLY A 65 -1.45 -10.39 -12.45
N ALA A 66 -2.48 -10.04 -11.68
CA ALA A 66 -3.64 -9.36 -12.22
C ALA A 66 -3.85 -8.01 -11.57
N ALA A 67 -4.14 -8.01 -10.28
CA ALA A 67 -4.36 -6.78 -9.54
C ALA A 67 -3.25 -6.55 -8.52
N ALA A 68 -2.23 -5.77 -8.92
CA ALA A 68 -1.11 -5.47 -8.04
C ALA A 68 -1.39 -4.25 -7.19
N TYR A 69 -2.07 -4.46 -6.06
CA TYR A 69 -2.40 -3.36 -5.16
C TYR A 69 -1.62 -3.48 -3.86
N GLY A 70 -0.88 -2.41 -3.54
CA GLY A 70 -0.08 -2.41 -2.31
C GLY A 70 -0.37 -1.21 -1.44
N VAL A 71 -0.99 -1.45 -0.29
CA VAL A 71 -1.32 -0.38 0.64
C VAL A 71 -0.42 -0.41 1.88
N LEU A 72 0.30 0.68 2.10
CA LEU A 72 1.20 0.77 3.24
C LEU A 72 0.72 1.83 4.23
N VAL A 73 0.74 1.49 5.51
CA VAL A 73 0.30 2.41 6.56
C VAL A 73 1.13 2.23 7.82
N THR A 74 1.77 3.31 8.27
CA THR A 74 2.59 3.27 9.48
C THR A 74 3.04 4.67 9.87
N ARG A 75 4.35 4.84 10.04
CA ARG A 75 4.91 6.12 10.43
C ARG A 75 5.62 6.78 9.24
N PRO A 76 5.55 8.12 9.20
CA PRO A 76 6.17 8.91 8.12
C PRO A 76 7.69 8.88 8.20
N ASP A 77 8.23 7.99 9.03
CA ASP A 77 9.67 7.87 9.20
C ASP A 77 10.25 6.84 8.23
N GLY A 78 9.59 6.67 7.08
CA GLY A 78 10.05 5.72 6.09
C GLY A 78 9.67 4.30 6.43
N THR A 79 9.20 4.10 7.67
CA THR A 79 8.81 2.77 8.12
C THR A 79 7.31 2.56 7.98
N ARG A 80 6.91 1.79 6.98
CA ARG A 80 5.50 1.51 6.75
C ARG A 80 5.28 0.04 6.39
N VAL A 81 4.03 -0.40 6.43
CA VAL A 81 3.69 -1.78 6.12
C VAL A 81 2.83 -1.86 4.87
N GLU A 82 3.44 -2.16 3.74
CA GLU A 82 2.73 -2.27 2.47
C GLU A 82 2.15 -3.67 2.30
N VAL A 83 0.84 -3.74 2.05
CA VAL A 83 0.17 -5.01 1.86
C VAL A 83 0.12 -5.40 0.38
N HIS A 84 0.82 -6.46 0.04
CA HIS A 84 0.87 -6.93 -1.34
C HIS A 84 -0.30 -7.87 -1.64
N LEU A 85 -1.22 -7.42 -2.49
CA LEU A 85 -2.39 -8.22 -2.85
C LEU A 85 -2.55 -8.28 -4.37
N ASP A 86 -2.55 -9.50 -4.90
CA ASP A 86 -2.71 -9.71 -6.33
C ASP A 86 -3.65 -10.87 -6.62
N ARG A 87 -4.56 -10.66 -7.56
CA ARG A 87 -5.53 -11.69 -7.92
C ARG A 87 -4.81 -12.96 -8.42
N ASP A 88 -3.48 -12.93 -8.38
CA ASP A 88 -2.69 -14.06 -8.82
C ASP A 88 -2.90 -15.27 -7.91
N PHE A 89 -3.70 -15.08 -6.87
CA PHE A 89 -3.98 -16.16 -5.92
C PHE A 89 -2.75 -16.52 -5.11
N ARG A 90 -1.71 -15.69 -5.22
CA ARG A 90 -0.46 -15.92 -4.51
C ARG A 90 0.05 -14.64 -3.87
N VAL A 91 -0.68 -13.54 -4.08
CA VAL A 91 -0.31 -12.25 -3.53
C VAL A 91 -1.36 -11.74 -2.56
N LEU A 92 -1.20 -12.07 -1.29
CA LEU A 92 -2.15 -11.64 -0.26
C LEU A 92 -1.43 -11.39 1.06
N ASP A 93 -0.11 -11.30 1.01
CA ASP A 93 0.69 -11.07 2.20
C ASP A 93 1.37 -9.70 2.15
N THR A 94 1.41 -9.02 3.28
CA THR A 94 2.02 -7.70 3.36
C THR A 94 3.53 -7.80 3.64
N GLU A 95 4.28 -6.81 3.17
CA GLU A 95 5.72 -6.80 3.37
C GLU A 95 6.16 -5.51 4.06
N PRO A 96 7.25 -5.59 4.85
CA PRO A 96 7.79 -4.44 5.57
C PRO A 96 8.43 -3.42 4.65
N ALA A 97 8.26 -2.14 4.99
CA ALA A 97 8.81 -1.05 4.19
C ALA A 97 9.81 -0.24 5.00
N ASP A 98 11.09 -0.34 4.64
CA ASP A 98 12.14 0.39 5.34
C ASP A 98 12.52 1.65 4.57
N GLY A 99 11.79 1.92 3.48
CA GLY A 99 12.07 3.08 2.68
C GLY A 99 13.20 2.85 1.69
N ASP A 100 14.03 1.85 1.97
CA ASP A 100 15.15 1.53 1.09
C ASP A 100 14.79 0.40 0.15
N GLY A 101 13.71 -0.32 0.47
CA GLY A 101 13.28 -1.44 -0.37
C GLY A 101 12.87 -0.99 -1.75
N GLY A 102 12.67 0.31 -1.92
CA GLY A 102 12.26 0.84 -3.21
C GLY A 102 13.26 0.53 -4.30
N ASP A 11 -7.87 -1.74 -3.15
CA ASP A 11 -9.19 -1.52 -3.74
C ASP A 11 -9.24 -2.09 -5.16
N TYR A 12 -8.14 -1.98 -5.88
CA TYR A 12 -8.06 -2.49 -7.25
C TYR A 12 -8.12 -4.01 -7.27
N ASP A 13 -7.52 -4.64 -6.28
CA ASP A 13 -7.51 -6.10 -6.18
C ASP A 13 -8.92 -6.63 -5.92
N ILE A 14 -9.00 -7.88 -5.50
CA ILE A 14 -10.28 -8.51 -5.21
C ILE A 14 -10.83 -8.06 -3.87
N PRO A 15 -12.10 -7.62 -3.85
CA PRO A 15 -12.77 -7.15 -2.64
C PRO A 15 -13.05 -8.29 -1.66
N THR A 16 -12.36 -9.41 -1.84
CA THR A 16 -12.53 -10.56 -0.98
C THR A 16 -11.20 -11.21 -0.65
N THR A 17 -10.14 -10.41 -0.67
CA THR A 17 -8.80 -10.91 -0.37
C THR A 17 -8.62 -11.16 1.12
N GLU A 18 -7.37 -11.37 1.54
CA GLU A 18 -7.07 -11.61 2.94
C GLU A 18 -7.43 -10.41 3.80
N ASN A 19 -6.41 -9.65 4.21
CA ASN A 19 -6.62 -8.47 5.03
C ASN A 19 -6.62 -7.21 4.18
N LEU A 20 -6.62 -7.39 2.87
CA LEU A 20 -6.62 -6.26 1.94
C LEU A 20 -7.91 -5.46 2.06
N TYR A 21 -8.90 -6.03 2.75
CA TYR A 21 -10.19 -5.36 2.94
C TYR A 21 -10.22 -4.63 4.28
N PHE A 22 -9.07 -4.58 4.94
CA PHE A 22 -8.97 -3.90 6.23
C PHE A 22 -8.22 -2.58 6.10
N GLN A 23 -7.16 -2.59 5.30
CA GLN A 23 -6.35 -1.39 5.09
C GLN A 23 -7.16 -0.32 4.36
N GLY A 24 -7.83 -0.71 3.29
CA GLY A 24 -8.62 0.23 2.52
C GLY A 24 -9.43 1.15 3.40
N ALA A 25 -9.86 0.65 4.56
CA ALA A 25 -10.65 1.44 5.50
C ALA A 25 -9.97 2.77 5.80
N MET A 26 -8.80 2.69 6.43
CA MET A 26 -8.06 3.89 6.79
C MET A 26 -7.47 4.56 5.54
N ALA A 27 -7.60 3.89 4.40
CA ALA A 27 -7.10 4.42 3.14
C ALA A 27 -8.03 5.50 2.59
N PHE A 28 -9.27 5.50 3.06
CA PHE A 28 -10.25 6.47 2.61
C PHE A 28 -10.03 7.82 3.29
N ASP A 29 -8.95 7.92 4.05
CA ASP A 29 -8.63 9.15 4.76
C ASP A 29 -7.80 10.08 3.88
N GLY A 30 -6.49 9.82 3.82
CA GLY A 30 -5.61 10.65 3.01
C GLY A 30 -4.71 9.82 2.12
N GLU A 31 -5.04 8.54 1.97
CA GLU A 31 -4.24 7.64 1.14
C GLU A 31 -4.09 8.20 -0.28
N ASP A 32 -2.91 8.75 -0.57
CA ASP A 32 -2.65 9.32 -1.88
C ASP A 32 -2.37 8.22 -2.90
N GLU A 33 -1.92 8.62 -4.09
CA GLU A 33 -1.61 7.67 -5.15
C GLU A 33 -0.13 7.69 -5.50
N VAL A 34 0.49 6.51 -5.44
CA VAL A 34 1.92 6.38 -5.75
C VAL A 34 2.17 6.58 -7.23
N THR A 35 3.43 6.85 -7.58
CA THR A 35 3.81 7.07 -8.97
C THR A 35 4.11 5.74 -9.66
N GLY A 36 4.87 4.88 -8.99
CA GLY A 36 5.21 3.59 -9.56
C GLY A 36 5.83 2.66 -8.54
N PRO A 37 7.14 2.83 -8.30
CA PRO A 37 7.89 2.01 -7.35
C PRO A 37 7.49 2.29 -5.90
N ASP A 38 7.95 1.44 -4.99
CA ASP A 38 7.64 1.59 -3.57
C ASP A 38 8.31 2.83 -3.01
N ALA A 39 9.42 3.23 -3.61
CA ALA A 39 10.16 4.41 -3.17
C ALA A 39 9.24 5.63 -3.05
N ASP A 40 8.18 5.64 -3.87
CA ASP A 40 7.23 6.75 -3.85
C ASP A 40 6.29 6.64 -2.66
N ARG A 41 6.02 5.41 -2.23
CA ARG A 41 5.13 5.17 -1.09
C ARG A 41 5.63 5.91 0.15
N ALA A 42 6.95 5.92 0.33
CA ALA A 42 7.56 6.59 1.47
C ALA A 42 7.44 8.11 1.36
N ARG A 43 7.43 8.61 0.13
CA ARG A 43 7.32 10.03 -0.14
C ARG A 43 5.90 10.52 0.12
N ALA A 44 4.92 9.77 -0.39
CA ALA A 44 3.51 10.13 -0.22
C ALA A 44 3.03 9.76 1.18
N ALA A 45 3.14 8.47 1.52
CA ALA A 45 2.71 8.00 2.83
C ALA A 45 3.35 8.81 3.96
N ALA A 46 4.42 9.52 3.62
CA ALA A 46 5.12 10.34 4.61
C ALA A 46 4.22 11.44 5.15
N VAL A 47 3.88 12.39 4.30
CA VAL A 47 3.02 13.50 4.70
C VAL A 47 1.77 13.58 3.83
N GLN A 48 1.80 12.86 2.71
CA GLN A 48 0.66 12.84 1.79
C GLN A 48 -0.43 11.90 2.29
N ALA A 49 -0.02 10.74 2.80
CA ALA A 49 -0.97 9.76 3.32
C ALA A 49 -0.97 9.75 4.84
N VAL A 50 -0.16 10.61 5.44
CA VAL A 50 -0.07 10.70 6.89
C VAL A 50 -1.02 11.76 7.43
N PRO A 51 -1.56 12.59 6.53
CA PRO A 51 -2.49 13.66 6.89
C PRO A 51 -3.84 13.12 7.33
N GLY A 52 -4.25 11.99 6.75
CA GLY A 52 -5.52 11.39 7.10
C GLY A 52 -5.55 10.87 8.52
N GLY A 53 -4.55 10.07 8.87
CA GLY A 53 -4.48 9.51 10.21
C GLY A 53 -3.15 8.83 10.49
N THR A 54 -2.57 8.22 9.46
CA THR A 54 -1.30 7.54 9.60
C THR A 54 -0.50 7.57 8.29
N ALA A 55 0.81 7.38 8.39
CA ALA A 55 1.67 7.39 7.22
C ALA A 55 1.45 6.14 6.37
N GLY A 56 0.37 6.14 5.60
CA GLY A 56 0.06 5.01 4.75
C GLY A 56 -0.58 5.42 3.43
N GLU A 57 0.19 5.32 2.35
CA GLU A 57 -0.32 5.70 1.04
C GLU A 57 -0.69 4.46 0.23
N VAL A 58 -0.74 4.60 -1.09
CA VAL A 58 -1.10 3.50 -1.97
C VAL A 58 -0.04 3.30 -3.05
N GLU A 59 0.55 2.12 -3.10
CA GLU A 59 1.57 1.81 -4.09
C GLU A 59 0.95 1.12 -5.31
N THR A 60 1.77 0.95 -6.35
CA THR A 60 1.30 0.31 -7.58
C THR A 60 2.01 -1.02 -7.80
N GLU A 61 1.23 -2.08 -8.04
CA GLU A 61 1.79 -3.40 -8.28
C GLU A 61 0.99 -4.14 -9.34
N THR A 62 1.41 -4.00 -10.60
CA THR A 62 0.74 -4.66 -11.70
C THR A 62 1.40 -5.99 -12.05
N GLY A 63 0.60 -6.94 -12.53
CA GLY A 63 1.13 -8.24 -12.89
C GLY A 63 0.63 -8.72 -14.24
N GLU A 64 1.08 -9.91 -14.64
CA GLU A 64 0.67 -10.47 -15.92
C GLU A 64 -0.74 -11.04 -15.85
N GLY A 65 -1.17 -11.38 -14.64
CA GLY A 65 -2.51 -11.93 -14.45
C GLY A 65 -3.53 -10.86 -14.12
N ALA A 66 -4.12 -10.95 -12.94
CA ALA A 66 -5.13 -9.98 -12.50
C ALA A 66 -4.64 -9.22 -11.28
N ALA A 67 -3.36 -8.88 -11.26
CA ALA A 67 -2.78 -8.14 -10.14
C ALA A 67 -3.48 -6.80 -9.95
N ALA A 68 -2.92 -5.97 -9.08
CA ALA A 68 -3.48 -4.64 -8.80
C ALA A 68 -2.43 -3.69 -8.28
N TYR A 69 -2.34 -3.58 -6.95
CA TYR A 69 -1.37 -2.70 -6.32
C TYR A 69 -1.17 -3.07 -4.85
N GLY A 70 -0.60 -2.14 -4.09
CA GLY A 70 -0.36 -2.39 -2.68
C GLY A 70 -0.65 -1.17 -1.82
N VAL A 71 -0.94 -1.41 -0.55
CA VAL A 71 -1.23 -0.32 0.38
C VAL A 71 -0.33 -0.38 1.60
N LEU A 72 0.42 0.69 1.83
CA LEU A 72 1.33 0.77 2.96
C LEU A 72 0.86 1.82 3.97
N VAL A 73 1.04 1.52 5.26
CA VAL A 73 0.63 2.43 6.32
C VAL A 73 1.40 2.15 7.60
N THR A 74 2.04 3.18 8.14
CA THR A 74 2.81 3.04 9.37
C THR A 74 3.20 4.40 9.93
N ARG A 75 4.49 4.60 10.15
CA ARG A 75 5.01 5.86 10.68
C ARG A 75 5.75 6.64 9.61
N PRO A 76 5.54 7.96 9.59
CA PRO A 76 6.18 8.85 8.62
C PRO A 76 7.68 9.00 8.87
N ASP A 77 8.23 8.12 9.69
CA ASP A 77 9.65 8.14 10.01
C ASP A 77 10.42 7.20 9.10
N GLY A 78 9.87 6.92 7.93
CA GLY A 78 10.52 6.04 6.98
C GLY A 78 10.02 4.61 7.08
N THR A 79 9.34 4.30 8.18
CA THR A 79 8.80 2.95 8.39
C THR A 79 7.35 2.86 7.92
N ARG A 80 7.09 1.93 6.99
CA ARG A 80 5.75 1.75 6.46
C ARG A 80 5.45 0.27 6.24
N VAL A 81 4.17 -0.06 6.14
CA VAL A 81 3.76 -1.45 5.92
C VAL A 81 3.02 -1.60 4.59
N GLU A 82 3.79 -1.80 3.53
CA GLU A 82 3.21 -1.97 2.19
C GLU A 82 2.64 -3.37 2.02
N VAL A 83 1.34 -3.44 1.72
CA VAL A 83 0.67 -4.72 1.53
C VAL A 83 0.51 -5.04 0.05
N HIS A 84 0.77 -6.30 -0.31
CA HIS A 84 0.66 -6.74 -1.70
C HIS A 84 -0.73 -7.30 -1.98
N LEU A 85 -1.44 -6.66 -2.89
CA LEU A 85 -2.79 -7.09 -3.26
C LEU A 85 -2.88 -7.40 -4.75
N ASP A 86 -2.84 -8.68 -5.09
CA ASP A 86 -2.92 -9.09 -6.49
C ASP A 86 -3.76 -10.36 -6.63
N ARG A 87 -4.70 -10.33 -7.57
CA ARG A 87 -5.58 -11.48 -7.80
C ARG A 87 -4.78 -12.71 -8.21
N ASP A 88 -3.46 -12.63 -8.05
CA ASP A 88 -2.58 -13.74 -8.38
C ASP A 88 -2.84 -14.94 -7.49
N PHE A 89 -3.71 -14.75 -6.49
CA PHE A 89 -4.04 -15.82 -5.55
C PHE A 89 -2.89 -16.06 -4.57
N ARG A 90 -1.87 -15.21 -4.64
CA ARG A 90 -0.72 -15.33 -3.76
C ARG A 90 -0.23 -13.96 -3.30
N VAL A 91 -1.01 -12.92 -3.62
CA VAL A 91 -0.66 -11.57 -3.24
C VAL A 91 -1.71 -10.96 -2.32
N LEU A 92 -1.80 -11.47 -1.10
CA LEU A 92 -2.76 -10.98 -0.13
C LEU A 92 -2.07 -10.66 1.21
N ASP A 93 -0.75 -10.66 1.20
CA ASP A 93 0.03 -10.37 2.40
C ASP A 93 0.71 -9.01 2.29
N THR A 94 1.43 -8.63 3.34
CA THR A 94 2.14 -7.36 3.37
C THR A 94 3.62 -7.54 3.67
N GLU A 95 4.39 -6.47 3.54
CA GLU A 95 5.82 -6.52 3.80
C GLU A 95 6.31 -5.21 4.42
N PRO A 96 7.46 -5.27 5.09
CA PRO A 96 8.07 -4.10 5.74
C PRO A 96 8.58 -3.08 4.73
N ALA A 97 7.87 -1.96 4.61
CA ALA A 97 8.26 -0.91 3.69
C ALA A 97 9.44 -0.11 4.23
N ASP A 98 10.58 -0.23 3.57
CA ASP A 98 11.79 0.48 3.99
C ASP A 98 11.83 1.88 3.39
N GLY A 99 10.74 2.27 2.72
CA GLY A 99 10.67 3.58 2.11
C GLY A 99 11.41 3.64 0.79
N ASP A 100 12.33 2.71 0.58
CA ASP A 100 13.11 2.66 -0.65
C ASP A 100 12.54 1.63 -1.62
N GLY A 101 11.99 0.54 -1.06
CA GLY A 101 11.43 -0.51 -1.88
C GLY A 101 12.48 -1.46 -2.40
N GLY A 102 13.60 -1.56 -1.70
CA GLY A 102 14.67 -2.46 -2.11
C GLY A 102 15.67 -2.70 -1.01
N ASP A 11 -7.82 -1.72 -2.43
CA ASP A 11 -9.22 -1.76 -2.85
C ASP A 11 -9.33 -1.64 -4.37
N TYR A 12 -8.21 -1.36 -5.02
CA TYR A 12 -8.19 -1.22 -6.47
C TYR A 12 -8.51 -2.55 -7.15
N ASP A 13 -7.74 -3.58 -6.82
CA ASP A 13 -7.94 -4.89 -7.40
C ASP A 13 -9.28 -5.48 -6.97
N ILE A 14 -9.23 -6.58 -6.21
CA ILE A 14 -10.44 -7.23 -5.73
C ILE A 14 -10.72 -6.87 -4.27
N PRO A 15 -11.76 -6.05 -4.07
CA PRO A 15 -12.17 -5.61 -2.73
C PRO A 15 -12.75 -6.74 -1.90
N THR A 16 -12.40 -7.97 -2.25
CA THR A 16 -12.89 -9.14 -1.53
C THR A 16 -11.75 -10.08 -1.16
N THR A 17 -10.53 -9.56 -1.17
CA THR A 17 -9.35 -10.35 -0.84
C THR A 17 -9.25 -10.60 0.66
N GLU A 18 -8.09 -11.07 1.11
CA GLU A 18 -7.86 -11.35 2.51
C GLU A 18 -8.01 -10.08 3.36
N ASN A 19 -6.90 -9.52 3.80
CA ASN A 19 -6.91 -8.31 4.61
C ASN A 19 -6.67 -7.08 3.75
N LEU A 20 -6.67 -7.27 2.43
CA LEU A 20 -6.44 -6.17 1.49
C LEU A 20 -7.58 -5.17 1.56
N TYR A 21 -8.70 -5.57 2.16
CA TYR A 21 -9.86 -4.71 2.29
C TYR A 21 -9.88 -4.04 3.66
N PHE A 22 -8.84 -4.26 4.45
CA PHE A 22 -8.74 -3.67 5.78
C PHE A 22 -7.76 -2.50 5.79
N GLN A 23 -6.64 -2.67 5.10
CA GLN A 23 -5.63 -1.62 5.03
C GLN A 23 -6.15 -0.41 4.26
N GLY A 24 -6.68 -0.66 3.07
CA GLY A 24 -7.20 0.42 2.26
C GLY A 24 -8.10 1.36 3.05
N ALA A 25 -8.73 0.84 4.08
CA ALA A 25 -9.62 1.63 4.92
C ALA A 25 -9.10 1.73 6.34
N MET A 26 -7.82 2.06 6.48
CA MET A 26 -7.20 2.20 7.79
C MET A 26 -7.73 3.42 8.53
N ALA A 27 -7.87 4.53 7.81
CA ALA A 27 -8.38 5.76 8.40
C ALA A 27 -9.66 6.21 7.72
N PHE A 28 -9.52 7.07 6.71
CA PHE A 28 -10.67 7.58 5.97
C PHE A 28 -10.28 7.92 4.54
N ASP A 29 -9.07 8.45 4.35
CA ASP A 29 -8.59 8.81 3.03
C ASP A 29 -7.10 8.51 2.89
N GLY A 30 -6.51 7.98 3.96
CA GLY A 30 -5.10 7.65 3.94
C GLY A 30 -4.72 6.77 2.76
N GLU A 31 -5.72 6.10 2.19
CA GLU A 31 -5.48 5.22 1.06
C GLU A 31 -5.48 6.01 -0.25
N ASP A 32 -4.28 6.25 -0.79
CA ASP A 32 -4.13 6.99 -2.03
C ASP A 32 -3.43 6.15 -3.09
N GLU A 33 -3.25 6.72 -4.28
CA GLU A 33 -2.59 6.01 -5.37
C GLU A 33 -1.14 6.46 -5.51
N VAL A 34 -0.22 5.51 -5.35
CA VAL A 34 1.20 5.80 -5.45
C VAL A 34 1.65 5.77 -6.91
N THR A 35 2.68 4.97 -7.19
CA THR A 35 3.21 4.85 -8.54
C THR A 35 3.56 3.40 -8.87
N GLY A 36 4.63 2.90 -8.25
CA GLY A 36 5.05 1.53 -8.49
C GLY A 36 6.07 1.04 -7.48
N PRO A 37 7.26 1.67 -7.51
CA PRO A 37 8.36 1.31 -6.60
C PRO A 37 8.06 1.71 -5.16
N ASP A 38 8.86 1.19 -4.23
CA ASP A 38 8.69 1.51 -2.82
C ASP A 38 9.12 2.94 -2.51
N ALA A 39 10.07 3.44 -3.30
CA ALA A 39 10.57 4.80 -3.11
C ALA A 39 9.44 5.81 -3.15
N ASP A 40 8.42 5.52 -3.95
CA ASP A 40 7.27 6.41 -4.07
C ASP A 40 6.29 6.19 -2.92
N ARG A 41 6.22 4.95 -2.43
CA ARG A 41 5.32 4.61 -1.33
C ARG A 41 5.79 5.25 -0.03
N ALA A 42 7.09 5.20 0.22
CA ALA A 42 7.66 5.78 1.43
C ALA A 42 7.62 7.30 1.38
N ARG A 43 7.77 7.86 0.18
CA ARG A 43 7.76 9.30 0.00
C ARG A 43 6.33 9.83 -0.03
N ALA A 44 5.46 9.10 -0.71
CA ALA A 44 4.06 9.50 -0.83
C ALA A 44 3.30 9.22 0.47
N ALA A 45 3.22 7.95 0.84
CA ALA A 45 2.52 7.55 2.06
C ALA A 45 3.06 8.33 3.27
N ALA A 46 4.27 8.84 3.14
CA ALA A 46 4.88 9.61 4.21
C ALA A 46 3.97 10.73 4.70
N VAL A 47 3.77 11.73 3.85
CA VAL A 47 2.91 12.86 4.20
C VAL A 47 1.65 12.86 3.35
N GLN A 48 1.65 12.06 2.28
CA GLN A 48 0.51 11.97 1.39
C GLN A 48 -0.58 11.07 1.98
N ALA A 49 -0.14 10.05 2.71
CA ALA A 49 -1.08 9.10 3.32
C ALA A 49 -1.15 9.32 4.83
N VAL A 50 -0.29 10.18 5.35
CA VAL A 50 -0.25 10.47 6.77
C VAL A 50 -1.08 11.70 7.10
N PRO A 51 -1.62 12.35 6.07
CA PRO A 51 -2.44 13.57 6.22
C PRO A 51 -3.80 13.26 6.85
N GLY A 52 -4.24 12.02 6.70
CA GLY A 52 -5.53 11.62 7.26
C GLY A 52 -5.42 11.16 8.71
N GLY A 53 -4.57 10.17 8.94
CA GLY A 53 -4.38 9.67 10.29
C GLY A 53 -3.07 8.92 10.46
N THR A 54 -2.65 8.21 9.41
CA THR A 54 -1.41 7.45 9.45
C THR A 54 -0.75 7.42 8.08
N ALA A 55 0.58 7.33 8.07
CA ALA A 55 1.34 7.29 6.84
C ALA A 55 1.18 5.94 6.15
N GLY A 56 0.06 5.77 5.44
CA GLY A 56 -0.19 4.52 4.74
C GLY A 56 -0.96 4.72 3.45
N GLU A 57 -0.25 4.73 2.33
CA GLU A 57 -0.89 4.92 1.03
C GLU A 57 -1.07 3.58 0.32
N VAL A 58 -1.38 3.65 -0.97
CA VAL A 58 -1.59 2.45 -1.77
C VAL A 58 -0.94 2.59 -3.14
N GLU A 59 0.03 1.72 -3.41
CA GLU A 59 0.73 1.74 -4.69
C GLU A 59 0.12 0.73 -5.66
N THR A 60 0.29 0.99 -6.96
CA THR A 60 -0.24 0.11 -7.99
C THR A 60 0.85 -0.30 -8.98
N GLU A 61 1.12 -1.61 -9.07
CA GLU A 61 2.13 -2.11 -9.97
C GLU A 61 1.61 -3.31 -10.76
N THR A 62 2.37 -3.75 -11.76
CA THR A 62 1.99 -4.88 -12.58
C THR A 62 3.00 -6.01 -12.49
N GLY A 63 2.58 -7.14 -11.94
CA GLY A 63 3.46 -8.27 -11.79
C GLY A 63 3.11 -9.41 -12.74
N GLU A 64 3.35 -10.64 -12.30
CA GLU A 64 3.05 -11.81 -13.12
C GLU A 64 1.61 -12.26 -12.92
N GLY A 65 0.89 -11.57 -12.04
CA GLY A 65 -0.49 -11.92 -11.76
C GLY A 65 -1.46 -10.99 -12.46
N ALA A 66 -2.27 -10.29 -11.68
CA ALA A 66 -3.26 -9.35 -12.23
C ALA A 66 -2.99 -7.93 -11.76
N ALA A 67 -3.38 -7.63 -10.53
CA ALA A 67 -3.19 -6.31 -9.96
C ALA A 67 -2.08 -6.32 -8.91
N ALA A 68 -0.85 -6.02 -9.35
CA ALA A 68 0.29 -5.99 -8.45
C ALA A 68 0.34 -4.68 -7.67
N TYR A 69 -0.71 -4.40 -6.91
CA TYR A 69 -0.78 -3.18 -6.12
C TYR A 69 -0.69 -3.49 -4.63
N GLY A 70 0.17 -2.75 -3.92
CA GLY A 70 0.33 -2.97 -2.49
C GLY A 70 -0.03 -1.74 -1.68
N VAL A 71 -0.50 -1.95 -0.46
CA VAL A 71 -0.88 -0.85 0.42
C VAL A 71 -0.01 -0.82 1.67
N LEU A 72 0.70 0.27 1.87
CA LEU A 72 1.56 0.43 3.03
C LEU A 72 0.97 1.41 4.04
N VAL A 73 1.05 1.07 5.31
CA VAL A 73 0.53 1.92 6.38
C VAL A 73 1.35 1.79 7.65
N THR A 74 1.88 2.91 8.13
CA THR A 74 2.69 2.92 9.34
C THR A 74 3.01 4.34 9.78
N ARG A 75 4.29 4.61 10.02
CA ARG A 75 4.73 5.94 10.44
C ARG A 75 5.39 6.68 9.29
N PRO A 76 5.16 8.00 9.23
CA PRO A 76 5.73 8.85 8.18
C PRO A 76 7.24 9.03 8.34
N ASP A 77 7.84 8.20 9.17
CA ASP A 77 9.29 8.27 9.41
C ASP A 77 10.03 7.33 8.47
N GLY A 78 9.44 7.06 7.31
CA GLY A 78 10.07 6.18 6.34
C GLY A 78 9.79 4.72 6.63
N THR A 79 9.27 4.43 7.82
CA THR A 79 8.96 3.07 8.22
C THR A 79 7.49 2.74 7.98
N ARG A 80 7.22 1.95 6.97
CA ARG A 80 5.85 1.56 6.63
C ARG A 80 5.77 0.09 6.27
N VAL A 81 4.55 -0.45 6.27
CA VAL A 81 4.34 -1.86 5.94
C VAL A 81 3.50 -2.01 4.68
N GLU A 82 4.17 -2.21 3.55
CA GLU A 82 3.48 -2.36 2.27
C GLU A 82 2.97 -3.79 2.10
N VAL A 83 1.66 -3.92 1.91
CA VAL A 83 1.04 -5.23 1.73
C VAL A 83 0.92 -5.59 0.26
N HIS A 84 1.23 -6.83 -0.07
CA HIS A 84 1.15 -7.30 -1.46
C HIS A 84 -0.26 -7.75 -1.80
N LEU A 85 -0.91 -7.01 -2.69
CA LEU A 85 -2.27 -7.32 -3.11
C LEU A 85 -2.33 -7.57 -4.62
N ASP A 86 -2.55 -8.82 -5.01
CA ASP A 86 -2.64 -9.18 -6.42
C ASP A 86 -3.74 -10.22 -6.64
N ARG A 87 -4.58 -9.96 -7.63
CA ARG A 87 -5.68 -10.87 -7.95
C ARG A 87 -5.15 -12.24 -8.34
N ASP A 88 -3.83 -12.44 -8.19
CA ASP A 88 -3.20 -13.70 -8.53
C ASP A 88 -3.68 -14.82 -7.61
N PHE A 89 -4.49 -14.45 -6.62
CA PHE A 89 -5.01 -15.42 -5.67
C PHE A 89 -3.91 -15.93 -4.75
N ARG A 90 -2.76 -15.27 -4.80
CA ARG A 90 -1.61 -15.66 -3.97
C ARG A 90 -0.87 -14.44 -3.45
N VAL A 91 -1.42 -13.26 -3.74
CA VAL A 91 -0.81 -12.01 -3.29
C VAL A 91 -1.72 -11.26 -2.33
N LEU A 92 -1.79 -11.74 -1.10
CA LEU A 92 -2.63 -11.11 -0.07
C LEU A 92 -1.87 -10.96 1.23
N ASP A 93 -0.55 -11.18 1.18
CA ASP A 93 0.28 -11.06 2.36
C ASP A 93 0.88 -9.66 2.47
N THR A 94 1.37 -9.32 3.66
CA THR A 94 1.96 -8.01 3.90
C THR A 94 3.48 -8.07 3.81
N GLU A 95 4.10 -6.90 3.63
CA GLU A 95 5.56 -6.82 3.54
C GLU A 95 6.07 -5.50 4.13
N PRO A 96 7.03 -5.61 5.04
CA PRO A 96 7.63 -4.44 5.70
C PRO A 96 8.49 -3.62 4.74
N ALA A 97 8.16 -2.33 4.62
CA ALA A 97 8.90 -1.43 3.75
C ALA A 97 9.58 -0.33 4.54
N ASP A 98 10.57 0.31 3.93
CA ASP A 98 11.30 1.39 4.58
C ASP A 98 11.34 2.63 3.69
N GLY A 99 12.45 3.37 3.77
CA GLY A 99 12.61 4.57 2.97
C GLY A 99 13.45 4.34 1.74
N ASP A 100 14.19 3.23 1.73
CA ASP A 100 15.05 2.89 0.60
C ASP A 100 14.31 2.01 -0.39
N GLY A 101 13.46 1.12 0.12
CA GLY A 101 12.71 0.22 -0.75
C GLY A 101 13.30 -1.17 -0.79
N GLY A 102 14.47 -1.34 -0.18
CA GLY A 102 15.12 -2.63 -0.16
C GLY A 102 15.60 -3.02 1.22
N ASP A 11 -8.20 -1.17 -2.73
CA ASP A 11 -9.42 -0.79 -3.44
C ASP A 11 -9.35 -1.19 -4.90
N TYR A 12 -8.15 -1.16 -5.47
CA TYR A 12 -7.95 -1.53 -6.86
C TYR A 12 -8.01 -3.04 -7.05
N ASP A 13 -7.56 -3.77 -6.04
CA ASP A 13 -7.56 -5.23 -6.08
C ASP A 13 -8.99 -5.77 -6.13
N ILE A 14 -9.18 -6.98 -5.63
CA ILE A 14 -10.51 -7.60 -5.62
C ILE A 14 -11.36 -7.05 -4.49
N PRO A 15 -12.68 -7.28 -4.57
CA PRO A 15 -13.63 -6.81 -3.57
C PRO A 15 -13.49 -7.56 -2.25
N THR A 16 -12.69 -8.63 -2.25
CA THR A 16 -12.47 -9.43 -1.06
C THR A 16 -11.13 -10.14 -1.12
N THR A 17 -10.34 -10.02 -0.04
CA THR A 17 -9.04 -10.64 0.03
C THR A 17 -8.68 -11.01 1.47
N GLU A 18 -7.39 -11.17 1.74
CA GLU A 18 -6.92 -11.53 3.06
C GLU A 18 -7.09 -10.35 4.03
N ASN A 19 -5.99 -9.65 4.30
CA ASN A 19 -6.02 -8.50 5.20
C ASN A 19 -6.27 -7.21 4.44
N LEU A 20 -6.66 -7.35 3.17
CA LEU A 20 -6.93 -6.19 2.33
C LEU A 20 -8.14 -5.42 2.83
N TYR A 21 -9.08 -6.14 3.46
CA TYR A 21 -10.28 -5.53 4.00
C TYR A 21 -10.01 -4.86 5.35
N PHE A 22 -8.73 -4.87 5.75
CA PHE A 22 -8.34 -4.27 7.02
C PHE A 22 -7.64 -2.93 6.79
N GLN A 23 -6.60 -2.95 5.95
CA GLN A 23 -5.84 -1.74 5.65
C GLN A 23 -6.69 -0.74 4.88
N GLY A 24 -7.39 -1.23 3.85
CA GLY A 24 -8.23 -0.37 3.04
C GLY A 24 -9.11 0.54 3.89
N ALA A 25 -9.39 0.11 5.11
CA ALA A 25 -10.23 0.89 6.02
C ALA A 25 -9.72 2.32 6.13
N MET A 26 -8.69 2.53 6.94
CA MET A 26 -8.12 3.86 7.13
C MET A 26 -7.44 4.34 5.85
N ALA A 27 -7.49 3.52 4.81
CA ALA A 27 -6.89 3.87 3.53
C ALA A 27 -7.77 4.84 2.76
N PHE A 28 -9.07 4.71 2.93
CA PHE A 28 -10.03 5.58 2.25
C PHE A 28 -10.20 6.89 3.01
N ASP A 29 -9.35 7.11 3.99
CA ASP A 29 -9.40 8.34 4.79
C ASP A 29 -9.01 9.56 3.96
N GLY A 30 -7.72 9.67 3.65
CA GLY A 30 -7.23 10.79 2.87
C GLY A 30 -5.98 10.45 2.09
N GLU A 31 -5.64 9.16 2.05
CA GLU A 31 -4.45 8.71 1.34
C GLU A 31 -4.60 8.92 -0.16
N ASP A 32 -3.51 8.72 -0.90
CA ASP A 32 -3.51 8.89 -2.35
C ASP A 32 -2.96 7.64 -3.03
N GLU A 33 -2.41 7.83 -4.24
CA GLU A 33 -1.85 6.73 -5.00
C GLU A 33 -0.33 6.84 -5.07
N VAL A 34 0.32 5.74 -5.44
CA VAL A 34 1.77 5.71 -5.54
C VAL A 34 2.23 6.07 -6.95
N THR A 35 3.51 6.43 -7.09
CA THR A 35 4.07 6.78 -8.38
C THR A 35 4.95 5.67 -8.93
N GLY A 36 5.61 4.94 -8.03
CA GLY A 36 6.47 3.85 -8.44
C GLY A 36 6.69 2.84 -7.35
N PRO A 37 7.94 2.36 -7.22
CA PRO A 37 8.30 1.36 -6.20
C PRO A 37 8.28 1.95 -4.80
N ASP A 38 8.98 1.28 -3.87
CA ASP A 38 9.04 1.73 -2.49
C ASP A 38 9.53 3.17 -2.42
N ALA A 39 10.44 3.54 -3.32
CA ALA A 39 10.99 4.88 -3.35
C ALA A 39 9.88 5.93 -3.44
N ASP A 40 8.83 5.62 -4.20
CA ASP A 40 7.71 6.53 -4.36
C ASP A 40 6.72 6.37 -3.21
N ARG A 41 6.45 5.13 -2.82
CA ARG A 41 5.52 4.85 -1.74
C ARG A 41 6.01 5.46 -0.43
N ALA A 42 7.32 5.41 -0.22
CA ALA A 42 7.91 5.96 0.99
C ALA A 42 7.74 7.48 1.05
N ARG A 43 7.78 8.12 -0.10
CA ARG A 43 7.64 9.57 -0.18
C ARG A 43 6.17 9.98 -0.07
N ALA A 44 5.30 9.19 -0.69
CA ALA A 44 3.86 9.46 -0.65
C ALA A 44 3.26 9.04 0.68
N ALA A 45 3.40 7.76 1.02
CA ALA A 45 2.86 7.24 2.26
C ALA A 45 3.43 7.99 3.46
N ALA A 46 4.53 8.71 3.24
CA ALA A 46 5.16 9.48 4.30
C ALA A 46 4.24 10.57 4.83
N VAL A 47 4.16 11.68 4.09
CA VAL A 47 3.31 12.79 4.48
C VAL A 47 2.13 12.95 3.52
N GLN A 48 2.29 12.42 2.31
CA GLN A 48 1.24 12.50 1.31
C GLN A 48 0.05 11.63 1.69
N ALA A 49 0.32 10.58 2.45
CA ALA A 49 -0.73 9.67 2.89
C ALA A 49 -1.01 9.82 4.37
N VAL A 50 -0.26 10.71 5.02
CA VAL A 50 -0.42 10.95 6.45
C VAL A 50 -1.33 12.16 6.70
N PRO A 51 -1.79 12.78 5.62
CA PRO A 51 -2.68 13.95 5.69
C PRO A 51 -4.07 13.59 6.20
N GLY A 52 -4.51 12.38 5.90
CA GLY A 52 -5.82 11.93 6.33
C GLY A 52 -5.85 11.57 7.81
N GLY A 53 -4.96 10.68 8.21
CA GLY A 53 -4.90 10.27 9.60
C GLY A 53 -3.62 9.52 9.94
N THR A 54 -3.11 8.77 8.97
CA THR A 54 -1.88 8.00 9.17
C THR A 54 -1.06 7.95 7.89
N ALA A 55 0.25 7.80 8.05
CA ALA A 55 1.16 7.73 6.91
C ALA A 55 0.99 6.42 6.15
N GLY A 56 -0.08 6.30 5.39
CA GLY A 56 -0.32 5.09 4.63
C GLY A 56 -1.01 5.36 3.30
N GLU A 57 -0.25 5.26 2.22
CA GLU A 57 -0.79 5.51 0.88
C GLU A 57 -1.12 4.19 0.19
N VAL A 58 -1.10 4.22 -1.14
CA VAL A 58 -1.40 3.02 -1.93
C VAL A 58 -0.35 2.80 -3.01
N GLU A 59 0.12 1.56 -3.13
CA GLU A 59 1.12 1.21 -4.13
C GLU A 59 0.48 0.53 -5.33
N THR A 60 0.70 1.11 -6.51
CA THR A 60 0.14 0.57 -7.74
C THR A 60 1.23 -0.06 -8.60
N GLU A 61 1.18 -1.39 -8.73
CA GLU A 61 2.16 -2.11 -9.53
C GLU A 61 1.49 -3.19 -10.36
N THR A 62 2.18 -3.63 -11.41
CA THR A 62 1.65 -4.66 -12.30
C THR A 62 2.61 -5.84 -12.40
N GLY A 63 2.16 -7.02 -11.96
CA GLY A 63 2.99 -8.20 -12.02
C GLY A 63 2.50 -9.21 -13.04
N GLU A 64 2.70 -10.48 -12.76
CA GLU A 64 2.28 -11.55 -13.66
C GLU A 64 0.83 -11.94 -13.40
N GLY A 65 0.22 -11.30 -12.41
CA GLY A 65 -1.16 -11.59 -12.08
C GLY A 65 -2.13 -10.59 -12.68
N ALA A 66 -2.90 -9.92 -11.84
CA ALA A 66 -3.87 -8.93 -12.29
C ALA A 66 -3.60 -7.58 -11.65
N ALA A 67 -3.97 -7.44 -10.39
CA ALA A 67 -3.78 -6.19 -9.66
C ALA A 67 -2.61 -6.30 -8.69
N ALA A 68 -1.41 -6.04 -9.18
CA ALA A 68 -0.21 -6.12 -8.35
C ALA A 68 -0.01 -4.82 -7.57
N TYR A 69 -1.00 -4.49 -6.74
CA TYR A 69 -0.94 -3.27 -5.93
C TYR A 69 -0.94 -3.60 -4.45
N GLY A 70 -0.45 -2.67 -3.63
CA GLY A 70 -0.40 -2.88 -2.20
C GLY A 70 -0.73 -1.63 -1.42
N VAL A 71 -1.14 -1.81 -0.16
CA VAL A 71 -1.49 -0.68 0.69
C VAL A 71 -0.54 -0.59 1.89
N LEU A 72 0.15 0.55 2.00
CA LEU A 72 1.08 0.77 3.09
C LEU A 72 0.56 1.85 4.05
N VAL A 73 0.63 1.57 5.35
CA VAL A 73 0.18 2.51 6.36
C VAL A 73 0.98 2.38 7.64
N THR A 74 1.58 3.49 8.07
CA THR A 74 2.39 3.50 9.29
C THR A 74 2.70 4.92 9.73
N ARG A 75 3.97 5.19 9.99
CA ARG A 75 4.40 6.51 10.42
C ARG A 75 5.03 7.29 9.26
N PRO A 76 4.84 8.61 9.27
CA PRO A 76 5.38 9.49 8.22
C PRO A 76 6.89 9.60 8.29
N ASP A 77 7.51 8.79 9.15
CA ASP A 77 8.95 8.81 9.31
C ASP A 77 9.62 7.80 8.37
N GLY A 78 9.12 7.74 7.14
CA GLY A 78 9.67 6.81 6.17
C GLY A 78 9.31 5.37 6.48
N THR A 79 8.65 5.15 7.61
CA THR A 79 8.25 3.81 8.01
C THR A 79 6.81 3.52 7.61
N ARG A 80 6.63 2.53 6.74
CA ARG A 80 5.31 2.15 6.27
C ARG A 80 5.21 0.64 6.06
N VAL A 81 3.99 0.12 6.08
CA VAL A 81 3.76 -1.31 5.88
C VAL A 81 2.93 -1.57 4.64
N GLU A 82 3.60 -1.78 3.51
CA GLU A 82 2.91 -2.03 2.25
C GLU A 82 2.48 -3.50 2.15
N VAL A 83 1.18 -3.72 1.96
CA VAL A 83 0.65 -5.07 1.84
C VAL A 83 0.54 -5.50 0.38
N HIS A 84 1.03 -6.70 0.09
CA HIS A 84 1.00 -7.23 -1.27
C HIS A 84 -0.35 -7.88 -1.56
N LEU A 85 -1.07 -7.32 -2.53
CA LEU A 85 -2.39 -7.85 -2.90
C LEU A 85 -2.53 -7.91 -4.42
N ASP A 86 -2.78 -9.12 -4.93
CA ASP A 86 -2.94 -9.32 -6.37
C ASP A 86 -4.07 -10.31 -6.66
N ARG A 87 -4.94 -9.94 -7.58
CA ARG A 87 -6.07 -10.81 -7.94
C ARG A 87 -5.57 -12.15 -8.48
N ASP A 88 -4.25 -12.34 -8.45
CA ASP A 88 -3.65 -13.58 -8.94
C ASP A 88 -4.02 -14.76 -8.04
N PHE A 89 -4.73 -14.46 -6.96
CA PHE A 89 -5.15 -15.50 -6.03
C PHE A 89 -3.96 -16.05 -5.26
N ARG A 90 -2.84 -15.34 -5.33
CA ARG A 90 -1.63 -15.77 -4.64
C ARG A 90 -0.94 -14.59 -3.95
N VAL A 91 -1.53 -13.40 -4.11
CA VAL A 91 -0.98 -12.20 -3.50
C VAL A 91 -1.97 -11.59 -2.50
N LEU A 92 -1.83 -12.00 -1.23
CA LEU A 92 -2.70 -11.50 -0.18
C LEU A 92 -1.91 -11.25 1.11
N ASP A 93 -0.58 -11.36 1.01
CA ASP A 93 0.28 -11.15 2.16
C ASP A 93 0.77 -9.70 2.21
N THR A 94 1.26 -9.29 3.38
CA THR A 94 1.75 -7.94 3.57
C THR A 94 3.26 -7.86 3.32
N GLU A 95 3.79 -6.65 3.31
CA GLU A 95 5.21 -6.44 3.10
C GLU A 95 5.72 -5.25 3.90
N PRO A 96 6.74 -5.49 4.74
CA PRO A 96 7.34 -4.44 5.58
C PRO A 96 8.13 -3.42 4.76
N ALA A 97 7.84 -2.15 4.99
CA ALA A 97 8.53 -1.07 4.27
C ALA A 97 9.30 -0.18 5.23
N ASP A 98 10.62 -0.15 5.07
CA ASP A 98 11.48 0.66 5.93
C ASP A 98 12.29 1.65 5.10
N GLY A 99 11.61 2.37 4.22
CA GLY A 99 12.27 3.35 3.38
C GLY A 99 13.12 2.71 2.30
N ASP A 100 13.44 1.43 2.49
CA ASP A 100 14.25 0.69 1.53
C ASP A 100 13.38 -0.07 0.54
N GLY A 101 12.59 -1.00 1.05
CA GLY A 101 11.71 -1.78 0.20
C GLY A 101 12.45 -2.89 -0.53
N GLY A 102 13.55 -3.35 0.05
CA GLY A 102 14.33 -4.40 -0.56
C GLY A 102 15.03 -3.94 -1.83
N ASP A 11 -7.91 -0.89 -3.21
CA ASP A 11 -9.16 -0.57 -3.87
C ASP A 11 -9.16 -1.07 -5.31
N TYR A 12 -7.98 -1.10 -5.92
CA TYR A 12 -7.84 -1.56 -7.29
C TYR A 12 -8.14 -3.05 -7.41
N ASP A 13 -7.45 -3.85 -6.61
CA ASP A 13 -7.64 -5.29 -6.62
C ASP A 13 -9.05 -5.66 -6.16
N ILE A 14 -9.20 -6.87 -5.64
CA ILE A 14 -10.50 -7.34 -5.16
C ILE A 14 -10.68 -7.04 -3.67
N PRO A 15 -11.75 -6.32 -3.34
CA PRO A 15 -12.07 -5.96 -1.96
C PRO A 15 -12.49 -7.17 -1.12
N THR A 16 -12.32 -8.36 -1.68
CA THR A 16 -12.68 -9.58 -0.99
C THR A 16 -11.50 -10.54 -0.89
N THR A 17 -10.33 -9.99 -0.55
CA THR A 17 -9.12 -10.79 -0.42
C THR A 17 -8.85 -11.15 1.04
N GLU A 18 -7.62 -11.57 1.32
CA GLU A 18 -7.24 -11.94 2.69
C GLU A 18 -7.41 -10.77 3.64
N ASN A 19 -6.29 -10.13 3.99
CA ASN A 19 -6.31 -9.00 4.90
C ASN A 19 -6.30 -7.68 4.12
N LEU A 20 -6.43 -7.78 2.80
CA LEU A 20 -6.45 -6.60 1.95
C LEU A 20 -7.68 -5.74 2.21
N TYR A 21 -8.68 -6.34 2.87
CA TYR A 21 -9.91 -5.65 3.18
C TYR A 21 -9.86 -5.04 4.58
N PHE A 22 -8.72 -5.18 5.23
CA PHE A 22 -8.53 -4.65 6.57
C PHE A 22 -7.84 -3.29 6.53
N GLN A 23 -6.69 -3.24 5.86
CA GLN A 23 -5.93 -2.00 5.74
C GLN A 23 -6.71 -0.95 4.96
N GLY A 24 -7.46 -1.40 3.96
CA GLY A 24 -8.24 -0.49 3.14
C GLY A 24 -9.02 0.52 3.98
N ALA A 25 -9.39 0.12 5.18
CA ALA A 25 -10.14 0.99 6.09
C ALA A 25 -9.38 2.28 6.35
N MET A 26 -8.16 2.15 6.86
CA MET A 26 -7.33 3.31 7.16
C MET A 26 -6.89 4.02 5.87
N ALA A 27 -7.24 3.42 4.73
CA ALA A 27 -6.89 4.00 3.44
C ALA A 27 -8.13 4.45 2.69
N PHE A 28 -9.08 5.02 3.42
CA PHE A 28 -10.32 5.51 2.83
C PHE A 28 -10.38 7.03 2.84
N ASP A 29 -9.24 7.66 3.09
CA ASP A 29 -9.15 9.11 3.15
C ASP A 29 -7.87 9.61 2.49
N GLY A 30 -6.76 9.50 3.21
CA GLY A 30 -5.49 9.94 2.69
C GLY A 30 -4.87 8.94 1.72
N GLU A 31 -5.65 7.92 1.37
CA GLU A 31 -5.18 6.90 0.45
C GLU A 31 -4.91 7.48 -0.94
N ASP A 32 -3.63 7.67 -1.25
CA ASP A 32 -3.24 8.21 -2.54
C ASP A 32 -2.75 7.12 -3.47
N GLU A 33 -2.21 7.52 -4.62
CA GLU A 33 -1.70 6.57 -5.61
C GLU A 33 -0.20 6.73 -5.79
N VAL A 34 0.54 5.65 -5.53
CA VAL A 34 1.99 5.68 -5.67
C VAL A 34 2.40 5.70 -7.15
N THR A 35 3.63 6.14 -7.40
CA THR A 35 4.14 6.22 -8.76
C THR A 35 5.03 5.03 -9.09
N GLY A 36 5.69 4.50 -8.06
CA GLY A 36 6.57 3.36 -8.26
C GLY A 36 6.66 2.48 -7.03
N PRO A 37 7.86 1.92 -6.79
CA PRO A 37 8.11 1.04 -5.63
C PRO A 37 8.08 1.81 -4.32
N ASP A 38 8.70 1.23 -3.29
CA ASP A 38 8.75 1.85 -1.98
C ASP A 38 9.37 3.25 -2.06
N ALA A 39 10.27 3.43 -3.03
CA ALA A 39 10.94 4.71 -3.22
C ALA A 39 9.91 5.85 -3.35
N ASP A 40 8.86 5.60 -4.13
CA ASP A 40 7.82 6.60 -4.33
C ASP A 40 6.78 6.53 -3.23
N ARG A 41 6.40 5.32 -2.84
CA ARG A 41 5.41 5.12 -1.80
C ARG A 41 5.88 5.73 -0.48
N ALA A 42 7.18 5.65 -0.23
CA ALA A 42 7.75 6.20 1.00
C ALA A 42 7.62 7.73 1.03
N ARG A 43 7.67 8.35 -0.14
CA ARG A 43 7.56 9.79 -0.25
C ARG A 43 6.11 10.25 -0.03
N ALA A 44 5.18 9.49 -0.61
CA ALA A 44 3.76 9.81 -0.48
C ALA A 44 3.21 9.31 0.85
N ALA A 45 3.32 8.02 1.10
CA ALA A 45 2.83 7.41 2.33
C ALA A 45 3.37 8.16 3.55
N ALA A 46 4.47 8.88 3.36
CA ALA A 46 5.09 9.63 4.44
C ALA A 46 4.14 10.72 4.95
N VAL A 47 4.03 11.81 4.21
CA VAL A 47 3.17 12.92 4.58
C VAL A 47 1.98 13.03 3.63
N GLN A 48 2.08 12.39 2.47
CA GLN A 48 1.02 12.43 1.48
C GLN A 48 -0.15 11.55 1.92
N ALA A 49 0.16 10.47 2.63
CA ALA A 49 -0.87 9.55 3.11
C ALA A 49 -1.07 9.69 4.61
N VAL A 50 -0.30 10.58 5.23
CA VAL A 50 -0.40 10.80 6.67
C VAL A 50 -1.28 12.00 6.98
N PRO A 51 -1.75 12.67 5.92
CA PRO A 51 -2.61 13.86 6.05
C PRO A 51 -4.00 13.51 6.57
N GLY A 52 -4.46 12.30 6.26
CA GLY A 52 -5.77 11.87 6.72
C GLY A 52 -5.77 11.46 8.17
N GLY A 53 -4.85 10.58 8.54
CA GLY A 53 -4.76 10.12 9.91
C GLY A 53 -3.49 9.34 10.19
N THR A 54 -3.02 8.60 9.19
CA THR A 54 -1.82 7.81 9.33
C THR A 54 -1.03 7.76 8.02
N ALA A 55 0.28 7.61 8.13
CA ALA A 55 1.15 7.55 6.96
C ALA A 55 0.96 6.24 6.21
N GLY A 56 -0.12 6.14 5.44
CA GLY A 56 -0.38 4.93 4.69
C GLY A 56 -1.01 5.22 3.33
N GLU A 57 -0.18 5.19 2.29
CA GLU A 57 -0.66 5.45 0.94
C GLU A 57 -1.04 4.15 0.23
N VAL A 58 -1.19 4.22 -1.08
CA VAL A 58 -1.55 3.04 -1.88
C VAL A 58 -0.84 3.06 -3.23
N GLU A 59 -0.13 1.97 -3.52
CA GLU A 59 0.61 1.86 -4.78
C GLU A 59 -0.22 1.10 -5.81
N THR A 60 0.08 1.34 -7.08
CA THR A 60 -0.63 0.69 -8.17
C THR A 60 0.33 0.11 -9.19
N GLU A 61 0.31 -1.21 -9.35
CA GLU A 61 1.18 -1.89 -10.30
C GLU A 61 0.43 -2.97 -11.05
N THR A 62 0.97 -3.36 -12.21
CA THR A 62 0.35 -4.39 -13.04
C THR A 62 0.92 -5.76 -12.71
N GLY A 63 2.13 -5.78 -12.17
CA GLY A 63 2.77 -7.04 -11.82
C GLY A 63 2.61 -8.08 -12.90
N GLU A 64 2.74 -9.35 -12.52
CA GLU A 64 2.61 -10.46 -13.48
C GLU A 64 1.17 -10.95 -13.53
N GLY A 65 0.42 -10.71 -12.46
CA GLY A 65 -0.97 -11.15 -12.42
C GLY A 65 -1.91 -10.14 -13.02
N ALA A 66 -2.84 -9.63 -12.22
CA ALA A 66 -3.81 -8.64 -12.68
C ALA A 66 -3.63 -7.32 -11.96
N ALA A 67 -4.21 -7.23 -10.76
CA ALA A 67 -4.12 -6.01 -9.96
C ALA A 67 -2.93 -6.07 -9.01
N ALA A 68 -1.74 -5.80 -9.53
CA ALA A 68 -0.52 -5.82 -8.72
C ALA A 68 -0.35 -4.51 -7.95
N TYR A 69 -1.29 -4.23 -7.07
CA TYR A 69 -1.26 -3.00 -6.27
C TYR A 69 -1.08 -3.33 -4.79
N GLY A 70 -0.53 -2.37 -4.04
CA GLY A 70 -0.30 -2.57 -2.62
C GLY A 70 -0.66 -1.34 -1.81
N VAL A 71 -0.94 -1.55 -0.52
CA VAL A 71 -1.29 -0.46 0.37
C VAL A 71 -0.40 -0.44 1.61
N LEU A 72 0.36 0.64 1.78
CA LEU A 72 1.25 0.77 2.93
C LEU A 72 0.69 1.76 3.94
N VAL A 73 0.78 1.41 5.21
CA VAL A 73 0.28 2.27 6.28
C VAL A 73 1.13 2.13 7.54
N THR A 74 1.66 3.24 8.03
CA THR A 74 2.49 3.23 9.22
C THR A 74 2.73 4.65 9.73
N ARG A 75 4.00 4.98 9.98
CA ARG A 75 4.35 6.30 10.48
C ARG A 75 4.98 7.14 9.37
N PRO A 76 4.78 8.46 9.43
CA PRO A 76 5.32 9.40 8.44
C PRO A 76 6.83 9.53 8.53
N ASP A 77 7.44 8.70 9.37
CA ASP A 77 8.90 8.73 9.55
C ASP A 77 9.57 7.74 8.61
N GLY A 78 9.12 7.71 7.36
CA GLY A 78 9.70 6.80 6.38
C GLY A 78 9.28 5.36 6.61
N THR A 79 8.55 5.13 7.69
CA THR A 79 8.09 3.79 8.02
C THR A 79 6.69 3.54 7.48
N ARG A 80 6.54 2.50 6.67
CA ARG A 80 5.26 2.16 6.08
C ARG A 80 5.11 0.64 5.93
N VAL A 81 3.87 0.18 5.86
CA VAL A 81 3.60 -1.25 5.72
C VAL A 81 2.89 -1.54 4.39
N GLU A 82 3.69 -1.67 3.33
CA GLU A 82 3.14 -1.96 2.02
C GLU A 82 2.73 -3.42 1.90
N VAL A 83 1.45 -3.64 1.58
CA VAL A 83 0.92 -4.99 1.44
C VAL A 83 0.71 -5.34 -0.02
N HIS A 84 1.06 -6.57 -0.40
CA HIS A 84 0.91 -7.03 -1.77
C HIS A 84 -0.51 -7.53 -2.01
N LEU A 85 -1.24 -6.84 -2.89
CA LEU A 85 -2.61 -7.20 -3.21
C LEU A 85 -2.78 -7.39 -4.72
N ASP A 86 -2.89 -8.65 -5.14
CA ASP A 86 -3.06 -8.97 -6.56
C ASP A 86 -4.08 -10.09 -6.75
N ARG A 87 -5.02 -9.88 -7.65
CA ARG A 87 -6.05 -10.87 -7.93
C ARG A 87 -5.44 -12.17 -8.42
N ASP A 88 -4.11 -12.24 -8.41
CA ASP A 88 -3.40 -13.43 -8.85
C ASP A 88 -3.65 -14.60 -7.91
N PHE A 89 -4.40 -14.35 -6.84
CA PHE A 89 -4.71 -15.38 -5.87
C PHE A 89 -3.47 -15.81 -5.10
N ARG A 90 -2.39 -15.04 -5.25
CA ARG A 90 -1.13 -15.33 -4.57
C ARG A 90 -0.49 -14.06 -4.03
N VAL A 91 -1.19 -12.95 -4.19
CA VAL A 91 -0.69 -11.66 -3.71
C VAL A 91 -1.60 -11.07 -2.64
N LEU A 92 -1.54 -11.65 -1.45
CA LEU A 92 -2.37 -11.18 -0.34
C LEU A 92 -1.53 -11.02 0.93
N ASP A 93 -0.22 -11.06 0.77
CA ASP A 93 0.69 -10.92 1.90
C ASP A 93 1.14 -9.47 2.06
N THR A 94 1.71 -9.15 3.22
CA THR A 94 2.17 -7.80 3.50
C THR A 94 3.70 -7.72 3.40
N GLU A 95 4.22 -6.49 3.42
CA GLU A 95 5.67 -6.29 3.34
C GLU A 95 6.07 -5.05 4.14
N PRO A 96 7.02 -5.25 5.08
CA PRO A 96 7.52 -4.17 5.93
C PRO A 96 8.36 -3.16 5.15
N ALA A 97 7.98 -1.89 5.24
CA ALA A 97 8.70 -0.83 4.55
C ALA A 97 9.34 0.14 5.54
N ASP A 98 10.66 0.22 5.51
CA ASP A 98 11.39 1.11 6.41
C ASP A 98 12.29 2.06 5.62
N GLY A 99 11.74 2.64 4.57
CA GLY A 99 12.51 3.57 3.74
C GLY A 99 13.46 2.85 2.81
N ASP A 100 13.73 1.59 3.11
CA ASP A 100 14.65 0.78 2.29
C ASP A 100 13.87 -0.02 1.26
N GLY A 101 12.93 -0.84 1.73
CA GLY A 101 12.13 -1.66 0.84
C GLY A 101 12.80 -2.98 0.51
N GLY A 102 13.70 -3.42 1.39
CA GLY A 102 14.40 -4.67 1.17
C GLY A 102 15.67 -4.77 1.99
N ASP A 11 -7.88 -2.91 -0.98
CA ASP A 11 -9.05 -3.65 -1.42
C ASP A 11 -9.24 -3.54 -2.93
N TYR A 12 -8.44 -2.67 -3.56
CA TYR A 12 -8.51 -2.47 -5.00
C TYR A 12 -8.04 -3.72 -5.75
N ASP A 13 -7.26 -4.55 -5.07
CA ASP A 13 -6.75 -5.78 -5.67
C ASP A 13 -7.90 -6.67 -6.14
N ILE A 14 -8.39 -7.51 -5.24
CA ILE A 14 -9.48 -8.42 -5.56
C ILE A 14 -10.73 -8.09 -4.75
N PRO A 15 -11.88 -8.64 -5.18
CA PRO A 15 -13.16 -8.42 -4.51
C PRO A 15 -13.22 -9.09 -3.15
N THR A 16 -12.15 -9.79 -2.78
CA THR A 16 -12.08 -10.48 -1.49
C THR A 16 -10.64 -10.62 -1.02
N THR A 17 -10.05 -9.50 -0.62
CA THR A 17 -8.67 -9.49 -0.14
C THR A 17 -8.58 -10.05 1.28
N GLU A 18 -7.43 -9.84 1.92
CA GLU A 18 -7.22 -10.31 3.28
C GLU A 18 -6.67 -9.19 4.17
N ASN A 19 -5.35 -9.13 4.27
CA ASN A 19 -4.70 -8.11 5.10
C ASN A 19 -4.87 -6.72 4.48
N LEU A 20 -5.66 -6.65 3.41
CA LEU A 20 -5.90 -5.38 2.72
C LEU A 20 -7.08 -4.65 3.36
N TYR A 21 -8.06 -5.41 3.84
CA TYR A 21 -9.24 -4.82 4.46
C TYR A 21 -8.86 -4.09 5.75
N PHE A 22 -7.67 -4.38 6.26
CA PHE A 22 -7.20 -3.75 7.49
C PHE A 22 -6.39 -2.49 7.18
N GLN A 23 -5.28 -2.67 6.48
CA GLN A 23 -4.42 -1.54 6.12
C GLN A 23 -5.14 -0.60 5.15
N GLY A 24 -5.76 -1.17 4.13
CA GLY A 24 -6.47 -0.38 3.15
C GLY A 24 -7.35 0.68 3.79
N ALA A 25 -8.21 0.26 4.71
CA ALA A 25 -9.10 1.18 5.40
C ALA A 25 -8.51 1.62 6.73
N MET A 26 -7.27 2.08 6.71
CA MET A 26 -6.60 2.53 7.92
C MET A 26 -7.25 3.79 8.47
N ALA A 27 -7.71 4.65 7.57
CA ALA A 27 -8.35 5.90 7.97
C ALA A 27 -9.78 5.98 7.41
N PHE A 28 -9.92 6.68 6.29
CA PHE A 28 -11.24 6.84 5.66
C PHE A 28 -11.09 6.98 4.15
N ASP A 29 -9.89 7.31 3.70
CA ASP A 29 -9.62 7.48 2.27
C ASP A 29 -8.29 8.19 2.06
N GLY A 30 -7.71 8.71 3.13
CA GLY A 30 -6.45 9.41 3.04
C GLY A 30 -5.41 8.62 2.27
N GLU A 31 -5.59 7.30 2.20
CA GLU A 31 -4.66 6.44 1.50
C GLU A 31 -4.58 6.80 0.02
N ASP A 32 -3.48 7.44 -0.36
CA ASP A 32 -3.27 7.86 -1.75
C ASP A 32 -3.04 6.65 -2.64
N GLU A 33 -2.41 6.88 -3.79
CA GLU A 33 -2.12 5.81 -4.74
C GLU A 33 -0.72 5.97 -5.32
N VAL A 34 0.12 4.96 -5.08
CA VAL A 34 1.49 4.99 -5.58
C VAL A 34 1.53 4.77 -7.09
N THR A 35 2.53 5.37 -7.74
CA THR A 35 2.68 5.23 -9.19
C THR A 35 4.04 4.67 -9.55
N GLY A 36 4.87 4.41 -8.53
CA GLY A 36 6.19 3.88 -8.76
C GLY A 36 6.57 2.81 -7.75
N PRO A 37 7.88 2.64 -7.54
CA PRO A 37 8.41 1.65 -6.60
C PRO A 37 8.12 2.03 -5.14
N ASP A 38 8.80 1.36 -4.22
CA ASP A 38 8.63 1.62 -2.80
C ASP A 38 8.96 3.07 -2.47
N ALA A 39 9.88 3.64 -3.23
CA ALA A 39 10.29 5.03 -3.03
C ALA A 39 9.11 5.98 -3.16
N ASP A 40 8.15 5.60 -3.99
CA ASP A 40 6.96 6.42 -4.20
C ASP A 40 6.00 6.30 -3.03
N ARG A 41 5.94 5.12 -2.44
CA ARG A 41 5.05 4.87 -1.30
C ARG A 41 5.59 5.53 -0.04
N ALA A 42 6.90 5.40 0.18
CA ALA A 42 7.53 5.99 1.36
C ALA A 42 7.54 7.51 1.27
N ARG A 43 7.60 8.04 0.05
CA ARG A 43 7.60 9.48 -0.17
C ARG A 43 6.18 10.03 -0.19
N ALA A 44 5.30 9.34 -0.91
CA ALA A 44 3.91 9.76 -1.02
C ALA A 44 3.12 9.39 0.24
N ALA A 45 3.06 8.10 0.53
CA ALA A 45 2.34 7.61 1.71
C ALA A 45 2.72 8.41 2.95
N ALA A 46 3.90 9.04 2.91
CA ALA A 46 4.38 9.83 4.03
C ALA A 46 3.35 10.89 4.44
N VAL A 47 3.14 11.87 3.56
CA VAL A 47 2.19 12.94 3.84
C VAL A 47 0.97 12.83 2.93
N GLN A 48 1.10 12.05 1.86
CA GLN A 48 0.00 11.86 0.91
C GLN A 48 -1.00 10.83 1.43
N ALA A 49 -0.52 9.89 2.24
CA ALA A 49 -1.37 8.86 2.80
C ALA A 49 -1.59 9.08 4.29
N VAL A 50 -0.81 10.00 4.87
CA VAL A 50 -0.92 10.31 6.29
C VAL A 50 -1.81 11.53 6.52
N PRO A 51 -2.32 12.10 5.43
CA PRO A 51 -3.19 13.29 5.48
C PRO A 51 -4.55 12.97 6.08
N GLY A 52 -4.99 11.72 5.95
CA GLY A 52 -6.26 11.31 6.48
C GLY A 52 -6.19 10.89 7.93
N GLY A 53 -5.29 9.96 8.23
CA GLY A 53 -5.13 9.49 9.60
C GLY A 53 -3.81 8.76 9.81
N THR A 54 -3.37 8.03 8.79
CA THR A 54 -2.13 7.28 8.88
C THR A 54 -1.42 7.24 7.52
N ALA A 55 -0.09 7.19 7.56
CA ALA A 55 0.70 7.14 6.34
C ALA A 55 0.59 5.77 5.67
N GLY A 56 -0.48 5.58 4.89
CA GLY A 56 -0.68 4.32 4.21
C GLY A 56 -1.23 4.51 2.80
N GLU A 57 -0.35 4.43 1.81
CA GLU A 57 -0.75 4.59 0.42
C GLU A 57 -0.98 3.23 -0.24
N VAL A 58 -1.65 3.25 -1.39
CA VAL A 58 -1.93 2.02 -2.12
C VAL A 58 -1.15 1.97 -3.43
N GLU A 59 -0.30 0.95 -3.57
CA GLU A 59 0.50 0.78 -4.76
C GLU A 59 -0.12 -0.24 -5.70
N THR A 60 -0.19 0.10 -6.99
CA THR A 60 -0.76 -0.78 -7.98
C THR A 60 0.13 -0.87 -9.22
N GLU A 61 0.55 -2.09 -9.55
CA GLU A 61 1.41 -2.31 -10.70
C GLU A 61 0.78 -3.32 -11.67
N THR A 62 1.27 -3.32 -12.91
CA THR A 62 0.75 -4.23 -13.92
C THR A 62 1.56 -5.52 -13.97
N GLY A 63 0.87 -6.66 -14.05
CA GLY A 63 1.53 -7.94 -14.10
C GLY A 63 0.88 -8.90 -15.07
N GLU A 64 0.40 -10.03 -14.55
CA GLU A 64 -0.25 -11.04 -15.38
C GLU A 64 -1.75 -10.75 -15.50
N GLY A 65 -2.28 -10.03 -14.52
CA GLY A 65 -3.70 -9.70 -14.54
C GLY A 65 -3.95 -8.21 -14.44
N ALA A 66 -4.53 -7.78 -13.32
CA ALA A 66 -4.82 -6.36 -13.10
C ALA A 66 -3.95 -5.79 -11.99
N ALA A 67 -4.37 -6.00 -10.75
CA ALA A 67 -3.63 -5.50 -9.60
C ALA A 67 -2.40 -6.35 -9.33
N ALA A 68 -1.24 -5.71 -9.25
CA ALA A 68 0.00 -6.41 -9.00
C ALA A 68 0.99 -5.51 -8.24
N TYR A 69 0.73 -5.31 -6.96
CA TYR A 69 1.60 -4.48 -6.13
C TYR A 69 1.31 -4.70 -4.65
N GLY A 70 1.16 -3.60 -3.91
CA GLY A 70 0.87 -3.69 -2.50
C GLY A 70 0.45 -2.36 -1.90
N VAL A 71 0.02 -2.39 -0.64
CA VAL A 71 -0.42 -1.18 0.04
C VAL A 71 0.25 -1.04 1.40
N LEU A 72 0.99 0.04 1.58
CA LEU A 72 1.69 0.30 2.84
C LEU A 72 0.89 1.25 3.72
N VAL A 73 0.91 0.99 5.03
CA VAL A 73 0.20 1.84 5.98
C VAL A 73 0.87 1.82 7.35
N THR A 74 1.40 2.97 7.76
CA THR A 74 2.08 3.08 9.05
C THR A 74 2.35 4.54 9.39
N ARG A 75 3.58 4.81 9.84
CA ARG A 75 3.98 6.16 10.20
C ARG A 75 4.88 6.77 9.14
N PRO A 76 4.74 8.08 8.92
CA PRO A 76 5.54 8.81 7.92
C PRO A 76 6.99 8.93 8.32
N ASP A 77 7.39 8.15 9.32
CA ASP A 77 8.77 8.18 9.80
C ASP A 77 9.61 7.11 9.12
N GLY A 78 9.32 6.86 7.84
CA GLY A 78 10.05 5.86 7.10
C GLY A 78 9.52 4.46 7.34
N THR A 79 8.69 4.31 8.37
CA THR A 79 8.12 3.01 8.71
C THR A 79 6.74 2.84 8.09
N ARG A 80 6.61 1.82 7.25
CA ARG A 80 5.34 1.55 6.57
C ARG A 80 5.09 0.04 6.48
N VAL A 81 3.83 -0.34 6.26
CA VAL A 81 3.46 -1.74 6.16
C VAL A 81 2.86 -2.04 4.79
N GLU A 82 3.73 -2.24 3.80
CA GLU A 82 3.29 -2.54 2.44
C GLU A 82 2.85 -3.99 2.31
N VAL A 83 1.57 -4.20 2.01
CA VAL A 83 1.03 -5.55 1.87
C VAL A 83 1.04 -5.98 0.41
N HIS A 84 1.28 -7.27 0.18
CA HIS A 84 1.31 -7.82 -1.17
C HIS A 84 -0.10 -8.16 -1.65
N LEU A 85 -0.60 -7.37 -2.60
CA LEU A 85 -1.94 -7.59 -3.14
C LEU A 85 -1.89 -7.72 -4.65
N ASP A 86 -2.15 -8.94 -5.15
CA ASP A 86 -2.14 -9.20 -6.58
C ASP A 86 -3.44 -9.86 -7.02
N ARG A 87 -4.28 -9.10 -7.70
CA ARG A 87 -5.56 -9.62 -8.18
C ARG A 87 -5.36 -10.74 -9.19
N ASP A 88 -4.09 -11.05 -9.46
CA ASP A 88 -3.76 -12.12 -10.40
C ASP A 88 -4.12 -13.48 -9.83
N PHE A 89 -4.40 -13.53 -8.54
CA PHE A 89 -4.76 -14.78 -7.87
C PHE A 89 -5.37 -14.50 -6.50
N ARG A 90 -4.53 -14.52 -5.47
CA ARG A 90 -4.99 -14.27 -4.10
C ARG A 90 -3.85 -13.74 -3.24
N VAL A 91 -2.95 -12.97 -3.85
CA VAL A 91 -1.82 -12.40 -3.13
C VAL A 91 -2.26 -11.28 -2.21
N LEU A 92 -2.48 -11.61 -0.95
CA LEU A 92 -2.90 -10.63 0.05
C LEU A 92 -1.99 -10.65 1.27
N ASP A 93 -0.80 -11.22 1.11
CA ASP A 93 0.17 -11.31 2.19
C ASP A 93 0.83 -9.96 2.43
N THR A 94 0.83 -9.51 3.68
CA THR A 94 1.43 -8.24 4.04
C THR A 94 2.95 -8.36 4.16
N GLU A 95 3.65 -7.23 3.99
CA GLU A 95 5.10 -7.22 4.07
C GLU A 95 5.59 -5.91 4.68
N PRO A 96 6.78 -5.97 5.32
CA PRO A 96 7.38 -4.80 5.96
C PRO A 96 7.86 -3.77 4.95
N ALA A 97 7.66 -2.49 5.27
CA ALA A 97 8.07 -1.41 4.40
C ALA A 97 9.09 -0.50 5.08
N ASP A 98 10.33 -0.54 4.60
CA ASP A 98 11.40 0.28 5.18
C ASP A 98 11.58 1.57 4.37
N GLY A 99 10.71 1.77 3.38
CA GLY A 99 10.80 2.96 2.56
C GLY A 99 11.82 2.83 1.44
N ASP A 100 12.76 1.92 1.63
CA ASP A 100 13.81 1.69 0.63
C ASP A 100 13.48 0.49 -0.25
N GLY A 101 12.77 -0.48 0.33
CA GLY A 101 12.39 -1.67 -0.41
C GLY A 101 13.53 -2.66 -0.53
N GLY A 102 14.47 -2.62 0.42
CA GLY A 102 15.60 -3.52 0.39
C GLY A 102 16.90 -2.82 0.74
N ASP A 11 -7.43 -1.12 -2.28
CA ASP A 11 -8.76 -1.60 -2.60
C ASP A 11 -8.86 -1.99 -4.07
N TYR A 12 -7.81 -1.69 -4.83
CA TYR A 12 -7.78 -2.01 -6.25
C TYR A 12 -7.77 -3.52 -6.47
N ASP A 13 -7.06 -4.23 -5.60
CA ASP A 13 -6.98 -5.68 -5.69
C ASP A 13 -8.34 -6.34 -5.46
N ILE A 14 -8.32 -7.54 -4.91
CA ILE A 14 -9.56 -8.28 -4.63
C ILE A 14 -10.28 -7.68 -3.43
N PRO A 15 -11.58 -7.37 -3.61
CA PRO A 15 -12.40 -6.79 -2.55
C PRO A 15 -12.70 -7.79 -1.44
N THR A 16 -12.21 -9.01 -1.60
CA THR A 16 -12.42 -10.06 -0.61
C THR A 16 -11.12 -10.80 -0.30
N THR A 17 -10.01 -10.05 -0.25
CA THR A 17 -8.72 -10.63 0.04
C THR A 17 -8.60 -11.02 1.50
N GLU A 18 -7.38 -11.35 1.93
CA GLU A 18 -7.14 -11.74 3.31
C GLU A 18 -7.23 -10.54 4.25
N ASN A 19 -6.06 -10.01 4.62
CA ASN A 19 -6.01 -8.85 5.52
C ASN A 19 -5.82 -7.57 4.73
N LEU A 20 -5.89 -7.67 3.40
CA LEU A 20 -5.73 -6.51 2.54
C LEU A 20 -6.93 -5.59 2.63
N TYR A 21 -7.99 -6.04 3.28
CA TYR A 21 -9.20 -5.27 3.45
C TYR A 21 -9.15 -4.41 4.71
N PHE A 22 -8.13 -4.65 5.53
CA PHE A 22 -7.96 -3.91 6.77
C PHE A 22 -7.45 -2.50 6.49
N GLN A 23 -6.29 -2.40 5.84
CA GLN A 23 -5.71 -1.11 5.52
C GLN A 23 -6.57 -0.35 4.51
N GLY A 24 -7.07 -1.07 3.51
CA GLY A 24 -7.90 -0.44 2.50
C GLY A 24 -8.95 0.47 3.10
N ALA A 25 -9.41 0.15 4.30
CA ALA A 25 -10.41 0.95 4.98
C ALA A 25 -9.98 2.41 5.06
N MET A 26 -9.01 2.70 5.90
CA MET A 26 -8.51 4.06 6.07
C MET A 26 -7.73 4.50 4.84
N ALA A 27 -7.50 3.57 3.92
CA ALA A 27 -6.77 3.87 2.69
C ALA A 27 -7.53 4.85 1.82
N PHE A 28 -8.82 4.59 1.63
CA PHE A 28 -9.66 5.46 0.82
C PHE A 28 -10.14 6.66 1.61
N ASP A 29 -9.62 6.79 2.83
CA ASP A 29 -10.00 7.91 3.70
C ASP A 29 -9.38 9.22 3.21
N GLY A 30 -8.07 9.32 3.30
CA GLY A 30 -7.38 10.52 2.86
C GLY A 30 -6.06 10.22 2.19
N GLU A 31 -5.80 8.94 1.94
CA GLU A 31 -4.56 8.52 1.30
C GLU A 31 -4.61 8.74 -0.20
N ASP A 32 -3.52 8.44 -0.89
CA ASP A 32 -3.45 8.60 -2.33
C ASP A 32 -2.92 7.33 -3.00
N GLU A 33 -2.59 7.44 -4.28
CA GLU A 33 -2.07 6.31 -5.04
C GLU A 33 -0.59 6.49 -5.36
N VAL A 34 0.23 5.56 -4.88
CA VAL A 34 1.67 5.62 -5.11
C VAL A 34 2.00 5.25 -6.56
N THR A 35 3.04 4.45 -6.73
CA THR A 35 3.47 4.03 -8.06
C THR A 35 3.80 2.54 -8.09
N GLY A 36 4.57 2.10 -7.09
CA GLY A 36 4.96 0.70 -7.02
C GLY A 36 6.14 0.47 -6.11
N PRO A 37 7.29 1.09 -6.43
CA PRO A 37 8.51 0.96 -5.65
C PRO A 37 8.41 1.67 -4.30
N ASP A 38 9.27 1.27 -3.36
CA ASP A 38 9.27 1.87 -2.04
C ASP A 38 9.67 3.34 -2.10
N ALA A 39 10.44 3.69 -3.13
CA ALA A 39 10.89 5.07 -3.32
C ALA A 39 9.71 6.03 -3.37
N ASP A 40 8.64 5.61 -4.04
CA ASP A 40 7.44 6.43 -4.17
C ASP A 40 6.52 6.24 -2.97
N ARG A 41 6.41 5.01 -2.49
CA ARG A 41 5.55 4.70 -1.35
C ARG A 41 6.12 5.31 -0.08
N ALA A 42 7.44 5.27 0.06
CA ALA A 42 8.11 5.82 1.24
C ALA A 42 7.98 7.34 1.27
N ARG A 43 8.02 7.96 0.09
CA ARG A 43 7.92 9.42 0.00
C ARG A 43 6.46 9.86 0.06
N ALA A 44 5.59 9.11 -0.60
CA ALA A 44 4.17 9.43 -0.62
C ALA A 44 3.49 9.01 0.68
N ALA A 45 3.56 7.72 0.98
CA ALA A 45 2.95 7.19 2.20
C ALA A 45 3.43 7.95 3.43
N ALA A 46 4.56 8.64 3.29
CA ALA A 46 5.11 9.42 4.38
C ALA A 46 4.18 10.56 4.78
N VAL A 47 4.19 11.63 4.01
CA VAL A 47 3.34 12.79 4.28
C VAL A 47 2.21 12.89 3.26
N GLN A 48 2.36 12.20 2.14
CA GLN A 48 1.36 12.22 1.09
C GLN A 48 0.15 11.38 1.48
N ALA A 49 0.38 10.35 2.28
CA ALA A 49 -0.68 9.46 2.73
C ALA A 49 -1.00 9.69 4.20
N VAL A 50 -0.23 10.57 4.84
CA VAL A 50 -0.43 10.88 6.25
C VAL A 50 -1.30 12.12 6.43
N PRO A 51 -1.69 12.74 5.30
CA PRO A 51 -2.53 13.94 5.31
C PRO A 51 -3.96 13.65 5.74
N GLY A 52 -4.41 12.42 5.51
CA GLY A 52 -5.75 12.03 5.88
C GLY A 52 -5.86 11.67 7.35
N GLY A 53 -5.06 10.70 7.78
CA GLY A 53 -5.08 10.27 9.17
C GLY A 53 -3.83 9.54 9.58
N THR A 54 -3.26 8.77 8.65
CA THR A 54 -2.05 8.01 8.91
C THR A 54 -1.17 7.92 7.67
N ALA A 55 0.14 7.80 7.88
CA ALA A 55 1.08 7.69 6.78
C ALA A 55 0.98 6.33 6.09
N GLY A 56 -0.06 6.17 5.27
CA GLY A 56 -0.25 4.91 4.56
C GLY A 56 -0.91 5.10 3.22
N GLU A 57 -0.13 4.97 2.14
CA GLU A 57 -0.65 5.14 0.80
C GLU A 57 -1.01 3.79 0.18
N VAL A 58 -1.34 3.80 -1.10
CA VAL A 58 -1.70 2.58 -1.81
C VAL A 58 -1.05 2.52 -3.19
N GLU A 59 -0.43 1.38 -3.50
CA GLU A 59 0.24 1.20 -4.78
C GLU A 59 -0.65 0.42 -5.75
N THR A 60 -0.95 1.02 -6.89
CA THR A 60 -1.79 0.39 -7.90
C THR A 60 -0.98 0.02 -9.14
N GLU A 61 -0.94 -1.28 -9.43
CA GLU A 61 -0.20 -1.76 -10.59
C GLU A 61 -0.94 -2.92 -11.26
N THR A 62 -1.25 -2.75 -12.54
CA THR A 62 -1.96 -3.78 -13.29
C THR A 62 -0.98 -4.78 -13.92
N GLY A 63 -1.43 -6.02 -14.06
CA GLY A 63 -0.58 -7.06 -14.63
C GLY A 63 -1.30 -7.87 -15.68
N GLU A 64 -1.62 -9.11 -15.33
CA GLU A 64 -2.32 -10.01 -16.25
C GLU A 64 -3.84 -9.83 -16.14
N GLY A 65 -4.29 -9.38 -14.97
CA GLY A 65 -5.71 -9.17 -14.77
C GLY A 65 -6.02 -7.81 -14.18
N ALA A 66 -6.66 -7.81 -13.02
CA ALA A 66 -7.01 -6.56 -12.34
C ALA A 66 -6.30 -6.44 -11.00
N ALA A 67 -5.08 -6.97 -10.94
CA ALA A 67 -4.29 -6.92 -9.71
C ALA A 67 -3.97 -5.48 -9.32
N ALA A 68 -2.89 -5.30 -8.58
CA ALA A 68 -2.47 -3.97 -8.13
C ALA A 68 -0.98 -3.95 -7.80
N TYR A 69 -0.67 -3.93 -6.51
CA TYR A 69 0.72 -3.91 -6.05
C TYR A 69 0.80 -4.13 -4.55
N GLY A 70 0.65 -3.06 -3.78
CA GLY A 70 0.71 -3.16 -2.34
C GLY A 70 0.25 -1.89 -1.65
N VAL A 71 -0.19 -2.03 -0.40
CA VAL A 71 -0.66 -0.89 0.38
C VAL A 71 0.13 -0.74 1.68
N LEU A 72 0.78 0.41 1.84
CA LEU A 72 1.56 0.68 3.04
C LEU A 72 0.84 1.68 3.95
N VAL A 73 0.81 1.36 5.25
CA VAL A 73 0.16 2.23 6.23
C VAL A 73 0.86 2.16 7.57
N THR A 74 1.38 3.29 8.02
CA THR A 74 2.08 3.36 9.30
C THR A 74 2.34 4.81 9.70
N ARG A 75 3.57 5.09 10.13
CA ARG A 75 3.95 6.44 10.55
C ARG A 75 4.73 7.15 9.45
N PRO A 76 4.58 8.47 9.38
CA PRO A 76 5.27 9.29 8.38
C PRO A 76 6.77 9.38 8.64
N ASP A 77 7.26 8.57 9.57
CA ASP A 77 8.68 8.55 9.90
C ASP A 77 9.43 7.57 9.01
N GLY A 78 9.05 7.52 7.74
CA GLY A 78 9.71 6.61 6.80
C GLY A 78 9.34 5.17 7.05
N THR A 79 8.61 4.91 8.13
CA THR A 79 8.20 3.56 8.48
C THR A 79 6.77 3.30 8.05
N ARG A 80 6.60 2.37 7.12
CA ARG A 80 5.27 2.01 6.61
C ARG A 80 5.13 0.51 6.44
N VAL A 81 3.90 0.03 6.37
CA VAL A 81 3.63 -1.38 6.21
C VAL A 81 2.97 -1.67 4.86
N GLU A 82 3.79 -1.86 3.84
CA GLU A 82 3.28 -2.14 2.49
C GLU A 82 2.91 -3.61 2.35
N VAL A 83 1.65 -3.86 2.01
CA VAL A 83 1.16 -5.23 1.85
C VAL A 83 1.16 -5.63 0.37
N HIS A 84 1.12 -6.93 0.12
CA HIS A 84 1.11 -7.45 -1.24
C HIS A 84 -0.27 -7.94 -1.62
N LEU A 85 -0.94 -7.20 -2.52
CA LEU A 85 -2.28 -7.57 -2.96
C LEU A 85 -2.35 -7.59 -4.48
N ASP A 86 -2.51 -8.78 -5.05
CA ASP A 86 -2.59 -8.93 -6.51
C ASP A 86 -3.70 -9.91 -6.88
N ARG A 87 -4.79 -9.38 -7.44
CA ARG A 87 -5.92 -10.20 -7.83
C ARG A 87 -5.53 -11.14 -8.98
N ASP A 88 -4.27 -11.06 -9.40
CA ASP A 88 -3.78 -11.89 -10.49
C ASP A 88 -3.68 -13.35 -10.07
N PHE A 89 -3.81 -13.58 -8.76
CA PHE A 89 -3.73 -14.93 -8.22
C PHE A 89 -4.24 -14.96 -6.77
N ARG A 90 -3.31 -14.83 -5.83
CA ARG A 90 -3.66 -14.85 -4.41
C ARG A 90 -2.63 -14.07 -3.59
N VAL A 91 -2.11 -12.99 -4.17
CA VAL A 91 -1.12 -12.16 -3.50
C VAL A 91 -1.74 -11.40 -2.33
N LEU A 92 -1.54 -11.91 -1.12
CA LEU A 92 -2.08 -11.29 0.09
C LEU A 92 -1.02 -11.22 1.19
N ASP A 93 0.24 -11.39 0.80
CA ASP A 93 1.34 -11.35 1.76
C ASP A 93 1.73 -9.91 2.08
N THR A 94 2.17 -9.69 3.31
CA THR A 94 2.58 -8.35 3.74
C THR A 94 4.06 -8.11 3.48
N GLU A 95 4.47 -6.85 3.54
CA GLU A 95 5.87 -6.49 3.30
C GLU A 95 6.27 -5.30 4.17
N PRO A 96 7.31 -5.49 4.98
CA PRO A 96 7.82 -4.45 5.88
C PRO A 96 8.51 -3.32 5.11
N ALA A 97 8.11 -2.08 5.40
CA ALA A 97 8.68 -0.92 4.75
C ALA A 97 9.40 -0.02 5.75
N ASP A 98 10.72 0.08 5.61
CA ASP A 98 11.52 0.91 6.51
C ASP A 98 12.34 1.92 5.71
N GLY A 99 11.70 2.58 4.76
CA GLY A 99 12.40 3.57 3.95
C GLY A 99 13.34 2.93 2.95
N ASP A 100 13.67 1.67 3.17
CA ASP A 100 14.58 0.94 2.28
C ASP A 100 13.79 0.12 1.26
N GLY A 101 13.06 -0.87 1.75
CA GLY A 101 12.28 -1.72 0.88
C GLY A 101 12.96 -3.05 0.59
N GLY A 102 13.87 -3.44 1.47
CA GLY A 102 14.58 -4.70 1.29
C GLY A 102 16.09 -4.54 1.41
N ASP A 11 -7.16 -0.45 -3.42
CA ASP A 11 -8.29 -0.05 -4.24
C ASP A 11 -8.18 -0.65 -5.64
N TYR A 12 -6.95 -0.79 -6.12
CA TYR A 12 -6.71 -1.35 -7.45
C TYR A 12 -6.92 -2.86 -7.45
N ASP A 13 -6.78 -3.48 -6.29
CA ASP A 13 -6.97 -4.92 -6.15
C ASP A 13 -8.41 -5.31 -6.45
N ILE A 14 -8.86 -6.40 -5.84
CA ILE A 14 -10.22 -6.88 -6.05
C ILE A 14 -11.11 -6.52 -4.86
N PRO A 15 -12.43 -6.67 -5.06
CA PRO A 15 -13.42 -6.35 -4.01
C PRO A 15 -13.38 -7.35 -2.86
N THR A 16 -12.51 -8.36 -2.99
CA THR A 16 -12.38 -9.38 -1.96
C THR A 16 -10.91 -9.78 -1.78
N THR A 17 -10.23 -9.15 -0.83
CA THR A 17 -8.83 -9.45 -0.56
C THR A 17 -8.64 -9.96 0.86
N GLU A 18 -7.39 -10.01 1.31
CA GLU A 18 -7.07 -10.48 2.65
C GLU A 18 -6.59 -9.33 3.53
N ASN A 19 -5.27 -9.17 3.59
CA ASN A 19 -4.67 -8.11 4.40
C ASN A 19 -5.20 -6.74 3.97
N LEU A 20 -5.78 -6.68 2.78
CA LEU A 20 -6.33 -5.43 2.26
C LEU A 20 -7.75 -5.20 2.78
N TYR A 21 -8.38 -6.27 3.25
CA TYR A 21 -9.74 -6.19 3.76
C TYR A 21 -9.78 -5.36 5.05
N PHE A 22 -8.61 -5.17 5.66
CA PHE A 22 -8.51 -4.40 6.89
C PHE A 22 -8.04 -2.98 6.60
N GLN A 23 -7.37 -2.80 5.47
CA GLN A 23 -6.86 -1.50 5.08
C GLN A 23 -8.00 -0.53 4.79
N GLY A 24 -9.13 -1.07 4.32
CA GLY A 24 -10.28 -0.25 4.01
C GLY A 24 -10.55 0.79 5.08
N ALA A 25 -10.20 0.47 6.33
CA ALA A 25 -10.41 1.39 7.44
C ALA A 25 -9.41 2.54 7.40
N MET A 26 -8.13 2.21 7.56
CA MET A 26 -7.08 3.23 7.54
C MET A 26 -7.00 3.90 6.17
N ALA A 27 -7.75 3.37 5.21
CA ALA A 27 -7.76 3.91 3.86
C ALA A 27 -9.01 4.73 3.60
N PHE A 28 -9.60 5.25 4.67
CA PHE A 28 -10.82 6.06 4.56
C PHE A 28 -10.51 7.43 3.98
N ASP A 29 -9.25 7.65 3.64
CA ASP A 29 -8.82 8.93 3.07
C ASP A 29 -7.32 8.92 2.77
N GLY A 30 -6.56 8.22 3.62
CA GLY A 30 -5.12 8.16 3.42
C GLY A 30 -4.74 7.29 2.24
N GLU A 31 -5.74 6.70 1.60
CA GLU A 31 -5.51 5.84 0.43
C GLU A 31 -5.64 6.63 -0.87
N ASP A 32 -4.50 6.93 -1.48
CA ASP A 32 -4.49 7.68 -2.73
C ASP A 32 -3.85 6.86 -3.85
N GLU A 33 -3.26 7.55 -4.83
CA GLU A 33 -2.62 6.88 -5.95
C GLU A 33 -1.13 7.22 -6.00
N VAL A 34 -0.30 6.23 -5.70
CA VAL A 34 1.14 6.41 -5.71
C VAL A 34 1.70 6.31 -7.12
N THR A 35 2.59 5.35 -7.33
CA THR A 35 3.20 5.15 -8.64
C THR A 35 3.39 3.66 -8.94
N GLY A 36 4.40 3.06 -8.34
CA GLY A 36 4.67 1.65 -8.56
C GLY A 36 5.74 1.11 -7.64
N PRO A 37 6.96 1.67 -7.76
CA PRO A 37 8.11 1.26 -6.95
C PRO A 37 7.96 1.67 -5.48
N ASP A 38 8.69 0.99 -4.61
CA ASP A 38 8.64 1.29 -3.19
C ASP A 38 9.21 2.67 -2.89
N ALA A 39 10.20 3.09 -3.69
CA ALA A 39 10.82 4.38 -3.52
C ALA A 39 9.78 5.50 -3.43
N ASP A 40 8.66 5.29 -4.12
CA ASP A 40 7.58 6.27 -4.12
C ASP A 40 6.69 6.11 -2.90
N ARG A 41 6.56 4.87 -2.42
CA ARG A 41 5.73 4.58 -1.26
C ARG A 41 6.20 5.38 -0.05
N ALA A 42 7.51 5.56 0.07
CA ALA A 42 8.09 6.30 1.18
C ALA A 42 7.80 7.80 1.04
N ARG A 43 7.74 8.28 -0.19
CA ARG A 43 7.47 9.68 -0.46
C ARG A 43 5.99 9.99 -0.29
N ALA A 44 5.15 9.06 -0.74
CA ALA A 44 3.70 9.24 -0.64
C ALA A 44 3.20 8.92 0.76
N ALA A 45 3.44 7.69 1.21
CA ALA A 45 3.03 7.26 2.54
C ALA A 45 3.61 8.16 3.61
N ALA A 46 4.66 8.90 3.26
CA ALA A 46 5.30 9.80 4.20
C ALA A 46 4.33 10.84 4.73
N VAL A 47 4.13 11.90 3.94
CA VAL A 47 3.21 12.97 4.33
C VAL A 47 2.01 13.05 3.39
N GLN A 48 2.15 12.40 2.23
CA GLN A 48 1.07 12.39 1.23
C GLN A 48 -0.07 11.48 1.69
N ALA A 49 0.27 10.42 2.41
CA ALA A 49 -0.73 9.48 2.91
C ALA A 49 -0.93 9.63 4.41
N VAL A 50 -0.17 10.53 5.02
CA VAL A 50 -0.26 10.76 6.46
C VAL A 50 -1.21 11.91 6.76
N PRO A 51 -1.70 12.57 5.70
CA PRO A 51 -2.63 13.70 5.84
C PRO A 51 -4.00 13.27 6.32
N GLY A 52 -4.38 12.05 5.99
CA GLY A 52 -5.67 11.53 6.40
C GLY A 52 -5.71 11.16 7.87
N GLY A 53 -4.77 10.31 8.28
CA GLY A 53 -4.72 9.89 9.67
C GLY A 53 -3.43 9.18 10.01
N THR A 54 -2.88 8.46 9.04
CA THR A 54 -1.63 7.72 9.25
C THR A 54 -0.80 7.69 7.97
N ALA A 55 0.51 7.51 8.12
CA ALA A 55 1.42 7.46 6.98
C ALA A 55 1.23 6.17 6.19
N GLY A 56 0.16 6.12 5.40
CA GLY A 56 -0.10 4.94 4.60
C GLY A 56 -0.75 5.27 3.27
N GLU A 57 0.03 5.14 2.19
CA GLU A 57 -0.47 5.44 0.85
C GLU A 57 -0.90 4.16 0.14
N VAL A 58 -1.15 4.27 -1.17
CA VAL A 58 -1.57 3.13 -1.96
C VAL A 58 -0.95 3.17 -3.35
N GLU A 59 -0.03 2.24 -3.61
CA GLU A 59 0.64 2.17 -4.90
C GLU A 59 -0.05 1.19 -5.83
N THR A 60 0.23 1.29 -7.13
CA THR A 60 -0.37 0.40 -8.12
C THR A 60 0.71 -0.28 -8.96
N GLU A 61 0.73 -1.60 -8.91
CA GLU A 61 1.71 -2.38 -9.67
C GLU A 61 1.03 -3.51 -10.45
N THR A 62 1.70 -4.00 -11.47
CA THR A 62 1.16 -5.08 -12.30
C THR A 62 2.13 -6.26 -12.36
N GLY A 63 1.87 -7.28 -11.57
CA GLY A 63 2.73 -8.45 -11.56
C GLY A 63 2.30 -9.50 -12.57
N GLU A 64 2.41 -10.77 -12.18
CA GLU A 64 2.03 -11.87 -13.06
C GLU A 64 0.55 -12.20 -12.91
N GLY A 65 -0.14 -11.46 -12.03
CA GLY A 65 -1.55 -11.69 -11.82
C GLY A 65 -2.42 -10.67 -12.51
N ALA A 66 -3.24 -9.96 -11.74
CA ALA A 66 -4.13 -8.95 -12.29
C ALA A 66 -3.84 -7.58 -11.68
N ALA A 67 -4.32 -7.38 -10.45
CA ALA A 67 -4.11 -6.11 -9.76
C ALA A 67 -3.15 -6.27 -8.58
N ALA A 68 -1.87 -6.17 -8.86
CA ALA A 68 -0.85 -6.31 -7.82
C ALA A 68 -0.37 -4.94 -7.33
N TYR A 69 -1.10 -4.38 -6.37
CA TYR A 69 -0.76 -3.07 -5.82
C TYR A 69 -0.38 -3.19 -4.34
N GLY A 70 0.36 -2.20 -3.84
CA GLY A 70 0.77 -2.21 -2.46
C GLY A 70 0.36 -0.95 -1.72
N VAL A 71 -0.30 -1.13 -0.58
CA VAL A 71 -0.76 0.01 0.23
C VAL A 71 0.05 0.12 1.52
N LEU A 72 0.65 1.28 1.72
CA LEU A 72 1.46 1.51 2.92
C LEU A 72 0.58 1.97 4.09
N VAL A 73 0.92 1.51 5.28
CA VAL A 73 0.16 1.87 6.47
C VAL A 73 1.05 1.87 7.71
N THR A 74 1.57 3.04 8.08
CA THR A 74 2.43 3.17 9.24
C THR A 74 2.65 4.64 9.60
N ARG A 75 3.81 4.93 10.17
CA ARG A 75 4.14 6.29 10.56
C ARG A 75 5.13 6.92 9.58
N PRO A 76 5.08 8.26 9.45
CA PRO A 76 5.96 9.00 8.55
C PRO A 76 7.41 9.00 9.01
N ASP A 77 7.69 8.22 10.05
CA ASP A 77 9.04 8.13 10.60
C ASP A 77 9.93 7.27 9.72
N GLY A 78 9.51 7.09 8.47
CA GLY A 78 10.28 6.28 7.53
C GLY A 78 9.80 4.84 7.49
N THR A 79 8.99 4.45 8.46
CA THR A 79 8.47 3.09 8.52
C THR A 79 7.06 3.02 7.95
N ARG A 80 6.87 2.13 6.98
CA ARG A 80 5.57 1.96 6.35
C ARG A 80 5.23 0.49 6.16
N VAL A 81 3.95 0.19 5.99
CA VAL A 81 3.50 -1.19 5.81
C VAL A 81 2.83 -1.37 4.44
N GLU A 82 3.63 -1.78 3.46
CA GLU A 82 3.11 -2.00 2.11
C GLU A 82 2.47 -3.37 1.99
N VAL A 83 1.19 -3.39 1.66
CA VAL A 83 0.45 -4.65 1.51
C VAL A 83 0.32 -5.03 0.04
N HIS A 84 1.01 -6.11 -0.35
CA HIS A 84 0.97 -6.59 -1.72
C HIS A 84 -0.22 -7.52 -1.95
N LEU A 85 -1.19 -7.06 -2.71
CA LEU A 85 -2.39 -7.86 -3.00
C LEU A 85 -2.64 -7.93 -4.51
N ASP A 86 -2.80 -9.16 -5.00
CA ASP A 86 -3.05 -9.37 -6.43
C ASP A 86 -4.16 -10.40 -6.63
N ARG A 87 -5.11 -10.07 -7.50
CA ARG A 87 -6.22 -10.95 -7.79
C ARG A 87 -5.73 -12.31 -8.29
N ASP A 88 -4.41 -12.47 -8.34
CA ASP A 88 -3.81 -13.72 -8.79
C ASP A 88 -4.12 -14.86 -7.82
N PHE A 89 -4.77 -14.53 -6.72
CA PHE A 89 -5.11 -15.52 -5.71
C PHE A 89 -3.87 -16.05 -5.01
N ARG A 90 -2.74 -15.38 -5.23
CA ARG A 90 -1.47 -15.79 -4.63
C ARG A 90 -0.73 -14.58 -4.08
N VAL A 91 -1.31 -13.40 -4.24
CA VAL A 91 -0.70 -12.16 -3.76
C VAL A 91 -1.56 -11.51 -2.69
N LEU A 92 -1.29 -11.82 -1.43
CA LEU A 92 -2.05 -11.26 -0.31
C LEU A 92 -1.13 -11.02 0.88
N ASP A 93 0.17 -11.05 0.65
CA ASP A 93 1.14 -10.84 1.72
C ASP A 93 1.59 -9.38 1.75
N THR A 94 1.68 -8.82 2.96
CA THR A 94 2.10 -7.44 3.13
C THR A 94 3.59 -7.34 3.44
N GLU A 95 4.28 -6.48 2.71
CA GLU A 95 5.72 -6.31 2.90
C GLU A 95 6.00 -5.05 3.73
N PRO A 96 6.78 -5.22 4.81
CA PRO A 96 7.14 -4.12 5.70
C PRO A 96 8.09 -3.12 5.05
N ALA A 97 7.62 -1.89 4.84
CA ALA A 97 8.43 -0.86 4.23
C ALA A 97 9.63 -0.51 5.10
N ASP A 98 10.83 -0.80 4.61
CA ASP A 98 12.05 -0.50 5.35
C ASP A 98 12.53 0.92 5.07
N GLY A 99 11.64 1.74 4.50
CA GLY A 99 11.99 3.11 4.20
C GLY A 99 12.87 3.23 2.96
N ASP A 100 13.54 2.13 2.61
CA ASP A 100 14.41 2.12 1.44
C ASP A 100 13.70 1.52 0.24
N GLY A 101 12.90 0.50 0.49
CA GLY A 101 12.17 -0.15 -0.60
C GLY A 101 12.98 -1.22 -1.29
N GLY A 102 13.62 -2.08 -0.50
CA GLY A 102 14.43 -3.14 -1.07
C GLY A 102 15.78 -2.65 -1.53
N ASP A 11 -8.77 -2.63 -2.35
CA ASP A 11 -10.15 -2.60 -2.80
C ASP A 11 -10.25 -3.01 -4.27
N TYR A 12 -9.23 -2.68 -5.05
CA TYR A 12 -9.20 -3.01 -6.47
C TYR A 12 -9.05 -4.51 -6.66
N ASP A 13 -8.15 -5.12 -5.90
CA ASP A 13 -7.91 -6.55 -6.00
C ASP A 13 -9.12 -7.34 -5.53
N ILE A 14 -8.89 -8.51 -4.93
CA ILE A 14 -9.96 -9.36 -4.44
C ILE A 14 -10.55 -8.81 -3.15
N PRO A 15 -11.85 -8.48 -3.17
CA PRO A 15 -12.56 -7.94 -2.01
C PRO A 15 -12.73 -8.98 -0.91
N THR A 16 -12.18 -10.17 -1.13
CA THR A 16 -12.28 -11.25 -0.16
C THR A 16 -10.92 -11.61 0.42
N THR A 17 -9.98 -10.67 0.32
CA THR A 17 -8.63 -10.89 0.84
C THR A 17 -8.57 -10.65 2.34
N GLU A 18 -7.35 -10.51 2.87
CA GLU A 18 -7.16 -10.28 4.29
C GLU A 18 -7.59 -8.86 4.67
N ASN A 19 -6.72 -8.17 5.39
CA ASN A 19 -7.00 -6.80 5.83
C ASN A 19 -6.86 -5.82 4.67
N LEU A 20 -6.77 -6.37 3.45
CA LEU A 20 -6.64 -5.54 2.26
C LEU A 20 -7.79 -4.55 2.14
N TYR A 21 -8.94 -4.92 2.71
CA TYR A 21 -10.13 -4.08 2.67
C TYR A 21 -10.24 -3.25 3.95
N PHE A 22 -9.22 -3.32 4.79
CA PHE A 22 -9.21 -2.57 6.04
C PHE A 22 -8.18 -1.45 5.99
N GLN A 23 -7.00 -1.75 5.45
CA GLN A 23 -5.93 -0.77 5.35
C GLN A 23 -6.32 0.37 4.41
N GLY A 24 -6.75 0.01 3.21
CA GLY A 24 -7.16 1.01 2.24
C GLY A 24 -8.01 2.10 2.85
N ALA A 25 -9.11 1.70 3.50
CA ALA A 25 -10.02 2.65 4.13
C ALA A 25 -9.71 2.79 5.62
N MET A 26 -8.46 3.08 5.94
CA MET A 26 -8.03 3.23 7.32
C MET A 26 -8.68 4.47 7.94
N ALA A 27 -8.75 5.54 7.16
CA ALA A 27 -9.34 6.79 7.63
C ALA A 27 -10.53 7.21 6.76
N PHE A 28 -10.26 8.02 5.75
CA PHE A 28 -11.30 8.48 4.85
C PHE A 28 -10.77 8.62 3.42
N ASP A 29 -9.47 8.86 3.30
CA ASP A 29 -8.83 9.02 1.99
C ASP A 29 -7.34 9.29 2.15
N GLY A 30 -6.76 8.80 3.24
CA GLY A 30 -5.34 9.01 3.49
C GLY A 30 -4.47 8.10 2.65
N GLU A 31 -5.09 7.40 1.70
CA GLU A 31 -4.36 6.49 0.82
C GLU A 31 -3.93 7.19 -0.47
N ASP A 32 -2.68 7.63 -0.50
CA ASP A 32 -2.14 8.32 -1.67
C ASP A 32 -2.07 7.37 -2.87
N GLU A 33 -1.29 7.74 -3.87
CA GLU A 33 -1.14 6.94 -5.07
C GLU A 33 0.34 6.72 -5.39
N VAL A 34 0.84 5.52 -5.06
CA VAL A 34 2.23 5.18 -5.32
C VAL A 34 2.48 4.96 -6.81
N THR A 35 3.74 5.06 -7.21
CA THR A 35 4.12 4.87 -8.60
C THR A 35 4.49 3.41 -8.88
N GLY A 36 5.16 2.79 -7.92
CA GLY A 36 5.57 1.41 -8.07
C GLY A 36 6.59 0.98 -7.04
N PRO A 37 7.78 1.60 -7.09
CA PRO A 37 8.87 1.29 -6.16
C PRO A 37 8.57 1.77 -4.73
N ASP A 38 9.28 1.20 -3.77
CA ASP A 38 9.10 1.57 -2.37
C ASP A 38 9.39 3.05 -2.15
N ALA A 39 10.29 3.59 -2.97
CA ALA A 39 10.67 4.99 -2.87
C ALA A 39 9.44 5.90 -2.92
N ASP A 40 8.42 5.45 -3.65
CA ASP A 40 7.18 6.23 -3.78
C ASP A 40 6.28 6.01 -2.57
N ARG A 41 6.29 4.78 -2.05
CA ARG A 41 5.46 4.44 -0.90
C ARG A 41 6.00 5.11 0.38
N ALA A 42 7.32 5.11 0.53
CA ALA A 42 7.95 5.71 1.69
C ALA A 42 7.84 7.24 1.66
N ARG A 43 7.91 7.80 0.45
CA ARG A 43 7.82 9.24 0.27
C ARG A 43 6.38 9.71 0.31
N ALA A 44 5.49 8.92 -0.30
CA ALA A 44 4.07 9.26 -0.34
C ALA A 44 3.41 8.97 1.01
N ALA A 45 3.45 7.71 1.44
CA ALA A 45 2.85 7.31 2.70
C ALA A 45 3.43 8.13 3.85
N ALA A 46 4.57 8.77 3.61
CA ALA A 46 5.21 9.58 4.64
C ALA A 46 4.33 10.75 5.06
N VAL A 47 4.11 11.68 4.14
CA VAL A 47 3.28 12.84 4.43
C VAL A 47 2.12 12.94 3.44
N GLN A 48 2.22 12.19 2.35
CA GLN A 48 1.17 12.18 1.33
C GLN A 48 0.00 11.31 1.76
N ALA A 49 0.30 10.16 2.33
CA ALA A 49 -0.73 9.24 2.78
C ALA A 49 -0.88 9.27 4.30
N VAL A 50 -0.06 10.11 4.95
CA VAL A 50 -0.11 10.24 6.40
C VAL A 50 -1.02 11.38 6.82
N PRO A 51 -1.42 12.21 5.85
CA PRO A 51 -2.30 13.35 6.10
C PRO A 51 -3.72 12.92 6.46
N GLY A 52 -4.13 11.76 5.96
CA GLY A 52 -5.46 11.25 6.25
C GLY A 52 -5.61 10.78 7.68
N GLY A 53 -4.61 10.05 8.16
CA GLY A 53 -4.66 9.55 9.52
C GLY A 53 -3.44 8.72 9.87
N THR A 54 -2.87 8.04 8.88
CA THR A 54 -1.70 7.20 9.09
C THR A 54 -0.84 7.14 7.84
N ALA A 55 0.45 6.83 8.01
CA ALA A 55 1.37 6.73 6.90
C ALA A 55 1.07 5.50 6.04
N GLY A 56 0.03 5.58 5.24
CA GLY A 56 -0.35 4.47 4.39
C GLY A 56 -0.95 4.91 3.07
N GLU A 57 -0.23 4.68 1.98
CA GLU A 57 -0.69 5.07 0.66
C GLU A 57 -1.19 3.85 -0.13
N VAL A 58 -1.46 4.05 -1.40
CA VAL A 58 -1.94 2.97 -2.26
C VAL A 58 -1.15 2.91 -3.57
N GLU A 59 -0.52 1.76 -3.80
CA GLU A 59 0.27 1.57 -5.01
C GLU A 59 -0.57 0.92 -6.12
N THR A 60 -0.60 1.56 -7.28
CA THR A 60 -1.36 1.07 -8.41
C THR A 60 -0.44 0.51 -9.49
N GLU A 61 -0.38 -0.82 -9.60
CA GLU A 61 0.46 -1.47 -10.59
C GLU A 61 -0.28 -2.62 -11.27
N THR A 62 0.17 -2.99 -12.46
CA THR A 62 -0.45 -4.07 -13.21
C THR A 62 0.57 -5.14 -13.58
N GLY A 63 0.42 -6.33 -13.01
CA GLY A 63 1.33 -7.42 -13.30
C GLY A 63 0.85 -8.29 -14.44
N GLU A 64 1.63 -9.33 -14.76
CA GLU A 64 1.28 -10.23 -15.84
C GLU A 64 0.06 -11.07 -15.49
N GLY A 65 -0.30 -11.06 -14.21
CA GLY A 65 -1.45 -11.82 -13.75
C GLY A 65 -2.74 -11.05 -13.89
N ALA A 66 -3.33 -10.67 -12.76
CA ALA A 66 -4.58 -9.92 -12.75
C ALA A 66 -4.37 -8.52 -12.19
N ALA A 67 -4.27 -8.41 -10.87
CA ALA A 67 -4.07 -7.13 -10.21
C ALA A 67 -2.66 -7.01 -9.65
N ALA A 68 -2.21 -5.79 -9.44
CA ALA A 68 -0.87 -5.53 -8.91
C ALA A 68 -0.83 -4.23 -8.13
N TYR A 69 -1.78 -4.05 -7.21
CA TYR A 69 -1.84 -2.83 -6.41
C TYR A 69 -1.74 -3.16 -4.92
N GLY A 70 -0.84 -2.47 -4.23
CA GLY A 70 -0.66 -2.70 -2.81
C GLY A 70 -1.10 -1.53 -1.97
N VAL A 71 -1.38 -1.78 -0.70
CA VAL A 71 -1.82 -0.72 0.22
C VAL A 71 -0.92 -0.65 1.44
N LEU A 72 -0.18 0.45 1.56
CA LEU A 72 0.72 0.65 2.68
C LEU A 72 0.01 1.37 3.84
N VAL A 73 0.38 1.01 5.07
CA VAL A 73 -0.22 1.61 6.24
C VAL A 73 0.68 1.45 7.46
N THR A 74 1.22 2.57 7.94
CA THR A 74 2.11 2.55 9.10
C THR A 74 2.48 3.96 9.53
N ARG A 75 3.69 4.10 10.08
CA ARG A 75 4.17 5.39 10.52
C ARG A 75 5.23 5.95 9.57
N PRO A 76 5.23 7.27 9.37
CA PRO A 76 6.18 7.94 8.48
C PRO A 76 7.59 7.94 9.05
N ASP A 77 7.80 7.15 10.09
CA ASP A 77 9.12 7.05 10.72
C ASP A 77 9.98 6.00 10.01
N GLY A 78 9.78 5.87 8.71
CA GLY A 78 10.55 4.90 7.94
C GLY A 78 9.98 3.50 8.04
N THR A 79 9.09 3.28 9.01
CA THR A 79 8.47 1.99 9.20
C THR A 79 7.08 1.94 8.60
N ARG A 80 6.95 1.25 7.47
CA ARG A 80 5.67 1.12 6.78
C ARG A 80 5.43 -0.32 6.34
N VAL A 81 4.15 -0.68 6.19
CA VAL A 81 3.79 -2.02 5.76
C VAL A 81 3.13 -2.00 4.39
N GLU A 82 3.91 -2.34 3.36
CA GLU A 82 3.40 -2.37 2.00
C GLU A 82 2.73 -3.71 1.69
N VAL A 83 1.41 -3.69 1.57
CA VAL A 83 0.65 -4.90 1.27
C VAL A 83 0.29 -4.98 -0.21
N HIS A 84 0.95 -5.88 -0.92
CA HIS A 84 0.71 -6.05 -2.35
C HIS A 84 -0.48 -6.97 -2.59
N LEU A 85 -1.50 -6.46 -3.27
CA LEU A 85 -2.70 -7.25 -3.57
C LEU A 85 -2.75 -7.65 -5.04
N ASP A 86 -2.47 -8.93 -5.30
CA ASP A 86 -2.48 -9.44 -6.67
C ASP A 86 -3.34 -10.70 -6.77
N ARG A 87 -4.43 -10.60 -7.53
CA ARG A 87 -5.34 -11.72 -7.71
C ARG A 87 -4.63 -12.90 -8.36
N ASP A 88 -3.39 -12.67 -8.80
CA ASP A 88 -2.60 -13.71 -9.44
C ASP A 88 -1.90 -14.58 -8.41
N PHE A 89 -2.56 -14.77 -7.26
CA PHE A 89 -1.99 -15.57 -6.18
C PHE A 89 -1.31 -14.70 -5.14
N ARG A 90 -0.77 -13.57 -5.58
CA ARG A 90 -0.10 -12.64 -4.68
C ARG A 90 -1.07 -11.59 -4.15
N VAL A 91 -2.32 -11.99 -3.93
CA VAL A 91 -3.33 -11.08 -3.43
C VAL A 91 -2.94 -10.50 -2.08
N LEU A 92 -2.15 -11.25 -1.33
CA LEU A 92 -1.69 -10.82 -0.01
C LEU A 92 -0.17 -10.78 0.05
N ASP A 93 0.47 -10.54 -1.09
CA ASP A 93 1.92 -10.48 -1.16
C ASP A 93 2.45 -9.23 -0.48
N THR A 94 2.28 -9.15 0.84
CA THR A 94 2.74 -8.00 1.61
C THR A 94 4.20 -8.14 1.99
N GLU A 95 4.88 -7.01 2.14
CA GLU A 95 6.29 -7.00 2.51
C GLU A 95 6.63 -5.81 3.39
N PRO A 96 7.72 -5.92 4.15
CA PRO A 96 8.18 -4.86 5.06
C PRO A 96 8.71 -3.65 4.30
N ALA A 97 8.26 -2.47 4.69
CA ALA A 97 8.69 -1.23 4.06
C ALA A 97 9.52 -0.38 5.01
N ASP A 98 10.84 -0.40 4.82
CA ASP A 98 11.75 0.37 5.67
C ASP A 98 12.21 1.65 4.96
N GLY A 99 11.56 1.95 3.84
CA GLY A 99 11.91 3.14 3.09
C GLY A 99 13.04 2.89 2.10
N ASP A 100 13.79 1.81 2.32
CA ASP A 100 14.89 1.45 1.45
C ASP A 100 14.46 0.43 0.40
N GLY A 101 13.67 -0.55 0.83
CA GLY A 101 13.19 -1.57 -0.09
C GLY A 101 14.23 -2.65 -0.33
N GLY A 102 15.09 -2.88 0.66
CA GLY A 102 16.12 -3.89 0.52
C GLY A 102 15.77 -5.18 1.24
N ASP A 11 -7.92 1.75 -2.49
CA ASP A 11 -9.19 1.23 -2.98
C ASP A 11 -9.05 0.67 -4.40
N TYR A 12 -7.89 0.92 -5.00
CA TYR A 12 -7.63 0.44 -6.36
C TYR A 12 -7.57 -1.08 -6.40
N ASP A 13 -6.73 -1.66 -5.55
CA ASP A 13 -6.58 -3.11 -5.48
C ASP A 13 -7.89 -3.77 -5.05
N ILE A 14 -7.78 -5.00 -4.54
CA ILE A 14 -8.96 -5.73 -4.09
C ILE A 14 -9.48 -5.18 -2.76
N PRO A 15 -10.74 -4.75 -2.75
CA PRO A 15 -11.39 -4.19 -1.55
C PRO A 15 -11.64 -5.26 -0.49
N THR A 16 -11.36 -6.51 -0.84
CA THR A 16 -11.56 -7.61 0.10
C THR A 16 -10.49 -8.69 -0.10
N THR A 17 -9.37 -8.53 0.61
CA THR A 17 -8.27 -9.49 0.52
C THR A 17 -7.78 -9.89 1.90
N GLU A 18 -6.55 -10.41 1.96
CA GLU A 18 -5.96 -10.82 3.23
C GLU A 18 -5.79 -9.63 4.17
N ASN A 19 -4.61 -9.03 4.16
CA ASN A 19 -4.32 -7.89 5.01
C ASN A 19 -4.71 -6.59 4.33
N LEU A 20 -5.44 -6.71 3.22
CA LEU A 20 -5.87 -5.54 2.46
C LEU A 20 -7.28 -5.10 2.90
N TYR A 21 -8.11 -6.08 3.24
CA TYR A 21 -9.47 -5.80 3.68
C TYR A 21 -9.48 -5.07 5.02
N PHE A 22 -8.32 -5.03 5.67
CA PHE A 22 -8.18 -4.37 6.96
C PHE A 22 -7.72 -2.93 6.80
N GLN A 23 -6.55 -2.77 6.19
CA GLN A 23 -5.99 -1.43 5.97
C GLN A 23 -6.84 -0.65 4.98
N GLY A 24 -7.30 -1.31 3.93
CA GLY A 24 -8.12 -0.66 2.92
C GLY A 24 -9.15 0.26 3.53
N ALA A 25 -9.68 -0.14 4.69
CA ALA A 25 -10.70 0.66 5.38
C ALA A 25 -10.22 2.10 5.56
N MET A 26 -9.12 2.26 6.29
CA MET A 26 -8.56 3.59 6.55
C MET A 26 -7.98 4.19 5.27
N ALA A 27 -7.89 3.37 4.23
CA ALA A 27 -7.35 3.83 2.95
C ALA A 27 -8.38 4.67 2.19
N PHE A 28 -9.65 4.52 2.55
CA PHE A 28 -10.71 5.27 1.91
C PHE A 28 -10.83 6.67 2.49
N ASP A 29 -9.86 7.05 3.32
CA ASP A 29 -9.85 8.36 3.94
C ASP A 29 -9.55 9.45 2.90
N GLY A 30 -8.26 9.62 2.59
CA GLY A 30 -7.87 10.63 1.62
C GLY A 30 -6.50 10.35 1.03
N GLU A 31 -5.98 9.15 1.28
CA GLU A 31 -4.68 8.76 0.77
C GLU A 31 -4.70 8.63 -0.76
N ASP A 32 -3.54 8.34 -1.35
CA ASP A 32 -3.44 8.18 -2.79
C ASP A 32 -2.87 6.81 -3.15
N GLU A 33 -2.42 6.68 -4.39
CA GLU A 33 -1.86 5.41 -4.86
C GLU A 33 -0.35 5.54 -5.11
N VAL A 34 0.32 4.41 -5.26
CA VAL A 34 1.75 4.40 -5.51
C VAL A 34 2.06 4.21 -6.98
N THR A 35 3.31 4.43 -7.36
CA THR A 35 3.74 4.28 -8.75
C THR A 35 4.32 2.90 -9.00
N GLY A 36 5.13 2.42 -8.05
CA GLY A 36 5.75 1.11 -8.19
C GLY A 36 6.86 0.88 -7.19
N PRO A 37 7.94 1.68 -7.31
CA PRO A 37 9.09 1.57 -6.41
C PRO A 37 8.78 2.04 -5.00
N ASP A 38 9.57 1.58 -4.04
CA ASP A 38 9.37 1.95 -2.64
C ASP A 38 9.50 3.47 -2.47
N ALA A 39 10.30 4.09 -3.33
CA ALA A 39 10.51 5.53 -3.26
C ALA A 39 9.19 6.28 -3.30
N ASP A 40 8.22 5.73 -4.03
CA ASP A 40 6.90 6.35 -4.14
C ASP A 40 6.02 5.97 -2.96
N ARG A 41 6.22 4.75 -2.44
CA ARG A 41 5.43 4.27 -1.31
C ARG A 41 5.79 5.03 -0.04
N ALA A 42 7.08 5.23 0.19
CA ALA A 42 7.55 5.94 1.37
C ALA A 42 7.26 7.43 1.27
N ARG A 43 7.33 7.96 0.04
CA ARG A 43 7.07 9.38 -0.19
C ARG A 43 5.57 9.67 -0.15
N ALA A 44 4.79 8.76 -0.73
CA ALA A 44 3.33 8.92 -0.76
C ALA A 44 2.72 8.63 0.60
N ALA A 45 2.92 7.41 1.08
CA ALA A 45 2.39 7.00 2.38
C ALA A 45 2.89 7.90 3.49
N ALA A 46 3.90 8.70 3.19
CA ALA A 46 4.48 9.62 4.17
C ALA A 46 3.53 10.78 4.46
N VAL A 47 3.39 11.68 3.49
CA VAL A 47 2.51 12.83 3.63
C VAL A 47 1.33 12.75 2.67
N GLN A 48 1.39 11.80 1.75
CA GLN A 48 0.33 11.62 0.76
C GLN A 48 -0.82 10.79 1.35
N ALA A 49 -0.47 9.77 2.12
CA ALA A 49 -1.46 8.90 2.73
C ALA A 49 -1.64 9.24 4.21
N VAL A 50 -0.82 10.14 4.71
CA VAL A 50 -0.88 10.55 6.10
C VAL A 50 -1.98 11.59 6.32
N PRO A 51 -2.31 12.33 5.25
CA PRO A 51 -3.35 13.37 5.30
C PRO A 51 -4.75 12.78 5.46
N GLY A 52 -4.84 11.46 5.31
CA GLY A 52 -6.14 10.81 5.43
C GLY A 52 -6.40 10.32 6.85
N GLY A 53 -5.33 10.03 7.59
CA GLY A 53 -5.48 9.56 8.95
C GLY A 53 -4.22 8.89 9.47
N THR A 54 -3.48 8.25 8.58
CA THR A 54 -2.25 7.57 8.96
C THR A 54 -1.30 7.45 7.77
N ALA A 55 -0.04 7.14 8.05
CA ALA A 55 0.97 6.99 7.01
C ALA A 55 0.79 5.68 6.25
N GLY A 56 -0.32 5.55 5.55
CA GLY A 56 -0.60 4.34 4.80
C GLY A 56 -1.24 4.61 3.45
N GLU A 57 -0.46 4.47 2.38
CA GLU A 57 -0.96 4.71 1.03
C GLU A 57 -1.42 3.41 0.39
N VAL A 58 -1.55 3.43 -0.94
CA VAL A 58 -1.99 2.25 -1.67
C VAL A 58 -1.04 1.94 -2.83
N GLU A 59 -0.43 0.77 -2.80
CA GLU A 59 0.51 0.36 -3.85
C GLU A 59 -0.22 -0.44 -4.93
N THR A 60 0.10 -0.13 -6.19
CA THR A 60 -0.52 -0.83 -7.31
C THR A 60 0.51 -1.13 -8.39
N GLU A 61 0.74 -2.41 -8.64
CA GLU A 61 1.70 -2.83 -9.65
C GLU A 61 1.04 -3.72 -10.70
N THR A 62 1.82 -4.15 -11.69
CA THR A 62 1.30 -4.99 -12.76
C THR A 62 1.73 -6.44 -12.55
N GLY A 63 0.76 -7.36 -12.60
CA GLY A 63 1.07 -8.76 -12.42
C GLY A 63 0.50 -9.63 -13.52
N GLU A 64 0.07 -10.83 -13.17
CA GLU A 64 -0.51 -11.76 -14.15
C GLU A 64 -2.00 -11.52 -14.31
N GLY A 65 -2.61 -10.90 -13.30
CA GLY A 65 -4.03 -10.61 -13.36
C GLY A 65 -4.34 -9.14 -13.46
N ALA A 66 -4.87 -8.57 -12.39
CA ALA A 66 -5.20 -7.15 -12.35
C ALA A 66 -4.32 -6.40 -11.37
N ALA A 67 -4.67 -6.47 -10.09
CA ALA A 67 -3.90 -5.79 -9.05
C ALA A 67 -2.64 -6.58 -8.70
N ALA A 68 -1.49 -5.89 -8.73
CA ALA A 68 -0.22 -6.53 -8.41
C ALA A 68 0.48 -5.82 -7.27
N TYR A 69 -0.28 -5.52 -6.21
CA TYR A 69 0.26 -4.82 -5.04
C TYR A 69 -0.74 -4.81 -3.90
N GLY A 70 -0.64 -3.79 -3.05
CA GLY A 70 -1.55 -3.67 -1.93
C GLY A 70 -1.63 -2.26 -1.40
N VAL A 71 -1.42 -2.10 -0.09
CA VAL A 71 -1.46 -0.79 0.54
C VAL A 71 -0.58 -0.74 1.78
N LEU A 72 -0.08 0.44 2.10
CA LEU A 72 0.78 0.62 3.26
C LEU A 72 0.03 1.30 4.41
N VAL A 73 0.44 1.03 5.63
CA VAL A 73 -0.18 1.61 6.81
C VAL A 73 0.78 1.65 7.98
N THR A 74 1.25 2.85 8.31
CA THR A 74 2.18 3.04 9.41
C THR A 74 2.43 4.52 9.69
N ARG A 75 3.66 4.86 10.03
CA ARG A 75 4.02 6.24 10.32
C ARG A 75 4.91 6.82 9.23
N PRO A 76 4.80 8.14 9.00
CA PRO A 76 5.59 8.84 7.98
C PRO A 76 7.07 8.93 8.35
N ASP A 77 7.44 8.24 9.42
CA ASP A 77 8.83 8.24 9.88
C ASP A 77 9.67 7.24 9.08
N GLY A 78 9.33 7.07 7.81
CA GLY A 78 10.06 6.15 6.95
C GLY A 78 9.71 4.70 7.24
N THR A 79 8.99 4.46 8.34
CA THR A 79 8.60 3.12 8.72
C THR A 79 7.14 2.85 8.37
N ARG A 80 6.93 2.07 7.31
CA ARG A 80 5.58 1.75 6.87
C ARG A 80 5.48 0.28 6.47
N VAL A 81 4.26 -0.26 6.49
CA VAL A 81 4.03 -1.65 6.13
C VAL A 81 3.19 -1.76 4.86
N GLU A 82 3.87 -1.93 3.73
CA GLU A 82 3.19 -2.05 2.45
C GLU A 82 2.80 -3.50 2.17
N VAL A 83 1.52 -3.72 1.90
CA VAL A 83 1.01 -5.06 1.62
C VAL A 83 1.04 -5.34 0.12
N HIS A 84 1.42 -6.58 -0.23
CA HIS A 84 1.49 -6.98 -1.63
C HIS A 84 0.52 -8.13 -1.91
N LEU A 85 -0.58 -7.81 -2.59
CA LEU A 85 -1.59 -8.82 -2.92
C LEU A 85 -1.96 -8.74 -4.40
N ASP A 86 -2.13 -9.89 -5.02
CA ASP A 86 -2.50 -9.96 -6.43
C ASP A 86 -3.98 -10.32 -6.60
N ARG A 87 -4.76 -9.36 -7.07
CA ARG A 87 -6.19 -9.58 -7.27
C ARG A 87 -6.44 -10.87 -8.05
N ASP A 88 -5.43 -11.32 -8.78
CA ASP A 88 -5.54 -12.54 -9.57
C ASP A 88 -5.65 -13.76 -8.66
N PHE A 89 -5.75 -13.52 -7.36
CA PHE A 89 -5.86 -14.61 -6.40
C PHE A 89 -4.58 -15.43 -6.34
N ARG A 90 -3.45 -14.74 -6.36
CA ARG A 90 -2.15 -15.41 -6.31
C ARG A 90 -1.27 -14.80 -5.22
N VAL A 91 -1.47 -13.52 -4.94
CA VAL A 91 -0.69 -12.83 -3.91
C VAL A 91 -1.60 -12.19 -2.87
N LEU A 92 -1.37 -12.51 -1.61
CA LEU A 92 -2.18 -11.96 -0.52
C LEU A 92 -1.31 -11.73 0.72
N ASP A 93 0.00 -11.71 0.53
CA ASP A 93 0.93 -11.50 1.64
C ASP A 93 1.43 -10.06 1.65
N THR A 94 1.63 -9.52 2.85
CA THR A 94 2.11 -8.16 3.00
C THR A 94 3.63 -8.09 2.94
N GLU A 95 4.17 -6.89 2.98
CA GLU A 95 5.62 -6.70 2.92
C GLU A 95 6.05 -5.52 3.78
N PRO A 96 7.05 -5.74 4.66
CA PRO A 96 7.58 -4.71 5.55
C PRO A 96 8.34 -3.64 4.80
N ALA A 97 7.83 -2.41 4.82
CA ALA A 97 8.48 -1.30 4.15
C ALA A 97 9.37 -0.52 5.11
N ASP A 98 10.67 -0.54 4.84
CA ASP A 98 11.64 0.17 5.68
C ASP A 98 12.07 1.49 5.03
N GLY A 99 11.31 1.92 4.02
CA GLY A 99 11.63 3.16 3.34
C GLY A 99 12.71 2.98 2.29
N ASP A 100 13.47 1.89 2.39
CA ASP A 100 14.53 1.60 1.45
C ASP A 100 14.05 0.64 0.37
N GLY A 101 13.30 -0.38 0.78
CA GLY A 101 12.81 -1.36 -0.17
C GLY A 101 13.85 -2.38 -0.56
N GLY A 102 14.80 -2.63 0.33
CA GLY A 102 15.84 -3.59 0.06
C GLY A 102 15.42 -5.01 0.39
N ASP A 11 -9.32 -0.61 -2.74
CA ASP A 11 -8.00 -0.44 -3.34
C ASP A 11 -7.48 -1.77 -3.88
N TYR A 12 -8.23 -2.85 -3.62
CA TYR A 12 -7.84 -4.17 -4.08
C TYR A 12 -8.50 -4.50 -5.42
N ASP A 13 -8.29 -5.73 -5.89
CA ASP A 13 -8.87 -6.17 -7.15
C ASP A 13 -9.79 -7.36 -6.95
N ILE A 14 -9.47 -8.18 -5.95
CA ILE A 14 -10.28 -9.36 -5.64
C ILE A 14 -11.19 -9.10 -4.44
N PRO A 15 -12.49 -9.37 -4.63
CA PRO A 15 -13.49 -9.18 -3.57
C PRO A 15 -13.34 -10.19 -2.43
N THR A 16 -12.17 -10.80 -2.36
CA THR A 16 -11.89 -11.80 -1.32
C THR A 16 -10.49 -11.63 -0.76
N THR A 17 -10.07 -10.38 -0.58
CA THR A 17 -8.75 -10.07 -0.04
C THR A 17 -8.67 -10.39 1.45
N GLU A 18 -7.61 -9.91 2.10
CA GLU A 18 -7.43 -10.14 3.52
C GLU A 18 -7.06 -8.83 4.24
N ASN A 19 -5.77 -8.52 4.27
CA ASN A 19 -5.30 -7.31 4.91
C ASN A 19 -5.61 -6.07 4.07
N LEU A 20 -6.35 -6.27 3.00
CA LEU A 20 -6.73 -5.19 2.11
C LEU A 20 -8.07 -4.59 2.50
N TYR A 21 -8.99 -5.45 2.93
CA TYR A 21 -10.31 -5.01 3.34
C TYR A 21 -10.27 -4.34 4.72
N PHE A 22 -9.10 -4.41 5.36
CA PHE A 22 -8.92 -3.82 6.68
C PHE A 22 -8.35 -2.41 6.57
N GLN A 23 -7.62 -2.16 5.48
CA GLN A 23 -7.00 -0.86 5.26
C GLN A 23 -8.01 0.12 4.65
N GLY A 24 -8.96 -0.41 3.88
CA GLY A 24 -9.96 0.42 3.26
C GLY A 24 -10.50 1.48 4.19
N ALA A 25 -10.52 1.18 5.49
CA ALA A 25 -11.02 2.12 6.48
C ALA A 25 -9.97 3.17 6.81
N MET A 26 -8.79 2.72 7.24
CA MET A 26 -7.71 3.63 7.58
C MET A 26 -7.23 4.39 6.34
N ALA A 27 -7.67 3.95 5.18
CA ALA A 27 -7.29 4.60 3.92
C ALA A 27 -8.41 5.50 3.41
N PHE A 28 -9.24 5.99 4.32
CA PHE A 28 -10.34 6.86 3.96
C PHE A 28 -9.83 8.16 3.35
N ASP A 29 -8.54 8.44 3.56
CA ASP A 29 -7.93 9.66 3.02
C ASP A 29 -6.46 9.42 2.66
N GLY A 30 -5.75 8.75 3.57
CA GLY A 30 -4.34 8.46 3.33
C GLY A 30 -4.11 7.69 2.05
N GLU A 31 -5.17 7.07 1.53
CA GLU A 31 -5.07 6.30 0.30
C GLU A 31 -4.73 7.19 -0.88
N ASP A 32 -3.44 7.32 -1.16
CA ASP A 32 -2.97 8.16 -2.26
C ASP A 32 -2.57 7.29 -3.45
N GLU A 33 -1.78 7.87 -4.36
CA GLU A 33 -1.32 7.16 -5.55
C GLU A 33 0.19 7.13 -5.61
N VAL A 34 0.78 5.94 -5.49
CA VAL A 34 2.23 5.78 -5.53
C VAL A 34 2.70 5.53 -6.95
N THR A 35 4.02 5.52 -7.13
CA THR A 35 4.61 5.29 -8.45
C THR A 35 4.86 3.81 -8.68
N GLY A 36 5.58 3.18 -7.75
CA GLY A 36 5.88 1.76 -7.88
C GLY A 36 6.82 1.27 -6.79
N PRO A 37 8.06 1.78 -6.80
CA PRO A 37 9.08 1.40 -5.82
C PRO A 37 8.76 1.92 -4.43
N ASP A 38 9.35 1.30 -3.41
CA ASP A 38 9.14 1.72 -2.03
C ASP A 38 9.59 3.15 -1.82
N ALA A 39 10.58 3.58 -2.60
CA ALA A 39 11.10 4.95 -2.49
C ALA A 39 9.99 5.97 -2.62
N ASP A 40 9.01 5.67 -3.47
CA ASP A 40 7.88 6.57 -3.68
C ASP A 40 6.79 6.34 -2.64
N ARG A 41 6.71 5.12 -2.14
CA ARG A 41 5.72 4.77 -1.14
C ARG A 41 6.09 5.35 0.23
N ALA A 42 7.36 5.26 0.58
CA ALA A 42 7.84 5.78 1.85
C ALA A 42 7.83 7.31 1.86
N ARG A 43 8.08 7.91 0.70
CA ARG A 43 8.10 9.35 0.58
C ARG A 43 6.68 9.91 0.48
N ALA A 44 5.84 9.24 -0.31
CA ALA A 44 4.46 9.66 -0.50
C ALA A 44 3.62 9.32 0.72
N ALA A 45 3.52 8.03 1.03
CA ALA A 45 2.74 7.58 2.17
C ALA A 45 3.13 8.33 3.44
N ALA A 46 4.35 8.86 3.45
CA ALA A 46 4.84 9.61 4.60
C ALA A 46 3.85 10.71 5.01
N VAL A 47 3.70 11.71 4.15
CA VAL A 47 2.78 12.81 4.43
C VAL A 47 1.59 12.78 3.48
N GLN A 48 1.76 12.12 2.35
CA GLN A 48 0.69 12.01 1.36
C GLN A 48 -0.39 11.04 1.82
N ALA A 49 0.01 10.05 2.62
CA ALA A 49 -0.92 9.06 3.13
C ALA A 49 -1.16 9.27 4.63
N VAL A 50 -0.41 10.17 5.22
CA VAL A 50 -0.55 10.46 6.65
C VAL A 50 -1.46 11.66 6.88
N PRO A 51 -2.01 12.21 5.78
CA PRO A 51 -2.91 13.36 5.86
C PRO A 51 -4.27 13.01 6.47
N GLY A 52 -4.59 11.72 6.46
CA GLY A 52 -5.85 11.27 7.03
C GLY A 52 -5.71 10.79 8.45
N GLY A 53 -4.63 10.05 8.73
CA GLY A 53 -4.40 9.53 10.06
C GLY A 53 -3.14 8.69 10.15
N THR A 54 -2.83 7.99 9.06
CA THR A 54 -1.64 7.15 9.01
C THR A 54 -1.04 7.11 7.61
N ALA A 55 0.21 6.66 7.52
CA ALA A 55 0.89 6.57 6.24
C ALA A 55 0.41 5.37 5.44
N GLY A 56 -0.83 5.43 4.97
CA GLY A 56 -1.39 4.33 4.21
C GLY A 56 -1.62 4.71 2.75
N GLU A 57 -0.56 4.63 1.95
CA GLU A 57 -0.65 4.97 0.54
C GLU A 57 -1.03 3.74 -0.29
N VAL A 58 -1.22 3.94 -1.59
CA VAL A 58 -1.60 2.86 -2.49
C VAL A 58 -0.71 2.85 -3.73
N GLU A 59 -0.05 1.73 -3.98
CA GLU A 59 0.83 1.59 -5.13
C GLU A 59 0.06 1.01 -6.32
N THR A 60 0.18 1.68 -7.47
CA THR A 60 -0.50 1.23 -8.68
C THR A 60 0.48 0.50 -9.61
N GLU A 61 0.35 -0.82 -9.65
CA GLU A 61 1.21 -1.64 -10.49
C GLU A 61 0.42 -2.78 -11.15
N THR A 62 0.97 -3.33 -12.22
CA THR A 62 0.32 -4.41 -12.94
C THR A 62 1.28 -5.57 -13.19
N GLY A 63 1.02 -6.70 -12.55
CA GLY A 63 1.87 -7.87 -12.72
C GLY A 63 1.41 -8.76 -13.85
N GLU A 64 2.12 -9.87 -14.05
CA GLU A 64 1.78 -10.81 -15.10
C GLU A 64 0.42 -11.46 -14.83
N GLY A 65 0.02 -11.48 -13.56
CA GLY A 65 -1.25 -12.09 -13.19
C GLY A 65 -2.42 -11.18 -13.52
N ALA A 66 -3.09 -10.68 -12.48
CA ALA A 66 -4.24 -9.80 -12.67
C ALA A 66 -3.93 -8.39 -12.20
N ALA A 67 -4.05 -8.16 -10.90
CA ALA A 67 -3.77 -6.84 -10.32
C ALA A 67 -2.45 -6.83 -9.58
N ALA A 68 -1.91 -5.64 -9.34
CA ALA A 68 -0.65 -5.50 -8.63
C ALA A 68 -0.56 -4.14 -7.95
N TYR A 69 -1.32 -3.99 -6.86
CA TYR A 69 -1.33 -2.73 -6.11
C TYR A 69 -0.80 -2.94 -4.70
N GLY A 70 0.22 -2.16 -4.34
CA GLY A 70 0.80 -2.27 -3.01
C GLY A 70 0.41 -1.12 -2.10
N VAL A 71 -0.41 -1.42 -1.10
CA VAL A 71 -0.86 -0.40 -0.16
C VAL A 71 -0.10 -0.50 1.16
N LEU A 72 0.69 0.52 1.46
CA LEU A 72 1.47 0.55 2.69
C LEU A 72 0.86 1.53 3.70
N VAL A 73 0.70 1.07 4.94
CA VAL A 73 0.14 1.90 5.99
C VAL A 73 0.88 1.70 7.31
N THR A 74 1.46 2.77 7.82
CA THR A 74 2.21 2.72 9.07
C THR A 74 2.57 4.12 9.55
N ARG A 75 3.82 4.29 9.95
CA ARG A 75 4.30 5.59 10.45
C ARG A 75 5.18 6.27 9.41
N PRO A 76 5.07 7.61 9.32
CA PRO A 76 5.85 8.41 8.37
C PRO A 76 7.33 8.46 8.74
N ASP A 77 7.74 7.59 9.66
CA ASP A 77 9.13 7.53 10.08
C ASP A 77 9.94 6.58 9.21
N GLY A 78 9.47 6.38 7.98
CA GLY A 78 10.16 5.50 7.05
C GLY A 78 9.76 4.06 7.22
N THR A 79 9.08 3.75 8.34
CA THR A 79 8.64 2.39 8.62
C THR A 79 7.18 2.20 8.24
N ARG A 80 6.95 1.45 7.17
CA ARG A 80 5.59 1.18 6.70
C ARG A 80 5.45 -0.26 6.24
N VAL A 81 4.20 -0.72 6.12
CA VAL A 81 3.93 -2.08 5.68
C VAL A 81 3.08 -2.09 4.42
N GLU A 82 3.72 -2.39 3.30
CA GLU A 82 3.02 -2.44 2.01
C GLU A 82 2.32 -3.79 1.83
N VAL A 83 1.15 -3.74 1.21
CA VAL A 83 0.37 -4.95 0.96
C VAL A 83 0.16 -5.19 -0.53
N HIS A 84 0.68 -6.31 -1.02
CA HIS A 84 0.54 -6.64 -2.44
C HIS A 84 -0.80 -7.31 -2.71
N LEU A 85 -1.59 -6.68 -3.57
CA LEU A 85 -2.91 -7.20 -3.93
C LEU A 85 -2.95 -7.63 -5.39
N ASP A 86 -3.04 -8.93 -5.63
CA ASP A 86 -3.09 -9.46 -6.98
C ASP A 86 -4.18 -10.53 -7.12
N ARG A 87 -5.16 -10.26 -7.98
CA ARG A 87 -6.26 -11.19 -8.19
C ARG A 87 -5.78 -12.46 -8.89
N ASP A 88 -4.47 -12.56 -9.08
CA ASP A 88 -3.88 -13.72 -9.74
C ASP A 88 -4.09 -14.98 -8.90
N PHE A 89 -4.25 -14.79 -7.60
CA PHE A 89 -4.46 -15.92 -6.70
C PHE A 89 -5.09 -15.45 -5.38
N ARG A 90 -4.24 -15.10 -4.43
CA ARG A 90 -4.69 -14.64 -3.12
C ARG A 90 -3.60 -13.85 -2.41
N VAL A 91 -2.96 -12.95 -3.14
CA VAL A 91 -1.90 -12.12 -2.57
C VAL A 91 -2.42 -10.74 -2.19
N LEU A 92 -2.46 -10.47 -0.90
CA LEU A 92 -2.93 -9.18 -0.40
C LEU A 92 -1.93 -8.57 0.57
N ASP A 93 -0.69 -9.07 0.53
CA ASP A 93 0.37 -8.56 1.40
C ASP A 93 1.69 -8.48 0.65
N THR A 94 2.55 -7.55 1.06
CA THR A 94 3.85 -7.38 0.43
C THR A 94 4.98 -7.53 1.44
N GLU A 95 5.53 -6.40 1.88
CA GLU A 95 6.61 -6.40 2.85
C GLU A 95 6.84 -5.01 3.43
N PRO A 96 7.39 -4.95 4.65
CA PRO A 96 7.66 -3.69 5.34
C PRO A 96 8.78 -2.90 4.69
N ALA A 97 8.70 -1.58 4.77
CA ALA A 97 9.71 -0.71 4.17
C ALA A 97 10.39 0.15 5.25
N ASP A 98 11.55 0.68 4.92
CA ASP A 98 12.31 1.51 5.85
C ASP A 98 12.67 2.85 5.21
N GLY A 99 12.26 3.03 3.96
CA GLY A 99 12.55 4.28 3.27
C GLY A 99 13.88 4.23 2.54
N ASP A 100 14.75 3.32 2.96
CA ASP A 100 16.06 3.18 2.36
C ASP A 100 16.07 2.06 1.32
N GLY A 101 15.06 1.20 1.39
CA GLY A 101 14.97 0.09 0.45
C GLY A 101 14.57 0.54 -0.94
N GLY A 102 13.99 1.73 -1.04
CA GLY A 102 13.58 2.26 -2.32
C GLY A 102 14.75 2.71 -3.17
N ASP A 11 -8.44 -2.16 -1.86
CA ASP A 11 -9.61 -2.99 -2.13
C ASP A 11 -9.85 -3.12 -3.63
N TYR A 12 -9.07 -2.38 -4.42
CA TYR A 12 -9.20 -2.41 -5.86
C TYR A 12 -8.86 -3.79 -6.42
N ASP A 13 -8.11 -4.56 -5.65
CA ASP A 13 -7.72 -5.90 -6.05
C ASP A 13 -8.93 -6.83 -6.10
N ILE A 14 -8.85 -7.94 -5.38
CA ILE A 14 -9.94 -8.90 -5.33
C ILE A 14 -10.89 -8.61 -4.17
N PRO A 15 -12.20 -8.75 -4.43
CA PRO A 15 -13.24 -8.51 -3.43
C PRO A 15 -13.24 -9.57 -2.33
N THR A 16 -12.09 -10.21 -2.14
CA THR A 16 -11.96 -11.25 -1.12
C THR A 16 -10.53 -11.34 -0.60
N THR A 17 -9.89 -10.18 -0.47
CA THR A 17 -8.52 -10.13 0.02
C THR A 17 -8.43 -10.56 1.48
N GLU A 18 -7.30 -10.26 2.11
CA GLU A 18 -7.10 -10.62 3.51
C GLU A 18 -6.75 -9.39 4.34
N ASN A 19 -5.47 -9.06 4.39
CA ASN A 19 -5.01 -7.90 5.16
C ASN A 19 -5.21 -6.61 4.36
N LEU A 20 -5.97 -6.71 3.28
CA LEU A 20 -6.25 -5.55 2.43
C LEU A 20 -7.56 -4.88 2.84
N TYR A 21 -8.53 -5.68 3.23
CA TYR A 21 -9.83 -5.18 3.64
C TYR A 21 -9.76 -4.56 5.04
N PHE A 22 -8.58 -4.64 5.65
CA PHE A 22 -8.38 -4.10 6.99
C PHE A 22 -7.78 -2.69 6.93
N GLN A 23 -6.97 -2.46 5.90
CA GLN A 23 -6.33 -1.15 5.72
C GLN A 23 -7.29 -0.16 5.06
N GLY A 24 -8.19 -0.68 4.23
CA GLY A 24 -9.14 0.18 3.55
C GLY A 24 -9.73 1.24 4.46
N ALA A 25 -9.97 0.87 5.71
CA ALA A 25 -10.53 1.80 6.69
C ALA A 25 -9.62 3.01 6.86
N MET A 26 -8.39 2.77 7.30
CA MET A 26 -7.43 3.85 7.50
C MET A 26 -7.03 4.48 6.18
N ALA A 27 -7.41 3.84 5.07
CA ALA A 27 -7.09 4.34 3.75
C ALA A 27 -8.09 5.42 3.32
N PHE A 28 -9.32 5.31 3.81
CA PHE A 28 -10.36 6.27 3.46
C PHE A 28 -10.13 7.60 4.19
N ASP A 29 -8.88 8.04 4.21
CA ASP A 29 -8.52 9.29 4.87
C ASP A 29 -7.35 9.96 4.16
N GLY A 30 -6.36 9.16 3.79
CA GLY A 30 -5.19 9.70 3.11
C GLY A 30 -4.72 8.80 1.98
N GLU A 31 -5.57 7.85 1.58
CA GLU A 31 -5.23 6.93 0.50
C GLU A 31 -4.93 7.69 -0.78
N ASP A 32 -3.65 7.78 -1.12
CA ASP A 32 -3.23 8.48 -2.33
C ASP A 32 -2.73 7.50 -3.38
N GLU A 33 -2.15 8.03 -4.45
CA GLU A 33 -1.62 7.20 -5.53
C GLU A 33 -0.10 7.23 -5.54
N VAL A 34 0.52 6.06 -5.38
CA VAL A 34 1.97 5.95 -5.38
C VAL A 34 2.51 5.67 -6.79
N THR A 35 3.52 4.82 -6.87
CA THR A 35 4.12 4.47 -8.15
C THR A 35 4.38 2.97 -8.25
N GLY A 36 5.27 2.48 -7.38
CA GLY A 36 5.60 1.06 -7.39
C GLY A 36 6.56 0.69 -6.28
N PRO A 37 7.79 1.22 -6.36
CA PRO A 37 8.83 0.95 -5.36
C PRO A 37 8.53 1.59 -4.02
N ASP A 38 9.27 1.19 -2.99
CA ASP A 38 9.08 1.73 -1.65
C ASP A 38 9.55 3.18 -1.58
N ALA A 39 10.48 3.54 -2.45
CA ALA A 39 11.00 4.90 -2.48
C ALA A 39 9.88 5.92 -2.67
N ASP A 40 8.90 5.57 -3.49
CA ASP A 40 7.77 6.44 -3.75
C ASP A 40 6.70 6.31 -2.67
N ARG A 41 6.57 5.10 -2.13
CA ARG A 41 5.59 4.84 -1.08
C ARG A 41 6.00 5.49 0.23
N ALA A 42 7.29 5.36 0.57
CA ALA A 42 7.82 5.94 1.80
C ALA A 42 7.87 7.46 1.71
N ARG A 43 8.15 7.97 0.52
CA ARG A 43 8.23 9.41 0.30
C ARG A 43 6.84 10.03 0.18
N ALA A 44 5.96 9.33 -0.54
CA ALA A 44 4.59 9.80 -0.73
C ALA A 44 3.74 9.57 0.51
N ALA A 45 3.56 8.30 0.87
CA ALA A 45 2.76 7.94 2.05
C ALA A 45 3.26 8.68 3.28
N ALA A 46 4.50 9.17 3.22
CA ALA A 46 5.09 9.90 4.34
C ALA A 46 4.19 11.05 4.78
N VAL A 47 4.07 12.05 3.92
CA VAL A 47 3.25 13.21 4.23
C VAL A 47 2.07 13.32 3.26
N GLN A 48 2.14 12.56 2.17
CA GLN A 48 1.07 12.57 1.17
C GLN A 48 -0.10 11.70 1.61
N ALA A 49 0.21 10.61 2.32
CA ALA A 49 -0.82 9.70 2.80
C ALA A 49 -1.01 9.83 4.31
N VAL A 50 -0.16 10.65 4.93
CA VAL A 50 -0.23 10.87 6.37
C VAL A 50 -1.08 12.09 6.71
N PRO A 51 -1.49 12.83 5.67
CA PRO A 51 -2.31 14.03 5.83
C PRO A 51 -3.73 13.71 6.29
N GLY A 52 -4.19 12.51 5.96
CA GLY A 52 -5.53 12.10 6.35
C GLY A 52 -5.60 11.65 7.80
N GLY A 53 -4.70 10.75 8.18
CA GLY A 53 -4.68 10.25 9.54
C GLY A 53 -3.46 9.41 9.83
N THR A 54 -2.97 8.69 8.81
CA THR A 54 -1.80 7.84 8.97
C THR A 54 -0.99 7.80 7.68
N ALA A 55 0.32 7.60 7.82
CA ALA A 55 1.21 7.54 6.67
C ALA A 55 1.01 6.24 5.90
N GLY A 56 -0.04 6.19 5.09
CA GLY A 56 -0.32 5.00 4.30
C GLY A 56 -0.92 5.33 2.95
N GLU A 57 -0.10 5.27 1.91
CA GLU A 57 -0.55 5.56 0.56
C GLU A 57 -0.93 4.28 -0.18
N VAL A 58 -1.33 4.42 -1.44
CA VAL A 58 -1.71 3.27 -2.26
C VAL A 58 -1.04 3.31 -3.62
N GLU A 59 -0.23 2.29 -3.90
CA GLU A 59 0.48 2.22 -5.17
C GLU A 59 -0.32 1.41 -6.20
N THR A 60 -0.01 1.61 -7.47
CA THR A 60 -0.70 0.91 -8.54
C THR A 60 0.28 0.33 -9.55
N GLU A 61 0.31 -1.00 -9.65
CA GLU A 61 1.20 -1.67 -10.58
C GLU A 61 0.49 -2.80 -11.31
N THR A 62 1.08 -3.26 -12.41
CA THR A 62 0.50 -4.34 -13.20
C THR A 62 1.39 -5.58 -13.19
N GLY A 63 0.77 -6.74 -13.30
CA GLY A 63 1.51 -7.99 -13.31
C GLY A 63 1.16 -8.88 -14.48
N GLU A 64 1.12 -10.19 -14.23
CA GLU A 64 0.80 -11.15 -15.28
C GLU A 64 -0.71 -11.36 -15.37
N GLY A 65 -1.42 -11.05 -14.29
CA GLY A 65 -2.86 -11.22 -14.26
C GLY A 65 -3.59 -9.91 -14.45
N ALA A 66 -4.31 -9.47 -13.43
CA ALA A 66 -5.07 -8.23 -13.49
C ALA A 66 -4.52 -7.20 -12.51
N ALA A 67 -4.96 -7.28 -11.26
CA ALA A 67 -4.51 -6.35 -10.23
C ALA A 67 -3.11 -6.72 -9.75
N ALA A 68 -2.23 -5.72 -9.67
CA ALA A 68 -0.87 -5.92 -9.22
C ALA A 68 -0.31 -4.67 -8.55
N TYR A 69 -0.95 -4.26 -7.47
CA TYR A 69 -0.52 -3.07 -6.74
C TYR A 69 -0.36 -3.38 -5.25
N GLY A 70 -0.20 -2.33 -4.45
CA GLY A 70 -0.03 -2.51 -3.02
C GLY A 70 -0.40 -1.26 -2.23
N VAL A 71 -0.60 -1.43 -0.93
CA VAL A 71 -0.97 -0.30 -0.07
C VAL A 71 -0.19 -0.34 1.24
N LEU A 72 0.54 0.73 1.52
CA LEU A 72 1.33 0.81 2.74
C LEU A 72 0.74 1.84 3.71
N VAL A 73 0.78 1.53 5.00
CA VAL A 73 0.25 2.42 6.02
C VAL A 73 0.96 2.22 7.35
N THR A 74 1.50 3.31 7.89
CA THR A 74 2.22 3.26 9.15
C THR A 74 2.57 4.65 9.65
N ARG A 75 3.84 4.85 10.01
CA ARG A 75 4.30 6.14 10.49
C ARG A 75 5.08 6.88 9.42
N PRO A 76 4.89 8.20 9.35
CA PRO A 76 5.57 9.06 8.37
C PRO A 76 7.06 9.19 8.66
N ASP A 77 7.58 8.31 9.50
CA ASP A 77 9.00 8.33 9.85
C ASP A 77 9.79 7.38 8.95
N GLY A 78 9.27 7.13 7.76
CA GLY A 78 9.94 6.24 6.83
C GLY A 78 9.62 4.78 7.09
N THR A 79 9.04 4.50 8.24
CA THR A 79 8.69 3.13 8.61
C THR A 79 7.22 2.84 8.33
N ARG A 80 6.97 2.10 7.24
CA ARG A 80 5.61 1.75 6.86
C ARG A 80 5.52 0.29 6.43
N VAL A 81 4.31 -0.24 6.37
CA VAL A 81 4.09 -1.63 5.98
C VAL A 81 3.29 -1.70 4.68
N GLU A 82 3.97 -2.04 3.59
CA GLU A 82 3.33 -2.14 2.29
C GLU A 82 2.78 -3.55 2.07
N VAL A 83 1.59 -3.65 1.49
CA VAL A 83 0.97 -4.93 1.22
C VAL A 83 0.79 -5.16 -0.28
N HIS A 84 0.90 -6.41 -0.70
CA HIS A 84 0.75 -6.76 -2.10
C HIS A 84 -0.66 -7.27 -2.40
N LEU A 85 -1.32 -6.63 -3.35
CA LEU A 85 -2.68 -7.02 -3.73
C LEU A 85 -2.75 -7.45 -5.18
N ASP A 86 -2.80 -8.76 -5.41
CA ASP A 86 -2.87 -9.30 -6.76
C ASP A 86 -3.98 -10.32 -6.89
N ARG A 87 -5.02 -9.98 -7.64
CA ARG A 87 -6.16 -10.87 -7.84
C ARG A 87 -5.77 -12.06 -8.72
N ASP A 88 -4.49 -12.14 -9.08
CA ASP A 88 -4.00 -13.21 -9.91
C ASP A 88 -3.93 -14.52 -9.14
N PHE A 89 -4.04 -14.41 -7.81
CA PHE A 89 -3.98 -15.59 -6.95
C PHE A 89 -4.50 -15.26 -5.55
N ARG A 90 -3.59 -14.96 -4.65
CA ARG A 90 -3.96 -14.62 -3.27
C ARG A 90 -2.96 -13.63 -2.67
N VAL A 91 -2.37 -12.80 -3.53
CA VAL A 91 -1.40 -11.79 -3.09
C VAL A 91 -2.09 -10.65 -2.37
N LEU A 92 -2.12 -10.71 -1.04
CA LEU A 92 -2.75 -9.67 -0.23
C LEU A 92 -1.77 -9.10 0.79
N ASP A 93 -0.49 -9.38 0.59
CA ASP A 93 0.55 -8.89 1.49
C ASP A 93 1.89 -8.80 0.77
N THR A 94 2.78 -7.97 1.31
CA THR A 94 4.10 -7.77 0.72
C THR A 94 5.20 -7.92 1.77
N GLU A 95 5.70 -6.78 2.26
CA GLU A 95 6.75 -6.78 3.26
C GLU A 95 6.79 -5.46 4.01
N PRO A 96 7.45 -5.46 5.18
CA PRO A 96 7.57 -4.26 6.02
C PRO A 96 8.48 -3.20 5.38
N ALA A 97 7.87 -2.16 4.85
CA ALA A 97 8.63 -1.08 4.21
C ALA A 97 9.46 -0.31 5.24
N ASP A 98 10.77 -0.50 5.19
CA ASP A 98 11.67 0.17 6.12
C ASP A 98 12.19 1.48 5.53
N GLY A 99 11.52 1.96 4.48
CA GLY A 99 11.92 3.19 3.84
C GLY A 99 12.99 2.97 2.79
N ASP A 100 13.68 1.83 2.88
CA ASP A 100 14.74 1.50 1.93
C ASP A 100 14.21 0.61 0.82
N GLY A 101 13.46 -0.42 1.20
CA GLY A 101 12.89 -1.34 0.23
C GLY A 101 13.90 -2.40 -0.20
N GLY A 102 14.83 -2.72 0.69
CA GLY A 102 15.84 -3.73 0.38
C GLY A 102 17.21 -3.13 0.15
#